data_5ES8
#
_entry.id   5ES8
#
_cell.length_a   76.550
_cell.length_b   101.050
_cell.length_c   138.740
_cell.angle_alpha   90.000
_cell.angle_beta   91.770
_cell.angle_gamma   90.000
#
_symmetry.space_group_name_H-M   'P 1 21 1'
#
loop_
_entity.id
_entity.type
_entity.pdbx_description
1 polymer 'Linear gramicidin synthetase subunit A'
2 non-polymer '[(3~{R})-4-[[3-[2-[[(2~{S})-2-azanyl-3-methyl-butanoyl]amino]ethylamino]-3-oxidanylidene-propyl]amino]-2,2-dimethyl-3-oxidanyl-4-oxidanylidene-butyl] dihydrogen phosphate'
3 water water
#
_entity_poly.entity_id   1
_entity_poly.type   'polypeptide(L)'
_entity_poly.pdbx_seq_one_letter_code
;MGRILFLTTFMSKGNKVVRYLESLHHEVVICQEKVHAQSANLQEIDWIVSYAYGYILDKEIVSRFRGRIINLHPSLLPWN
KGRDPVFWSVWDETPKGVTIHLIDEHVDTGDILVQEEIAFADEDTLLDCYNKANQAIEELFIREWENIVHGRIAPYRQTA
GGTLHFKADRDFYKNLNMTTVRELLALKRLCAEPKRGEKPIDKTFHQLFEQQVEMTPDHVAVVDRGQSLTYKQLNERANQ
LAHHLRGKGVKPDDQVAIMLDKSLDMIVSILAVMKAGGAYVPIDPDYPGERIAYMLADSSAAILLTNALHEEKANGACDI
IDVHDPDSYSENTNNLPHVNRPDDLVYVMYTSGSTGLAKGVMIEHHNLVNFCEWYRPYFGVTPADKALVYSSFSFDGSAL
DIFTHLLAGAALHIVPSERKYDLDALNDYCNQEGITISYLPTGAAEQFMQMDNQSFRVVITGGDVLKKIERNGTYKLYNG
YGPTECTIMVTMFEVDKPYANIPIGKPIDRTRILILDEALALQPIGVAGELFIVGEGLGRGYLNRPELTAEKFIVHPQTG
ERMYRTGDRARFLPDGNIEFLGRLDNLVKIRGYRIEPGEIEPFLMNHPLIELTTVLAKEQADGRKYLVGYYVAPEEIPHG
ELREWLGNDLPDYMIPTYFVHMKAFPLTANGKVDRRALPDVQADAELLGEDYVAPTDELEQQLAQVWSHVLGIPQMGIDD
HFLERGGDSIKVMQLIHQLKNIGLSLRYDQLFTHPTIRQLKRLLTEQAAAENLYFQ
;
_entity_poly.pdbx_strand_id   A,B
#
loop_
_chem_comp.id
_chem_comp.type
_chem_comp.name
_chem_comp.formula
5S4 peptide-like '[(3~{R})-4-[[3-[2-[[(2~{S})-2-azanyl-3-methyl-butanoyl]amino]ethylamino]-3-oxidanylidene-propyl]amino]-2,2-dimethyl-3-oxidanyl-4-oxidanylidene-butyl] dihydrogen phosphate' 'C16 H33 N4 O8 P'
#
# COMPACT_ATOMS: atom_id res chain seq x y z
N MET A 1 54.07 25.66 27.96
CA MET A 1 53.13 25.22 29.00
C MET A 1 51.66 25.44 28.62
N GLY A 2 50.75 25.00 29.49
CA GLY A 2 49.33 25.14 29.27
C GLY A 2 48.57 23.90 28.81
N ARG A 3 47.31 23.81 29.24
CA ARG A 3 46.46 22.64 28.99
C ARG A 3 45.48 22.88 27.84
N ILE A 4 45.38 21.91 26.94
CA ILE A 4 44.52 22.04 25.77
C ILE A 4 43.47 20.93 25.69
N LEU A 5 42.20 21.32 25.58
CA LEU A 5 41.14 20.34 25.40
C LEU A 5 40.87 20.18 23.91
N PHE A 6 41.13 18.99 23.39
CA PHE A 6 40.94 18.74 21.96
C PHE A 6 39.61 18.04 21.71
N LEU A 7 38.69 18.77 21.10
CA LEU A 7 37.36 18.25 20.83
C LEU A 7 37.24 17.76 19.41
N THR A 8 36.83 16.50 19.26
CA THR A 8 36.56 15.90 17.96
C THR A 8 35.54 14.77 18.10
N THR A 9 34.83 14.46 17.02
CA THR A 9 33.99 13.26 16.99
C THR A 9 34.31 12.40 15.76
N PHE A 10 34.99 12.99 14.78
CA PHE A 10 35.31 12.24 13.56
C PHE A 10 36.82 11.93 13.45
N MET A 11 37.67 12.88 13.86
CA MET A 11 39.12 12.68 13.81
C MET A 11 39.61 11.75 14.92
N SER A 12 40.70 11.03 14.66
CA SER A 12 41.25 10.10 15.65
C SER A 12 41.94 10.84 16.80
N LYS A 13 42.47 10.07 17.74
CA LYS A 13 43.17 10.65 18.88
C LYS A 13 44.65 10.79 18.55
N GLY A 14 45.05 10.24 17.42
CA GLY A 14 46.44 10.26 17.00
C GLY A 14 46.59 11.22 15.84
N ASN A 15 45.69 12.19 15.79
CA ASN A 15 45.76 13.27 14.82
C ASN A 15 47.11 13.98 14.83
N LYS A 16 47.56 14.40 13.65
CA LYS A 16 48.77 15.21 13.53
C LYS A 16 48.68 16.42 14.45
N VAL A 17 47.49 16.97 14.55
CA VAL A 17 47.28 18.15 15.37
C VAL A 17 47.58 17.87 16.84
N VAL A 18 46.99 16.80 17.37
CA VAL A 18 47.14 16.46 18.78
C VAL A 18 48.59 16.12 19.13
N ARG A 19 49.23 15.34 18.26
CA ARG A 19 50.60 14.92 18.51
C ARG A 19 51.54 16.11 18.46
N TYR A 20 51.28 17.03 17.52
CA TYR A 20 52.07 18.23 17.41
C TYR A 20 51.96 19.11 18.65
N LEU A 21 50.75 19.22 19.19
CA LEU A 21 50.53 20.14 20.29
C LEU A 21 51.26 19.70 21.56
N GLU A 22 51.27 18.41 21.85
CA GLU A 22 51.92 17.95 23.06
C GLU A 22 53.42 17.79 22.86
N SER A 23 53.83 17.56 21.61
CA SER A 23 55.24 17.66 21.26
C SER A 23 55.82 18.99 21.75
N LEU A 24 54.98 20.03 21.76
CA LEU A 24 55.37 21.35 22.22
C LEU A 24 55.14 21.50 23.71
N HIS A 25 54.90 20.36 24.37
CA HIS A 25 54.79 20.26 25.83
C HIS A 25 53.52 20.90 26.39
N HIS A 26 52.44 20.78 25.62
CA HIS A 26 51.08 21.03 26.09
C HIS A 26 50.53 19.69 26.55
N GLU A 27 49.85 19.60 27.68
CA GLU A 27 49.10 18.38 27.88
C GLU A 27 47.79 18.53 27.15
N VAL A 28 47.58 17.71 26.12
CA VAL A 28 46.36 17.77 25.33
C VAL A 28 45.38 16.73 25.80
N VAL A 29 44.34 17.17 26.49
CA VAL A 29 43.24 16.29 26.86
C VAL A 29 42.40 16.03 25.63
N ILE A 30 42.23 14.76 25.28
CA ILE A 30 41.44 14.41 24.12
C ILE A 30 40.05 14.03 24.59
N CYS A 31 39.05 14.63 23.94
CA CYS A 31 37.66 14.46 24.31
C CYS A 31 36.79 14.25 23.08
N GLN A 32 36.07 13.12 23.07
CA GLN A 32 35.24 12.74 21.95
C GLN A 32 33.79 12.65 22.39
N GLU A 33 33.50 13.31 23.51
CA GLU A 33 32.18 13.24 24.10
C GLU A 33 31.54 14.62 24.17
N LYS A 34 30.25 14.64 24.46
CA LYS A 34 29.50 15.87 24.72
C LYS A 34 29.94 16.44 26.08
N VAL A 35 30.20 17.74 26.13
CA VAL A 35 30.62 18.39 27.38
C VAL A 35 29.62 19.45 27.84
N HIS A 36 29.50 19.63 29.16
CA HIS A 36 28.68 20.70 29.73
C HIS A 36 29.51 21.54 30.69
N ALA A 37 28.92 22.62 31.21
CA ALA A 37 29.67 23.63 31.94
C ALA A 37 30.40 23.03 33.15
N GLN A 38 29.62 22.41 34.01
CA GLN A 38 30.11 21.86 35.28
C GLN A 38 31.07 20.68 35.10
N SER A 39 31.20 20.15 33.88
CA SER A 39 32.01 18.95 33.60
C SER A 39 33.38 18.98 34.29
N ALA A 40 33.75 17.83 34.85
CA ALA A 40 34.95 17.72 35.68
C ALA A 40 36.28 17.90 34.95
N ASN A 41 36.30 17.70 33.64
CA ASN A 41 37.53 17.87 32.87
C ASN A 41 37.63 19.25 32.23
N LEU A 42 37.07 20.26 32.91
CA LEU A 42 37.03 21.63 32.40
C LEU A 42 37.63 22.68 33.34
N GLN A 43 38.05 22.25 34.53
CA GLN A 43 38.55 23.16 35.57
C GLN A 43 39.91 23.81 35.30
N GLU A 44 40.90 23.01 34.89
CA GLU A 44 42.25 23.50 34.66
C GLU A 44 42.63 23.62 33.19
N ILE A 45 41.67 23.96 32.34
CA ILE A 45 41.94 24.02 30.91
C ILE A 45 42.13 25.44 30.39
N ASP A 46 43.12 25.59 29.51
CA ASP A 46 43.53 26.89 29.00
C ASP A 46 43.08 27.15 27.55
N TRP A 47 43.23 26.15 26.69
CA TRP A 47 42.80 26.24 25.29
C TRP A 47 41.84 25.12 24.91
N ILE A 48 40.78 25.48 24.20
CA ILE A 48 39.94 24.47 23.57
C ILE A 48 40.12 24.49 22.07
N VAL A 49 40.55 23.37 21.51
CA VAL A 49 40.72 23.27 20.08
C VAL A 49 39.78 22.22 19.53
N SER A 50 38.79 22.64 18.75
CA SER A 50 37.80 21.72 18.25
C SER A 50 38.03 21.50 16.76
N TYR A 51 38.08 20.24 16.39
CA TYR A 51 38.28 19.80 15.03
C TYR A 51 37.23 18.73 14.72
N ALA A 52 36.29 19.03 13.82
CA ALA A 52 35.23 18.10 13.45
C ALA A 52 34.46 17.57 14.66
N TYR A 53 34.05 18.50 15.51
CA TYR A 53 33.29 18.17 16.71
C TYR A 53 31.80 18.16 16.36
N GLY A 54 31.14 17.04 16.57
CA GLY A 54 29.76 16.88 16.17
C GLY A 54 28.71 17.46 17.10
N TYR A 55 29.10 18.25 18.09
CA TYR A 55 28.10 18.89 18.95
C TYR A 55 28.33 20.39 19.03
N ILE A 56 27.29 21.10 19.47
CA ILE A 56 27.45 22.49 19.81
C ILE A 56 27.69 22.63 21.32
N LEU A 57 28.70 23.40 21.68
CA LEU A 57 28.99 23.64 23.08
C LEU A 57 27.98 24.63 23.61
N ASP A 58 27.44 24.37 24.80
CA ASP A 58 26.49 25.32 25.38
C ASP A 58 27.23 26.60 25.67
N LYS A 59 26.52 27.70 25.50
CA LYS A 59 27.11 29.02 25.47
C LYS A 59 27.87 29.38 26.75
N GLU A 60 27.44 28.83 27.88
CA GLU A 60 28.14 29.00 29.15
C GLU A 60 29.63 28.69 29.02
N ILE A 61 29.94 27.63 28.27
CA ILE A 61 31.33 27.24 28.03
C ILE A 61 32.03 28.19 27.05
N VAL A 62 31.38 28.49 25.93
CA VAL A 62 31.99 29.34 24.91
C VAL A 62 32.17 30.76 25.45
N SER A 63 31.35 31.12 26.42
CA SER A 63 31.44 32.42 27.08
C SER A 63 32.52 32.43 28.17
N ARG A 64 32.71 31.30 28.83
CA ARG A 64 33.74 31.16 29.84
C ARG A 64 35.12 31.11 29.18
N PHE A 65 35.14 30.71 27.92
CA PHE A 65 36.41 30.60 27.19
C PHE A 65 36.53 31.56 26.01
N ARG A 66 35.83 32.69 26.07
CA ARG A 66 35.93 33.70 25.03
C ARG A 66 37.37 33.93 24.59
N GLY A 67 37.57 33.84 23.28
CA GLY A 67 38.86 34.06 22.66
C GLY A 67 39.84 32.91 22.79
N ARG A 68 39.46 31.86 23.51
CA ARG A 68 40.41 30.78 23.74
C ARG A 68 39.90 29.45 23.20
N ILE A 69 38.77 29.51 22.51
CA ILE A 69 38.28 28.32 21.84
C ILE A 69 38.36 28.47 20.31
N ILE A 70 39.28 27.72 19.70
CA ILE A 70 39.48 27.79 18.26
C ILE A 70 38.97 26.52 17.58
N ASN A 71 38.35 26.70 16.41
CA ASN A 71 37.84 25.58 15.65
C ASN A 71 38.46 25.40 14.27
N LEU A 72 38.68 24.15 13.87
CA LEU A 72 39.22 23.85 12.55
C LEU A 72 38.14 23.38 11.60
N HIS A 73 37.76 24.25 10.67
CA HIS A 73 36.69 23.95 9.73
C HIS A 73 37.19 23.91 8.29
N PRO A 74 37.20 22.72 7.68
CA PRO A 74 37.75 22.56 6.32
C PRO A 74 36.84 23.15 5.22
N SER A 75 36.72 24.47 5.22
CA SER A 75 35.88 25.20 4.27
C SER A 75 36.37 26.65 4.19
N LEU A 76 36.19 27.34 3.06
CA LEU A 76 36.46 28.79 3.07
C LEU A 76 35.31 29.34 3.87
N LEU A 77 35.59 29.67 5.11
CA LEU A 77 34.55 29.68 6.15
C LEU A 77 33.31 30.48 5.92
N PRO A 78 33.38 31.61 5.17
CA PRO A 78 32.04 32.16 4.91
C PRO A 78 31.16 31.10 4.22
N TRP A 79 31.75 30.34 3.31
CA TRP A 79 31.01 29.32 2.59
C TRP A 79 31.03 28.02 3.34
N ASN A 80 29.94 27.27 3.21
CA ASN A 80 29.86 25.91 3.73
C ASN A 80 30.12 25.82 5.22
N LYS A 81 29.42 26.65 5.98
CA LYS A 81 29.35 26.48 7.42
C LYS A 81 28.59 25.19 7.66
N GLY A 82 28.83 24.57 8.81
CA GLY A 82 28.08 23.39 9.18
C GLY A 82 28.63 22.12 8.58
N ARG A 83 27.74 21.15 8.38
CA ARG A 83 28.11 19.78 8.00
C ARG A 83 28.49 19.59 6.55
N ASP A 84 29.34 18.58 6.32
CA ASP A 84 29.80 18.21 4.99
C ASP A 84 30.26 19.39 4.16
N PRO A 85 31.15 20.23 4.73
CA PRO A 85 31.52 21.46 4.04
C PRO A 85 32.16 21.20 2.70
N VAL A 86 33.02 20.18 2.63
CA VAL A 86 33.75 19.91 1.39
C VAL A 86 32.79 19.42 0.31
N PHE A 87 31.86 18.57 0.69
CA PHE A 87 30.89 18.08 -0.27
C PHE A 87 30.11 19.26 -0.85
N TRP A 88 29.61 20.13 0.01
CA TRP A 88 28.84 21.27 -0.45
C TRP A 88 29.65 22.28 -1.22
N SER A 89 30.94 22.40 -0.89
CA SER A 89 31.80 23.27 -1.67
C SER A 89 31.79 22.82 -3.15
N VAL A 90 31.82 21.51 -3.37
CA VAL A 90 31.86 20.96 -4.71
C VAL A 90 30.52 21.07 -5.42
N TRP A 91 29.48 20.56 -4.77
CA TRP A 91 28.15 20.57 -5.34
C TRP A 91 27.69 21.98 -5.66
N ASP A 92 27.70 22.85 -4.65
CA ASP A 92 27.26 24.23 -4.88
C ASP A 92 28.31 25.06 -5.58
N GLU A 93 29.42 24.43 -5.97
CA GLU A 93 30.48 25.10 -6.73
C GLU A 93 30.91 26.42 -6.09
N THR A 94 31.17 26.38 -4.78
CA THR A 94 31.59 27.56 -4.03
C THR A 94 33.11 27.68 -4.04
N PRO A 95 33.64 28.85 -3.60
CA PRO A 95 35.09 28.88 -3.40
C PRO A 95 35.55 27.80 -2.40
N LYS A 96 36.75 27.27 -2.61
CA LYS A 96 37.28 26.19 -1.79
C LYS A 96 38.40 26.67 -0.87
N GLY A 97 38.50 26.10 0.33
CA GLY A 97 39.57 26.40 1.27
C GLY A 97 39.38 25.77 2.64
N VAL A 98 40.22 26.18 3.61
CA VAL A 98 40.11 25.73 4.99
C VAL A 98 40.25 26.93 5.92
N THR A 99 39.58 26.88 7.06
CA THR A 99 39.59 28.02 7.95
C THR A 99 39.76 27.64 9.40
N ILE A 100 40.73 28.29 10.05
CA ILE A 100 40.85 28.21 11.50
C ILE A 100 40.23 29.46 12.08
N HIS A 101 39.25 29.30 12.96
CA HIS A 101 38.45 30.44 13.38
C HIS A 101 38.04 30.30 14.82
N LEU A 102 37.58 31.41 15.40
CA LEU A 102 37.14 31.42 16.79
C LEU A 102 35.69 30.95 16.88
N ILE A 103 35.38 30.17 17.91
CA ILE A 103 34.02 29.68 18.13
C ILE A 103 33.17 30.77 18.78
N ASP A 104 31.94 30.87 18.31
CA ASP A 104 30.95 31.83 18.79
C ASP A 104 29.68 31.10 19.16
N GLU A 105 28.64 31.87 19.47
CA GLU A 105 27.34 31.31 19.84
C GLU A 105 26.68 30.48 18.74
N HIS A 106 26.83 30.93 17.49
CA HIS A 106 26.23 30.26 16.33
C HIS A 106 27.19 29.31 15.60
N VAL A 107 26.66 28.62 14.59
CA VAL A 107 27.42 27.58 13.90
C VAL A 107 28.43 28.17 12.92
N ASP A 108 29.68 28.19 13.34
CA ASP A 108 30.81 28.58 12.49
C ASP A 108 30.72 30.03 12.00
N THR A 109 30.18 30.94 12.79
CA THR A 109 30.09 32.31 12.30
C THR A 109 31.15 33.22 12.91
N GLY A 110 32.02 32.66 13.74
CA GLY A 110 33.03 33.45 14.45
C GLY A 110 34.19 33.92 13.59
N ASP A 111 34.95 34.89 14.11
CA ASP A 111 36.01 35.54 13.34
C ASP A 111 37.15 34.62 12.92
N ILE A 112 37.71 34.90 11.76
CA ILE A 112 38.76 34.08 11.19
C ILE A 112 40.12 34.41 11.79
N LEU A 113 40.86 33.36 12.15
CA LEU A 113 42.23 33.54 12.61
C LEU A 113 43.15 33.32 11.42
N VAL A 114 43.06 32.15 10.81
CA VAL A 114 43.81 31.90 9.59
C VAL A 114 42.94 31.17 8.58
N GLN A 115 43.05 31.57 7.32
CA GLN A 115 42.28 30.99 6.22
C GLN A 115 43.13 30.94 4.94
N GLU A 116 42.99 29.87 4.17
CA GLU A 116 43.78 29.72 2.95
C GLU A 116 43.04 28.89 1.91
N GLU A 117 43.10 29.35 0.66
CA GLU A 117 42.39 28.70 -0.43
C GLU A 117 43.07 27.40 -0.85
N ILE A 118 42.25 26.39 -1.18
CA ILE A 118 42.74 25.11 -1.69
C ILE A 118 41.99 24.75 -2.98
N ALA A 119 42.57 23.85 -3.78
CA ALA A 119 41.98 23.47 -5.05
C ALA A 119 41.72 21.96 -5.18
N PHE A 120 40.61 21.61 -5.82
CA PHE A 120 40.32 20.21 -6.12
C PHE A 120 40.46 19.96 -7.59
N ALA A 121 40.77 18.72 -7.95
CA ALA A 121 40.90 18.35 -9.35
C ALA A 121 39.65 17.62 -9.81
N ASP A 122 39.34 17.72 -11.10
CA ASP A 122 38.15 17.09 -11.69
C ASP A 122 38.11 15.59 -11.40
N GLU A 123 39.29 14.98 -11.29
CA GLU A 123 39.42 13.55 -11.14
C GLU A 123 39.55 13.11 -9.68
N ASP A 124 39.63 14.05 -8.75
CA ASP A 124 39.60 13.71 -7.32
C ASP A 124 38.21 13.19 -6.97
N THR A 125 38.14 12.14 -6.14
CA THR A 125 36.85 11.68 -5.63
C THR A 125 36.45 12.53 -4.44
N LEU A 126 35.18 12.42 -4.04
CA LEU A 126 34.69 13.19 -2.90
C LEU A 126 35.45 12.86 -1.63
N LEU A 127 35.85 11.61 -1.48
CA LEU A 127 36.66 11.22 -0.33
C LEU A 127 38.05 11.82 -0.43
N ASP A 128 38.61 11.86 -1.63
CA ASP A 128 39.92 12.47 -1.88
C ASP A 128 39.94 13.93 -1.45
N CYS A 129 38.91 14.65 -1.86
CA CYS A 129 38.75 16.05 -1.51
C CYS A 129 38.71 16.25 0.02
N TYR A 130 37.90 15.42 0.67
CA TYR A 130 37.76 15.44 2.12
C TYR A 130 39.10 15.29 2.84
N ASN A 131 39.91 14.35 2.38
CA ASN A 131 41.23 14.13 2.94
C ASN A 131 42.22 15.23 2.63
N LYS A 132 42.23 15.68 1.38
CA LYS A 132 43.15 16.73 0.98
C LYS A 132 42.85 17.97 1.80
N ALA A 133 41.56 18.22 2.03
CA ALA A 133 41.13 19.37 2.82
C ALA A 133 41.60 19.25 4.26
N ASN A 134 41.39 18.09 4.86
CA ASN A 134 41.85 17.84 6.21
C ASN A 134 43.37 17.99 6.37
N GLN A 135 44.11 17.41 5.43
CA GLN A 135 45.56 17.51 5.42
C GLN A 135 45.99 18.97 5.40
N ALA A 136 45.39 19.74 4.49
CA ALA A 136 45.66 21.16 4.35
C ALA A 136 45.42 21.94 5.65
N ILE A 137 44.29 21.72 6.31
CA ILE A 137 43.94 22.51 7.48
C ILE A 137 44.78 22.10 8.68
N GLU A 138 45.22 20.85 8.71
CA GLU A 138 46.03 20.38 9.83
C GLU A 138 47.39 21.02 9.76
N GLU A 139 47.98 21.05 8.56
CA GLU A 139 49.25 21.72 8.37
C GLU A 139 49.17 23.23 8.60
N LEU A 140 48.08 23.84 8.16
CA LEU A 140 47.88 25.26 8.45
C LEU A 140 47.87 25.52 9.94
N PHE A 141 47.18 24.66 10.68
CA PHE A 141 47.14 24.76 12.13
C PHE A 141 48.52 24.63 12.77
N ILE A 142 49.32 23.70 12.24
CA ILE A 142 50.62 23.43 12.82
C ILE A 142 51.58 24.59 12.60
N ARG A 143 51.51 25.19 11.41
CA ARG A 143 52.32 26.36 11.09
C ARG A 143 51.97 27.60 11.91
N GLU A 144 50.67 27.85 12.08
CA GLU A 144 50.23 29.09 12.70
C GLU A 144 49.83 29.00 14.18
N TRP A 145 49.99 27.84 14.80
CA TRP A 145 49.57 27.69 16.19
C TRP A 145 50.34 28.62 17.14
N GLU A 146 51.63 28.77 16.88
CA GLU A 146 52.48 29.61 17.70
C GLU A 146 51.97 31.05 17.70
N ASN A 147 51.54 31.52 16.55
CA ASN A 147 50.96 32.85 16.46
C ASN A 147 49.64 32.96 17.25
N ILE A 148 48.86 31.89 17.23
CA ILE A 148 47.56 31.89 17.86
C ILE A 148 47.66 31.86 19.37
N VAL A 149 48.56 31.01 19.89
CA VAL A 149 48.73 30.90 21.34
C VAL A 149 49.27 32.20 21.94
N HIS A 150 50.12 32.91 21.19
CA HIS A 150 50.66 34.19 21.65
C HIS A 150 49.70 35.34 21.38
N GLY A 151 48.61 35.03 20.69
CA GLY A 151 47.52 35.96 20.51
C GLY A 151 47.94 37.09 19.61
N ARG A 152 48.89 36.83 18.72
CA ARG A 152 49.43 37.89 17.90
C ARG A 152 48.74 37.99 16.54
N ILE A 153 47.76 37.12 16.30
CA ILE A 153 46.98 37.18 15.08
C ILE A 153 45.73 38.02 15.29
N ALA A 154 45.51 38.97 14.38
CA ALA A 154 44.31 39.79 14.39
C ALA A 154 43.13 39.07 13.76
N PRO A 155 42.11 38.75 14.56
CA PRO A 155 40.91 38.11 14.00
C PRO A 155 40.14 39.06 13.10
N TYR A 156 39.67 38.55 11.97
CA TYR A 156 38.80 39.32 11.11
C TYR A 156 37.46 38.62 10.90
N ARG A 157 36.42 39.44 10.80
CA ARG A 157 35.09 38.95 10.56
C ARG A 157 34.98 38.25 9.22
N GLN A 158 34.18 37.19 9.16
CA GLN A 158 33.89 36.57 7.87
C GLN A 158 33.11 37.56 7.02
N THR A 159 33.37 37.57 5.71
CA THR A 159 32.54 38.38 4.81
C THR A 159 31.10 37.92 4.96
N ALA A 160 30.17 38.86 4.90
CA ALA A 160 28.76 38.53 5.06
C ALA A 160 28.34 37.58 3.95
N GLY A 161 27.29 36.80 4.21
CA GLY A 161 26.80 35.80 3.26
C GLY A 161 27.36 34.42 3.51
N GLY A 162 27.40 33.59 2.47
CA GLY A 162 27.90 32.23 2.59
C GLY A 162 26.73 31.26 2.71
N THR A 163 27.01 29.97 2.91
CA THR A 163 25.95 28.97 3.00
C THR A 163 26.10 28.12 4.26
N LEU A 164 25.04 27.39 4.62
CA LEU A 164 25.01 26.59 5.83
C LEU A 164 24.25 25.29 5.60
N HIS A 165 24.81 24.18 6.06
CA HIS A 165 24.17 22.89 5.87
C HIS A 165 24.09 22.06 7.14
N PHE A 166 22.97 21.35 7.31
CA PHE A 166 22.80 20.49 8.47
C PHE A 166 23.00 19.06 8.04
N LYS A 167 23.04 18.15 9.02
CA LYS A 167 23.37 16.76 8.75
C LYS A 167 22.51 16.18 7.62
N ALA A 168 21.21 16.45 7.66
CA ALA A 168 20.25 15.79 6.78
C ALA A 168 20.26 16.31 5.35
N ASP A 169 20.81 17.51 5.14
CA ASP A 169 20.80 18.11 3.82
C ASP A 169 21.46 17.19 2.78
N ARG A 170 22.31 16.28 3.24
CA ARG A 170 23.07 15.43 2.34
C ARG A 170 22.42 14.06 2.12
N ASP A 171 21.25 13.84 2.70
CA ASP A 171 20.56 12.54 2.58
C ASP A 171 20.32 12.12 1.13
N PHE A 172 19.68 13.01 0.38
CA PHE A 172 19.45 12.83 -1.04
C PHE A 172 20.72 12.43 -1.79
N TYR A 173 21.88 12.88 -1.30
CA TYR A 173 23.12 12.68 -2.03
C TYR A 173 24.00 11.56 -1.46
N LYS A 174 23.41 10.72 -0.62
CA LYS A 174 24.15 9.71 0.13
C LYS A 174 24.87 8.68 -0.72
N ASN A 175 24.48 8.54 -1.98
CA ASN A 175 25.08 7.53 -2.84
C ASN A 175 26.23 8.09 -3.65
N LEU A 176 26.59 9.33 -3.38
CA LEU A 176 27.57 10.05 -4.18
C LEU A 176 28.94 10.12 -3.50
N ASN A 177 29.08 9.46 -2.34
CA ASN A 177 30.30 9.58 -1.54
C ASN A 177 31.56 9.21 -2.32
N MET A 178 31.46 8.24 -3.23
CA MET A 178 32.64 7.76 -3.96
C MET A 178 32.77 8.39 -5.33
N THR A 179 31.87 9.31 -5.66
CA THR A 179 31.93 9.98 -6.94
C THR A 179 33.09 10.98 -7.03
N THR A 180 33.53 11.25 -8.26
CA THR A 180 34.56 12.25 -8.51
C THR A 180 33.92 13.61 -8.75
N VAL A 181 34.75 14.65 -8.77
CA VAL A 181 34.26 16.01 -9.01
C VAL A 181 33.60 16.13 -10.38
N ARG A 182 34.20 15.54 -11.40
CA ARG A 182 33.65 15.61 -12.75
C ARG A 182 32.28 14.96 -12.81
N GLU A 183 32.20 13.72 -12.30
CA GLU A 183 30.96 12.95 -12.32
C GLU A 183 29.87 13.60 -11.49
N LEU A 184 30.25 14.28 -10.42
CA LEU A 184 29.27 14.83 -9.50
C LEU A 184 28.62 16.07 -10.10
N LEU A 185 29.43 16.93 -10.72
CA LEU A 185 28.91 18.13 -11.39
C LEU A 185 28.16 17.74 -12.66
N ALA A 186 28.64 16.70 -13.34
CA ALA A 186 27.94 16.19 -14.50
C ALA A 186 26.54 15.74 -14.11
N LEU A 187 26.48 14.94 -13.04
CA LEU A 187 25.23 14.50 -12.44
C LEU A 187 24.37 15.68 -12.05
N LYS A 188 25.02 16.74 -11.57
CA LYS A 188 24.32 17.95 -11.18
C LYS A 188 23.70 18.61 -12.39
N ARG A 189 24.48 18.75 -13.46
CA ARG A 189 24.01 19.41 -14.67
C ARG A 189 22.82 18.69 -15.28
N LEU A 190 22.81 17.37 -15.18
CA LEU A 190 21.72 16.58 -15.75
C LEU A 190 20.45 16.73 -14.94
N CYS A 191 20.59 16.89 -13.62
CA CYS A 191 19.41 16.92 -12.78
C CYS A 191 19.20 18.26 -12.11
N ALA A 192 20.05 19.24 -12.44
CA ALA A 192 19.96 20.57 -11.83
C ALA A 192 18.60 21.19 -12.04
N GLU A 193 17.96 21.55 -10.93
CA GLU A 193 16.67 22.22 -10.95
C GLU A 193 16.86 23.46 -11.82
N PRO A 194 15.89 23.77 -12.67
CA PRO A 194 16.11 24.94 -13.51
C PRO A 194 16.13 26.18 -12.63
N LYS A 195 16.77 27.25 -13.07
CA LYS A 195 16.70 28.49 -12.29
C LYS A 195 15.32 29.12 -12.42
N ARG A 196 14.91 29.80 -11.36
CA ARG A 196 13.65 30.54 -11.35
C ARG A 196 13.57 31.51 -12.53
N GLY A 197 12.36 31.75 -13.00
CA GLY A 197 12.15 32.64 -14.13
C GLY A 197 11.85 31.85 -15.39
N GLU A 198 11.76 30.54 -15.26
CA GLU A 198 11.44 29.68 -16.39
C GLU A 198 10.00 30.02 -16.76
N LYS A 199 9.70 30.07 -18.05
CA LYS A 199 8.37 30.51 -18.46
C LYS A 199 7.34 29.40 -18.37
N PRO A 200 6.22 29.66 -17.66
CA PRO A 200 5.08 28.75 -17.56
C PRO A 200 4.22 28.75 -18.83
N ILE A 201 3.40 27.70 -19.00
CA ILE A 201 2.48 27.59 -20.13
C ILE A 201 1.31 28.53 -19.87
N ASP A 202 1.12 29.54 -20.72
CA ASP A 202 0.03 30.49 -20.50
C ASP A 202 -1.25 30.24 -21.30
N LYS A 203 -1.36 29.11 -21.99
CA LYS A 203 -2.54 28.88 -22.84
C LYS A 203 -2.98 27.42 -22.92
N THR A 204 -4.25 27.20 -23.26
CA THR A 204 -4.80 25.84 -23.41
C THR A 204 -4.65 25.40 -24.85
N PHE A 205 -4.79 24.10 -25.09
CA PHE A 205 -4.65 23.58 -26.44
C PHE A 205 -5.55 24.23 -27.48
N HIS A 206 -6.85 24.29 -27.20
CA HIS A 206 -7.79 24.72 -28.22
C HIS A 206 -7.62 26.20 -28.47
N GLN A 207 -7.08 26.88 -27.48
CA GLN A 207 -6.72 28.28 -27.59
C GLN A 207 -5.60 28.51 -28.61
N LEU A 208 -4.56 27.68 -28.56
CA LEU A 208 -3.44 27.80 -29.51
C LEU A 208 -3.86 27.40 -30.91
N PHE A 209 -4.77 26.42 -30.99
CA PHE A 209 -5.27 25.93 -32.26
C PHE A 209 -6.02 27.03 -33.00
N GLU A 210 -6.86 27.75 -32.26
CA GLU A 210 -7.62 28.84 -32.85
C GLU A 210 -6.68 29.87 -33.43
N GLN A 211 -5.56 30.08 -32.76
CA GLN A 211 -4.56 30.98 -33.30
C GLN A 211 -4.02 30.42 -34.61
N GLN A 212 -3.70 29.12 -34.61
CA GLN A 212 -3.15 28.48 -35.81
C GLN A 212 -4.09 28.60 -37.01
N VAL A 213 -5.39 28.51 -36.73
CA VAL A 213 -6.41 28.67 -37.75
C VAL A 213 -6.41 30.10 -38.31
N GLU A 214 -6.28 31.10 -37.44
CA GLU A 214 -6.32 32.49 -37.87
C GLU A 214 -5.22 32.78 -38.87
N MET A 215 -4.09 32.11 -38.72
CA MET A 215 -2.93 32.36 -39.55
C MET A 215 -2.97 31.58 -40.86
N THR A 216 -3.47 30.35 -40.80
CA THR A 216 -3.52 29.52 -42.02
C THR A 216 -4.87 28.83 -42.20
N PRO A 217 -5.94 29.63 -42.38
CA PRO A 217 -7.30 29.07 -42.33
C PRO A 217 -7.64 28.20 -43.53
N ASP A 218 -7.00 28.46 -44.67
CA ASP A 218 -7.39 27.78 -45.90
C ASP A 218 -6.44 26.64 -46.23
N HIS A 219 -5.47 26.39 -45.37
CA HIS A 219 -4.64 25.20 -45.49
C HIS A 219 -5.44 23.98 -45.03
N VAL A 220 -5.15 22.83 -45.62
CA VAL A 220 -5.86 21.62 -45.25
C VAL A 220 -5.50 21.13 -43.85
N ALA A 221 -6.50 21.00 -42.99
CA ALA A 221 -6.25 20.54 -41.63
C ALA A 221 -6.28 19.01 -41.58
N VAL A 222 -7.34 18.40 -42.11
CA VAL A 222 -7.48 16.95 -42.02
C VAL A 222 -8.06 16.31 -43.29
N VAL A 223 -7.49 15.15 -43.65
CA VAL A 223 -7.91 14.44 -44.85
C VAL A 223 -8.33 13.01 -44.53
N ASP A 224 -9.49 12.62 -45.04
CA ASP A 224 -9.93 11.23 -44.91
C ASP A 224 -10.39 10.75 -46.27
N ARG A 225 -9.63 9.82 -46.86
CA ARG A 225 -9.93 9.32 -48.20
C ARG A 225 -9.95 10.49 -49.19
N GLY A 226 -11.08 10.72 -49.83
CA GLY A 226 -11.14 11.87 -50.73
C GLY A 226 -11.57 13.16 -50.07
N GLN A 227 -12.24 13.06 -48.92
CA GLN A 227 -12.77 14.25 -48.25
C GLN A 227 -11.73 14.93 -47.37
N SER A 228 -11.81 16.25 -47.27
CA SER A 228 -10.86 17.01 -46.47
C SER A 228 -11.47 18.25 -45.88
N LEU A 229 -10.89 18.73 -44.78
CA LEU A 229 -11.33 19.97 -44.18
C LEU A 229 -10.15 20.94 -43.94
N THR A 230 -10.37 22.20 -44.30
CA THR A 230 -9.41 23.26 -44.01
C THR A 230 -9.42 23.62 -42.53
N TYR A 231 -8.41 24.36 -42.08
CA TYR A 231 -8.36 24.78 -40.68
C TYR A 231 -9.60 25.59 -40.31
N LYS A 232 -10.00 26.50 -41.21
CA LYS A 232 -11.20 27.30 -41.02
C LYS A 232 -12.44 26.41 -40.99
N GLN A 233 -12.52 25.47 -41.94
CA GLN A 233 -13.65 24.55 -41.99
C GLN A 233 -13.73 23.68 -40.75
N LEU A 234 -12.59 23.09 -40.36
CA LEU A 234 -12.52 22.24 -39.17
C LEU A 234 -12.85 23.01 -37.89
N ASN A 235 -12.31 24.22 -37.76
CA ASN A 235 -12.56 25.06 -36.59
C ASN A 235 -14.03 25.37 -36.44
N GLU A 236 -14.66 25.76 -37.54
CA GLU A 236 -16.07 26.13 -37.54
C GLU A 236 -16.98 24.96 -37.17
N ARG A 237 -16.73 23.80 -37.77
CA ARG A 237 -17.57 22.64 -37.49
C ARG A 237 -17.48 22.24 -36.03
N ALA A 238 -16.26 22.18 -35.51
CA ALA A 238 -16.06 21.84 -34.11
C ALA A 238 -16.77 22.84 -33.23
N ASN A 239 -16.75 24.10 -33.64
CA ASN A 239 -17.38 25.16 -32.88
C ASN A 239 -18.85 24.91 -32.75
N GLN A 240 -19.47 24.55 -33.87
CA GLN A 240 -20.89 24.27 -33.90
C GLN A 240 -21.23 23.16 -32.92
N LEU A 241 -20.46 22.08 -32.98
CA LEU A 241 -20.67 20.94 -32.09
C LEU A 241 -20.36 21.33 -30.66
N ALA A 242 -19.38 22.22 -30.48
CA ALA A 242 -18.97 22.65 -29.15
C ALA A 242 -20.07 23.43 -28.46
N HIS A 243 -20.72 24.33 -29.21
CA HIS A 243 -21.81 25.12 -28.66
C HIS A 243 -22.92 24.23 -28.11
N HIS A 244 -23.27 23.20 -28.88
CA HIS A 244 -24.28 22.26 -28.45
C HIS A 244 -23.85 21.54 -27.18
N LEU A 245 -22.58 21.14 -27.14
CA LEU A 245 -22.04 20.44 -25.97
C LEU A 245 -22.13 21.31 -24.73
N ARG A 246 -21.72 22.56 -24.86
CA ARG A 246 -21.80 23.48 -23.74
C ARG A 246 -23.25 23.74 -23.39
N GLY A 247 -24.11 23.73 -24.41
CA GLY A 247 -25.54 23.90 -24.22
C GLY A 247 -26.16 22.77 -23.42
N LYS A 248 -25.57 21.58 -23.51
CA LYS A 248 -26.06 20.45 -22.76
C LYS A 248 -25.41 20.38 -21.38
N GLY A 249 -24.59 21.37 -21.05
CA GLY A 249 -24.08 21.50 -19.70
C GLY A 249 -22.63 21.10 -19.48
N VAL A 250 -21.91 20.86 -20.57
CA VAL A 250 -20.48 20.56 -20.45
C VAL A 250 -19.72 21.74 -19.84
N LYS A 251 -18.94 21.44 -18.80
CA LYS A 251 -18.17 22.43 -18.09
C LYS A 251 -16.70 22.00 -18.00
N PRO A 252 -15.79 22.92 -17.62
CA PRO A 252 -14.40 22.48 -17.50
C PRO A 252 -14.24 21.34 -16.52
N ASP A 253 -13.35 20.42 -16.88
CA ASP A 253 -13.01 19.21 -16.12
C ASP A 253 -14.12 18.16 -16.19
N ASP A 254 -15.13 18.39 -17.04
CA ASP A 254 -16.17 17.38 -17.27
C ASP A 254 -15.70 16.34 -18.30
N GLN A 255 -15.95 15.07 -18.00
CA GLN A 255 -15.63 14.02 -18.95
C GLN A 255 -16.75 13.88 -19.99
N VAL A 256 -16.35 13.89 -21.26
CA VAL A 256 -17.29 13.62 -22.34
C VAL A 256 -16.74 12.45 -23.14
N ALA A 257 -17.50 11.35 -23.20
CA ALA A 257 -17.02 10.18 -23.91
C ALA A 257 -17.27 10.29 -25.42
N ILE A 258 -16.35 9.75 -26.20
CA ILE A 258 -16.49 9.75 -27.65
C ILE A 258 -16.27 8.35 -28.18
N MET A 259 -17.30 7.80 -28.85
CA MET A 259 -17.26 6.46 -29.42
C MET A 259 -17.43 6.48 -30.92
N LEU A 260 -16.30 6.51 -31.63
CA LEU A 260 -16.31 6.65 -33.09
C LEU A 260 -15.13 5.90 -33.72
N ASP A 261 -15.27 5.57 -34.99
CA ASP A 261 -14.16 5.04 -35.77
C ASP A 261 -13.40 6.21 -36.35
N LYS A 262 -12.16 6.00 -36.76
CA LYS A 262 -11.37 7.07 -37.40
C LYS A 262 -12.07 7.75 -38.56
N SER A 263 -12.16 9.08 -38.47
CA SER A 263 -12.92 9.86 -39.42
C SER A 263 -12.73 11.35 -39.19
N LEU A 264 -13.20 12.14 -40.13
CA LEU A 264 -13.28 13.57 -39.95
C LEU A 264 -14.11 13.89 -38.72
N ASP A 265 -15.22 13.17 -38.56
CA ASP A 265 -16.12 13.36 -37.43
C ASP A 265 -15.39 13.21 -36.11
N MET A 266 -14.35 12.38 -36.09
CA MET A 266 -13.59 12.16 -34.86
C MET A 266 -12.78 13.39 -34.47
N ILE A 267 -12.08 13.97 -35.43
CA ILE A 267 -11.29 15.17 -35.16
C ILE A 267 -12.24 16.28 -34.74
N VAL A 268 -13.36 16.38 -35.45
CA VAL A 268 -14.34 17.42 -35.17
C VAL A 268 -14.88 17.31 -33.74
N SER A 269 -15.18 16.10 -33.31
CA SER A 269 -15.77 15.90 -31.98
C SER A 269 -14.75 16.12 -30.84
N ILE A 270 -13.51 15.68 -31.06
CA ILE A 270 -12.45 15.92 -30.07
C ILE A 270 -12.29 17.41 -29.83
N LEU A 271 -12.02 18.17 -30.89
CA LEU A 271 -11.92 19.61 -30.80
C LEU A 271 -13.15 20.25 -30.20
N ALA A 272 -14.32 19.70 -30.50
CA ALA A 272 -15.56 20.22 -29.97
C ALA A 272 -15.61 20.08 -28.46
N VAL A 273 -15.20 18.92 -27.95
CA VAL A 273 -15.14 18.68 -26.51
C VAL A 273 -14.21 19.66 -25.77
N MET A 274 -13.02 19.88 -26.31
CA MET A 274 -12.11 20.89 -25.74
C MET A 274 -12.73 22.28 -25.74
N LYS A 275 -13.16 22.72 -26.92
CA LYS A 275 -13.69 24.05 -27.12
C LYS A 275 -14.96 24.26 -26.27
N ALA A 276 -15.73 23.19 -26.11
CA ALA A 276 -16.90 23.21 -25.21
C ALA A 276 -16.47 23.43 -23.77
N GLY A 277 -15.29 22.91 -23.43
CA GLY A 277 -14.69 23.16 -22.13
C GLY A 277 -14.23 21.92 -21.38
N GLY A 278 -14.77 20.76 -21.75
CA GLY A 278 -14.49 19.54 -21.02
C GLY A 278 -13.33 18.75 -21.57
N ALA A 279 -13.11 17.56 -21.03
CA ALA A 279 -12.09 16.65 -21.55
C ALA A 279 -12.72 15.39 -22.15
N TYR A 280 -12.13 14.89 -23.23
CA TYR A 280 -12.72 13.78 -23.93
C TYR A 280 -12.17 12.43 -23.46
N VAL A 281 -13.05 11.44 -23.48
CA VAL A 281 -12.70 10.08 -23.10
C VAL A 281 -12.92 9.14 -24.27
N PRO A 282 -11.84 8.77 -24.96
CA PRO A 282 -11.98 7.93 -26.15
C PRO A 282 -12.43 6.51 -25.84
N ILE A 283 -13.48 6.06 -26.52
CA ILE A 283 -14.00 4.72 -26.30
C ILE A 283 -14.02 3.97 -27.61
N ASP A 284 -13.17 2.97 -27.71
CA ASP A 284 -13.12 2.11 -28.89
C ASP A 284 -14.45 1.35 -29.08
N PRO A 285 -15.12 1.57 -30.21
CA PRO A 285 -16.43 0.93 -30.46
C PRO A 285 -16.34 -0.58 -30.63
N ASP A 286 -15.16 -1.10 -30.94
CA ASP A 286 -14.96 -2.54 -31.05
C ASP A 286 -14.68 -3.21 -29.72
N TYR A 287 -14.83 -2.46 -28.63
CA TYR A 287 -14.64 -3.04 -27.30
C TYR A 287 -15.87 -3.81 -26.91
N PRO A 288 -15.71 -4.78 -26.01
CA PRO A 288 -16.88 -5.45 -25.42
C PRO A 288 -17.79 -4.43 -24.78
N GLY A 289 -19.11 -4.59 -24.92
CA GLY A 289 -20.04 -3.63 -24.38
C GLY A 289 -19.90 -3.55 -22.88
N GLU A 290 -19.46 -4.64 -22.29
CA GLU A 290 -19.21 -4.68 -20.86
C GLU A 290 -18.07 -3.72 -20.54
N ARG A 291 -16.99 -3.86 -21.31
CA ARG A 291 -15.84 -2.98 -21.18
C ARG A 291 -16.22 -1.53 -21.48
N ILE A 292 -17.01 -1.34 -22.53
CA ILE A 292 -17.49 -0.02 -22.88
C ILE A 292 -18.31 0.53 -21.71
N ALA A 293 -19.12 -0.32 -21.11
CA ALA A 293 -19.95 0.13 -19.99
C ALA A 293 -19.07 0.54 -18.83
N TYR A 294 -17.98 -0.19 -18.60
CA TYR A 294 -17.10 0.10 -17.48
C TYR A 294 -16.40 1.45 -17.63
N MET A 295 -15.75 1.65 -18.77
CA MET A 295 -15.13 2.93 -19.10
C MET A 295 -16.13 4.06 -18.95
N LEU A 296 -17.39 3.81 -19.31
CA LEU A 296 -18.42 4.82 -19.14
C LEU A 296 -18.83 4.95 -17.67
N ALA A 297 -18.77 3.84 -16.92
CA ALA A 297 -19.05 3.91 -15.49
C ALA A 297 -17.94 4.66 -14.72
N ASP A 298 -16.70 4.18 -14.84
CA ASP A 298 -15.57 4.77 -14.13
C ASP A 298 -15.45 6.25 -14.44
N SER A 299 -15.37 6.57 -15.72
CA SER A 299 -15.52 7.96 -16.14
C SER A 299 -16.91 8.44 -15.71
N SER A 300 -17.03 9.68 -15.29
CA SER A 300 -18.33 10.19 -14.85
C SER A 300 -19.18 10.72 -16.01
N ALA A 301 -18.81 10.34 -17.23
CA ALA A 301 -19.33 10.95 -18.45
C ALA A 301 -20.85 10.88 -18.57
N ALA A 302 -21.49 12.05 -18.53
CA ALA A 302 -22.94 12.15 -18.67
C ALA A 302 -23.36 12.24 -20.14
N ILE A 303 -22.42 12.63 -20.99
CA ILE A 303 -22.66 12.80 -22.42
C ILE A 303 -21.78 11.89 -23.27
N LEU A 304 -22.36 11.29 -24.31
CA LEU A 304 -21.57 10.47 -25.22
C LEU A 304 -21.75 10.89 -26.68
N LEU A 305 -20.63 11.14 -27.34
CA LEU A 305 -20.63 11.47 -28.75
C LEU A 305 -20.37 10.19 -29.54
N THR A 306 -21.31 9.84 -30.41
CA THR A 306 -21.19 8.61 -31.17
C THR A 306 -22.06 8.69 -32.43
N ASN A 307 -21.96 7.68 -33.29
CA ASN A 307 -22.81 7.59 -34.47
C ASN A 307 -23.96 6.62 -34.20
N ALA A 308 -24.96 6.63 -35.09
CA ALA A 308 -26.08 5.71 -34.98
C ALA A 308 -25.60 4.25 -34.99
N LEU A 309 -24.59 3.99 -35.79
CA LEU A 309 -23.99 2.67 -35.92
C LEU A 309 -23.61 2.06 -34.57
N HIS A 310 -22.96 2.84 -33.71
CA HIS A 310 -22.42 2.32 -32.44
C HIS A 310 -23.22 2.67 -31.18
N GLU A 311 -24.29 3.43 -31.34
CA GLU A 311 -25.12 3.90 -30.21
C GLU A 311 -25.46 2.90 -29.08
N GLU A 312 -26.05 1.75 -29.39
CA GLU A 312 -26.49 0.89 -28.28
C GLU A 312 -25.31 0.20 -27.62
N LYS A 313 -24.13 0.19 -28.24
CA LYS A 313 -22.96 -0.44 -27.60
C LYS A 313 -22.70 0.18 -26.22
N ALA A 314 -23.38 1.29 -25.94
CA ALA A 314 -23.30 1.96 -24.65
C ALA A 314 -24.45 1.47 -23.77
N ASN A 315 -25.39 0.75 -24.38
CA ASN A 315 -26.52 0.12 -23.70
C ASN A 315 -27.34 1.07 -22.85
N GLY A 316 -27.55 2.28 -23.38
CA GLY A 316 -28.37 3.27 -22.72
C GLY A 316 -27.74 3.80 -21.44
N ALA A 317 -26.48 3.46 -21.23
CA ALA A 317 -25.74 3.91 -20.05
C ALA A 317 -25.66 5.41 -19.95
N CYS A 318 -25.65 6.10 -21.10
CA CYS A 318 -25.34 7.51 -21.08
C CYS A 318 -26.13 8.28 -22.13
N ASP A 319 -26.32 9.58 -21.89
CA ASP A 319 -27.01 10.45 -22.84
C ASP A 319 -26.22 10.61 -24.13
N ILE A 320 -26.88 10.39 -25.27
CA ILE A 320 -26.17 10.29 -26.53
C ILE A 320 -26.36 11.49 -27.44
N ILE A 321 -25.27 11.91 -28.05
CA ILE A 321 -25.26 12.95 -29.07
C ILE A 321 -24.73 12.39 -30.38
N ASP A 322 -25.56 12.42 -31.42
CA ASP A 322 -25.24 11.85 -32.72
C ASP A 322 -24.41 12.87 -33.52
N VAL A 323 -23.20 12.48 -33.91
CA VAL A 323 -22.38 13.37 -34.73
C VAL A 323 -22.89 13.46 -36.18
N HIS A 324 -23.93 12.69 -36.50
CA HIS A 324 -24.47 12.69 -37.86
C HIS A 324 -25.88 13.28 -37.92
N ASP A 325 -26.39 13.65 -36.75
CA ASP A 325 -27.66 14.35 -36.64
C ASP A 325 -27.43 15.85 -36.74
N PRO A 326 -28.04 16.48 -37.75
CA PRO A 326 -27.91 17.94 -37.88
C PRO A 326 -28.42 18.69 -36.64
N ASP A 327 -29.24 18.06 -35.81
CA ASP A 327 -29.76 18.72 -34.61
C ASP A 327 -28.64 18.96 -33.62
N SER A 328 -27.58 18.17 -33.74
CA SER A 328 -26.40 18.26 -32.87
C SER A 328 -25.53 19.50 -33.11
N TYR A 329 -25.63 20.12 -34.28
CA TYR A 329 -24.79 21.28 -34.60
C TYR A 329 -25.57 22.57 -34.55
N SER A 330 -25.02 23.55 -33.84
CA SER A 330 -25.60 24.88 -33.77
C SER A 330 -25.31 25.68 -35.04
N GLU A 331 -26.06 26.75 -35.25
CA GLU A 331 -25.81 27.62 -36.38
C GLU A 331 -24.46 28.36 -36.26
N ASN A 332 -24.10 28.76 -35.03
CA ASN A 332 -22.89 29.55 -34.78
C ASN A 332 -21.58 28.87 -35.16
N THR A 333 -20.69 29.61 -35.83
CA THR A 333 -19.42 29.06 -36.28
C THR A 333 -18.21 29.77 -35.66
N ASN A 334 -18.48 30.70 -34.76
CA ASN A 334 -17.41 31.47 -34.11
C ASN A 334 -16.81 30.75 -32.89
N ASN A 335 -15.51 30.96 -32.67
CA ASN A 335 -14.83 30.42 -31.50
C ASN A 335 -15.51 30.77 -30.18
N LEU A 336 -15.70 29.77 -29.33
CA LEU A 336 -16.35 29.96 -28.03
C LEU A 336 -15.51 30.81 -27.09
N PRO A 337 -16.17 31.48 -26.13
CA PRO A 337 -15.45 32.19 -25.07
C PRO A 337 -14.62 31.21 -24.25
N HIS A 338 -13.39 31.58 -23.93
CA HIS A 338 -12.51 30.68 -23.18
C HIS A 338 -13.01 30.57 -21.75
N VAL A 339 -13.06 29.35 -21.24
CA VAL A 339 -13.51 29.09 -19.89
C VAL A 339 -12.54 28.13 -19.20
N ASN A 340 -11.56 27.65 -19.96
CA ASN A 340 -10.60 26.68 -19.44
C ASN A 340 -9.26 27.30 -19.14
N ARG A 341 -8.67 26.88 -18.03
CA ARG A 341 -7.32 27.34 -17.74
C ARG A 341 -6.36 26.13 -17.88
N PRO A 342 -5.03 26.38 -18.07
CA PRO A 342 -4.11 25.32 -18.47
C PRO A 342 -4.04 24.07 -17.59
N ASP A 343 -4.51 24.10 -16.35
CA ASP A 343 -4.33 22.90 -15.50
C ASP A 343 -5.65 22.10 -15.55
N ASP A 344 -6.57 22.56 -16.39
CA ASP A 344 -7.82 21.84 -16.65
C ASP A 344 -7.54 20.61 -17.48
N LEU A 345 -8.35 19.57 -17.30
CA LEU A 345 -8.23 18.34 -18.08
C LEU A 345 -8.43 18.58 -19.58
N VAL A 346 -7.60 17.92 -20.38
CA VAL A 346 -7.78 17.96 -21.82
C VAL A 346 -8.30 16.62 -22.31
N TYR A 347 -7.87 15.53 -21.67
CA TYR A 347 -8.40 14.21 -21.99
C TYR A 347 -8.17 13.17 -20.91
N VAL A 348 -8.95 12.10 -20.95
CA VAL A 348 -8.78 10.94 -20.07
C VAL A 348 -8.66 9.65 -20.88
N MET A 349 -7.51 8.98 -20.78
CA MET A 349 -7.30 7.72 -21.49
C MET A 349 -7.01 6.56 -20.54
N TYR A 350 -7.65 5.42 -20.77
CA TYR A 350 -7.47 4.25 -19.90
C TYR A 350 -6.27 3.40 -20.25
N THR A 351 -5.48 3.09 -19.24
CA THR A 351 -4.32 2.21 -19.40
C THR A 351 -4.35 1.16 -18.32
N SER A 352 -3.58 0.08 -18.51
CA SER A 352 -3.50 -0.95 -17.49
C SER A 352 -2.65 -0.49 -16.31
N GLY A 353 -3.30 -0.33 -15.15
CA GLY A 353 -2.61 0.01 -13.92
C GLY A 353 -2.21 -1.29 -13.28
N SER A 354 -1.62 -1.24 -12.09
CA SER A 354 -1.06 -2.43 -11.46
C SER A 354 -2.07 -3.41 -10.85
N THR A 355 -3.25 -2.94 -10.48
CA THR A 355 -4.21 -3.79 -9.81
C THR A 355 -5.65 -3.36 -10.08
N GLY A 356 -6.54 -4.33 -10.13
CA GLY A 356 -7.94 -4.11 -10.44
C GLY A 356 -8.23 -3.97 -11.93
N LEU A 357 -9.35 -3.35 -12.26
CA LEU A 357 -9.86 -3.38 -13.62
C LEU A 357 -9.07 -2.54 -14.62
N ALA A 358 -8.91 -1.25 -14.36
CA ALA A 358 -8.26 -0.35 -15.32
C ALA A 358 -8.24 1.05 -14.76
N LYS A 359 -7.27 1.85 -15.21
CA LYS A 359 -7.14 3.18 -14.65
C LYS A 359 -7.34 4.28 -15.68
N GLY A 360 -8.09 5.30 -15.29
CA GLY A 360 -8.30 6.46 -16.13
C GLY A 360 -7.20 7.47 -15.85
N VAL A 361 -6.32 7.64 -16.83
CA VAL A 361 -5.24 8.58 -16.73
C VAL A 361 -5.73 9.96 -17.12
N MET A 362 -5.59 10.91 -16.21
CA MET A 362 -6.04 12.26 -16.45
C MET A 362 -4.87 13.14 -16.94
N ILE A 363 -5.02 13.67 -18.14
CA ILE A 363 -4.02 14.53 -18.75
C ILE A 363 -4.60 15.93 -18.84
N GLU A 364 -3.77 16.94 -18.58
CA GLU A 364 -4.23 18.32 -18.48
C GLU A 364 -3.76 19.16 -19.67
N HIS A 365 -4.42 20.29 -19.89
CA HIS A 365 -4.10 21.13 -21.04
C HIS A 365 -2.63 21.53 -21.10
N HIS A 366 -2.10 22.09 -20.00
CA HIS A 366 -0.71 22.55 -19.97
C HIS A 366 0.26 21.41 -20.27
N ASN A 367 -0.11 20.20 -19.86
CA ASN A 367 0.64 19.01 -20.21
C ASN A 367 0.77 18.87 -21.72
N LEU A 368 -0.39 18.88 -22.37
CA LEU A 368 -0.47 18.67 -23.81
C LEU A 368 0.18 19.80 -24.59
N VAL A 369 -0.06 21.02 -24.13
CA VAL A 369 0.53 22.20 -24.76
C VAL A 369 2.05 22.14 -24.67
N ASN A 370 2.56 21.73 -23.52
CA ASN A 370 4.00 21.59 -23.37
C ASN A 370 4.60 20.65 -24.42
N PHE A 371 3.98 19.50 -24.58
CA PHE A 371 4.46 18.52 -25.54
C PHE A 371 4.41 19.04 -26.97
N CYS A 372 3.30 19.65 -27.36
CA CYS A 372 3.23 20.17 -28.71
C CYS A 372 4.23 21.27 -28.95
N GLU A 373 4.36 22.18 -27.99
CA GLU A 373 5.25 23.32 -28.13
C GLU A 373 6.69 22.87 -28.21
N TRP A 374 6.95 21.70 -27.68
CA TRP A 374 8.26 21.10 -27.83
C TRP A 374 8.42 20.51 -29.23
N TYR A 375 7.39 19.77 -29.63
CA TYR A 375 7.35 19.00 -30.86
C TYR A 375 7.61 19.80 -32.12
N ARG A 376 6.91 20.91 -32.28
CA ARG A 376 6.98 21.70 -33.51
C ARG A 376 8.41 22.21 -33.85
N PRO A 377 9.07 22.94 -32.92
CA PRO A 377 10.41 23.40 -33.27
C PRO A 377 11.43 22.26 -33.28
N TYR A 378 11.22 21.25 -32.45
CA TYR A 378 12.16 20.13 -32.39
C TYR A 378 12.22 19.38 -33.72
N PHE A 379 11.06 19.13 -34.32
CA PHE A 379 11.03 18.40 -35.58
C PHE A 379 10.90 19.35 -36.76
N GLY A 380 10.84 20.63 -36.46
CA GLY A 380 10.75 21.66 -37.47
C GLY A 380 9.57 21.44 -38.39
N VAL A 381 8.42 21.18 -37.78
CA VAL A 381 7.20 20.97 -38.55
C VAL A 381 6.61 22.30 -39.00
N THR A 382 6.40 22.41 -40.31
CA THR A 382 5.84 23.62 -40.91
C THR A 382 4.51 23.25 -41.54
N PRO A 383 3.70 24.25 -41.92
CA PRO A 383 2.46 23.95 -42.65
C PRO A 383 2.68 23.10 -43.91
N ALA A 384 3.87 23.16 -44.49
CA ALA A 384 4.24 22.34 -45.64
C ALA A 384 4.16 20.83 -45.38
N ASP A 385 4.18 20.46 -44.10
CA ASP A 385 4.18 19.06 -43.71
C ASP A 385 2.82 18.40 -43.75
N LYS A 386 2.82 17.08 -43.88
CA LYS A 386 1.60 16.28 -43.86
C LYS A 386 1.80 15.08 -42.93
N ALA A 387 0.88 14.85 -42.00
CA ALA A 387 1.04 13.80 -41.00
C ALA A 387 -0.05 12.76 -41.03
N LEU A 388 0.34 11.52 -40.71
CA LEU A 388 -0.58 10.40 -40.69
C LEU A 388 -1.21 10.26 -39.31
N VAL A 389 -2.51 10.07 -39.27
CA VAL A 389 -3.19 9.72 -38.05
C VAL A 389 -3.33 8.21 -37.98
N TYR A 390 -2.30 7.56 -37.47
CA TYR A 390 -2.20 6.11 -37.53
C TYR A 390 -2.68 5.38 -36.27
N SER A 391 -2.07 5.70 -35.13
CA SER A 391 -2.37 4.99 -33.89
C SER A 391 -3.83 5.02 -33.50
N SER A 392 -4.21 4.08 -32.64
CA SER A 392 -5.59 3.99 -32.25
C SER A 392 -6.02 5.21 -31.46
N PHE A 393 -7.32 5.41 -31.48
CA PHE A 393 -7.97 6.59 -30.94
C PHE A 393 -7.90 6.64 -29.41
N SER A 394 -7.70 5.50 -28.77
CA SER A 394 -7.77 5.43 -27.31
C SER A 394 -6.40 5.43 -26.67
N PHE A 395 -5.38 5.66 -27.47
CA PHE A 395 -4.02 5.71 -26.94
C PHE A 395 -3.35 7.02 -27.35
N ASP A 396 -2.41 7.49 -26.52
CA ASP A 396 -1.86 8.83 -26.72
C ASP A 396 -1.03 8.97 -27.99
N GLY A 397 -0.75 7.86 -28.65
CA GLY A 397 -0.12 7.92 -29.95
C GLY A 397 -0.98 8.74 -30.91
N SER A 398 -2.29 8.60 -30.82
CA SER A 398 -3.21 9.43 -31.58
C SER A 398 -3.07 10.89 -31.15
N ALA A 399 -2.89 11.12 -29.85
CA ALA A 399 -2.76 12.49 -29.34
C ALA A 399 -1.51 13.14 -29.93
N LEU A 400 -0.47 12.35 -30.05
CA LEU A 400 0.76 12.77 -30.72
C LEU A 400 0.42 13.12 -32.16
N ASP A 401 -0.25 12.20 -32.85
CA ASP A 401 -0.57 12.36 -34.28
C ASP A 401 -1.43 13.59 -34.52
N ILE A 402 -2.46 13.77 -33.71
CA ILE A 402 -3.43 14.82 -33.95
C ILE A 402 -2.95 16.20 -33.52
N PHE A 403 -2.53 16.31 -32.27
CA PHE A 403 -2.36 17.62 -31.64
C PHE A 403 -1.11 18.35 -32.07
N THR A 404 0.02 17.67 -32.08
CA THR A 404 1.27 18.33 -32.44
C THR A 404 1.20 18.92 -33.83
N HIS A 405 0.57 18.21 -34.76
CA HIS A 405 0.59 18.67 -36.14
C HIS A 405 -0.44 19.75 -36.43
N LEU A 406 -1.54 19.75 -35.71
CA LEU A 406 -2.53 20.80 -35.91
C LEU A 406 -1.98 22.16 -35.49
N LEU A 407 -1.10 22.17 -34.48
CA LEU A 407 -0.53 23.44 -34.03
C LEU A 407 0.60 23.91 -34.93
N ALA A 408 1.00 23.06 -35.86
CA ALA A 408 2.05 23.42 -36.80
C ALA A 408 1.46 23.80 -38.16
N GLY A 409 0.14 23.67 -38.28
CA GLY A 409 -0.52 24.00 -39.52
C GLY A 409 -0.32 22.96 -40.62
N ALA A 410 0.18 21.80 -40.24
CA ALA A 410 0.35 20.69 -41.17
C ALA A 410 -1.00 19.99 -41.37
N ALA A 411 -1.07 19.06 -42.30
CA ALA A 411 -2.32 18.36 -42.62
C ALA A 411 -2.40 16.93 -42.07
N LEU A 412 -3.47 16.62 -41.35
CA LEU A 412 -3.67 15.24 -40.89
C LEU A 412 -4.34 14.36 -41.94
N HIS A 413 -3.74 13.21 -42.20
CA HIS A 413 -4.37 12.25 -43.08
C HIS A 413 -4.82 11.05 -42.30
N ILE A 414 -6.13 10.94 -42.13
CA ILE A 414 -6.70 9.83 -41.41
C ILE A 414 -6.35 8.55 -42.14
N VAL A 415 -5.76 7.62 -41.41
CA VAL A 415 -5.55 6.30 -41.95
C VAL A 415 -6.77 5.46 -41.65
N PRO A 416 -7.54 5.10 -42.69
CA PRO A 416 -8.64 4.16 -42.56
C PRO A 416 -8.11 2.76 -42.38
N SER A 417 -8.90 1.87 -41.79
CA SER A 417 -8.48 0.49 -41.58
C SER A 417 -8.18 -0.24 -42.90
N GLU A 418 -8.67 0.33 -44.00
CA GLU A 418 -8.42 -0.20 -45.36
C GLU A 418 -6.92 -0.35 -45.66
N ARG A 419 -6.14 0.63 -45.24
CA ARG A 419 -4.70 0.60 -45.42
C ARG A 419 -3.91 0.42 -44.11
N LYS A 420 -4.59 0.53 -42.97
CA LYS A 420 -3.92 0.49 -41.66
C LYS A 420 -3.02 -0.72 -41.44
N TYR A 421 -3.43 -1.87 -41.96
CA TYR A 421 -2.66 -3.08 -41.75
C TYR A 421 -1.83 -3.43 -42.98
N ASP A 422 -2.30 -2.99 -44.14
CA ASP A 422 -1.55 -3.11 -45.40
C ASP A 422 -0.57 -1.92 -45.57
N LEU A 423 0.63 -2.06 -45.01
CA LEU A 423 1.62 -0.98 -45.06
C LEU A 423 2.16 -0.68 -46.46
N ASP A 424 2.01 -1.62 -47.39
CA ASP A 424 2.41 -1.39 -48.78
C ASP A 424 1.53 -0.32 -49.39
N ALA A 425 0.25 -0.44 -49.09
CA ALA A 425 -0.71 0.50 -49.63
C ALA A 425 -0.61 1.80 -48.86
N LEU A 426 -0.45 1.70 -47.55
CA LEU A 426 -0.26 2.91 -46.73
C LEU A 426 0.95 3.70 -47.22
N ASN A 427 2.01 2.98 -47.56
CA ASN A 427 3.20 3.59 -48.14
C ASN A 427 2.94 4.28 -49.47
N ASP A 428 2.20 3.60 -50.36
CA ASP A 428 1.83 4.19 -51.65
C ASP A 428 1.05 5.48 -51.43
N TYR A 429 0.06 5.40 -50.55
CA TYR A 429 -0.72 6.58 -50.19
C TYR A 429 0.22 7.69 -49.75
N CYS A 430 1.24 7.35 -48.96
CA CYS A 430 2.18 8.35 -48.46
C CYS A 430 2.96 8.99 -49.60
N ASN A 431 3.47 8.16 -50.50
CA ASN A 431 4.22 8.67 -51.64
C ASN A 431 3.32 9.50 -52.54
N GLN A 432 2.07 9.08 -52.65
CA GLN A 432 1.11 9.79 -53.47
C GLN A 432 0.77 11.14 -52.85
N GLU A 433 0.40 11.13 -51.57
CA GLU A 433 -0.03 12.33 -50.86
C GLU A 433 1.13 13.18 -50.33
N GLY A 434 2.35 12.62 -50.35
CA GLY A 434 3.50 13.36 -49.85
C GLY A 434 3.47 13.48 -48.34
N ILE A 435 3.27 12.36 -47.66
CA ILE A 435 3.27 12.31 -46.20
C ILE A 435 4.68 12.44 -45.64
N THR A 436 4.95 13.55 -44.96
CA THR A 436 6.32 13.91 -44.61
C THR A 436 6.77 13.47 -43.21
N ILE A 437 5.83 13.34 -42.28
CA ILE A 437 6.18 13.02 -40.91
C ILE A 437 5.02 12.35 -40.14
N SER A 438 5.33 11.34 -39.34
CA SER A 438 4.28 10.71 -38.55
C SER A 438 4.83 9.86 -37.42
N TYR A 439 3.94 9.49 -36.50
CA TYR A 439 4.30 8.57 -35.44
C TYR A 439 3.76 7.20 -35.75
N LEU A 440 4.64 6.22 -35.78
CA LEU A 440 4.23 4.84 -35.91
C LEU A 440 4.70 4.04 -34.71
N PRO A 441 3.80 3.26 -34.10
CA PRO A 441 4.20 2.33 -33.05
C PRO A 441 5.33 1.45 -33.55
N THR A 442 6.13 0.91 -32.62
CA THR A 442 7.34 0.19 -32.94
C THR A 442 7.10 -0.96 -33.91
N GLY A 443 6.01 -1.69 -33.67
CA GLY A 443 5.62 -2.84 -34.47
C GLY A 443 5.31 -2.43 -35.89
N ALA A 444 4.48 -1.40 -36.05
CA ALA A 444 4.21 -0.90 -37.39
C ALA A 444 5.46 -0.28 -38.01
N ALA A 445 6.17 0.54 -37.26
CA ALA A 445 7.31 1.27 -37.80
C ALA A 445 8.38 0.31 -38.31
N GLU A 446 8.71 -0.72 -37.55
CA GLU A 446 9.76 -1.65 -37.97
C GLU A 446 9.37 -2.28 -39.31
N GLN A 447 8.10 -2.65 -39.47
CA GLN A 447 7.60 -3.17 -40.75
C GLN A 447 7.58 -2.12 -41.87
N PHE A 448 7.25 -0.88 -41.52
CA PHE A 448 7.21 0.20 -42.52
C PHE A 448 8.59 0.56 -43.08
N MET A 449 9.64 0.15 -42.39
CA MET A 449 11.00 0.44 -42.83
C MET A 449 11.32 -0.34 -44.10
N GLN A 450 10.60 -1.44 -44.27
CA GLN A 450 10.76 -2.30 -45.44
C GLN A 450 10.23 -1.64 -46.72
N MET A 451 9.17 -0.84 -46.59
CA MET A 451 8.58 -0.15 -47.74
C MET A 451 9.52 0.75 -48.50
N ASP A 452 9.39 0.72 -49.82
CA ASP A 452 10.18 1.59 -50.67
C ASP A 452 9.53 2.97 -50.57
N ASN A 453 10.07 3.81 -49.70
CA ASN A 453 9.46 5.10 -49.42
C ASN A 453 10.38 6.28 -49.71
N GLN A 454 9.84 7.25 -50.42
CA GLN A 454 10.55 8.48 -50.74
C GLN A 454 9.87 9.67 -50.08
N SER A 455 8.72 9.41 -49.45
CA SER A 455 7.82 10.42 -48.91
C SER A 455 8.30 11.11 -47.63
N PHE A 456 8.72 10.31 -46.65
CA PHE A 456 8.99 10.81 -45.32
C PHE A 456 10.29 11.55 -45.15
N ARG A 457 10.27 12.51 -44.22
CA ARG A 457 11.44 13.27 -43.80
C ARG A 457 11.84 12.85 -42.39
N VAL A 458 10.83 12.51 -41.60
CA VAL A 458 10.99 12.12 -40.20
C VAL A 458 9.93 11.10 -39.79
N VAL A 459 10.35 9.99 -39.19
CA VAL A 459 9.38 9.14 -38.52
C VAL A 459 9.76 8.93 -37.06
N ILE A 460 8.75 8.89 -36.21
CA ILE A 460 8.92 8.78 -34.76
C ILE A 460 8.31 7.45 -34.33
N THR A 461 9.02 6.74 -33.49
CA THR A 461 8.52 5.49 -32.98
C THR A 461 8.74 5.41 -31.47
N GLY A 462 7.94 4.58 -30.81
CA GLY A 462 8.08 4.38 -29.37
C GLY A 462 7.02 3.43 -28.86
N GLY A 463 7.03 3.19 -27.55
CA GLY A 463 6.00 2.39 -26.91
C GLY A 463 6.37 0.94 -26.72
N ASP A 464 7.41 0.51 -27.40
CA ASP A 464 7.91 -0.85 -27.25
C ASP A 464 9.41 -0.79 -27.56
N VAL A 465 10.17 -1.82 -27.17
CA VAL A 465 11.61 -1.76 -27.38
C VAL A 465 11.95 -1.81 -28.85
N LEU A 466 12.60 -0.76 -29.34
CA LEU A 466 12.93 -0.67 -30.74
C LEU A 466 14.14 -1.54 -31.07
N LYS A 467 13.95 -2.48 -32.00
CA LYS A 467 15.01 -3.43 -32.34
C LYS A 467 15.66 -3.19 -33.71
N LYS A 468 14.84 -2.92 -34.73
CA LYS A 468 15.35 -2.78 -36.09
C LYS A 468 15.44 -1.33 -36.55
N ILE A 469 16.53 -0.99 -37.24
CA ILE A 469 16.73 0.38 -37.74
C ILE A 469 17.11 0.46 -39.22
N GLU A 470 17.24 -0.72 -39.86
CA GLU A 470 17.52 -0.78 -41.29
C GLU A 470 16.26 -0.32 -42.00
N ARG A 471 16.38 0.67 -42.86
CA ARG A 471 15.19 1.24 -43.48
C ARG A 471 15.49 1.66 -44.92
N ASN A 472 14.47 1.53 -45.78
CA ASN A 472 14.66 1.82 -47.20
C ASN A 472 14.30 3.24 -47.62
N GLY A 473 14.11 4.12 -46.67
CA GLY A 473 13.82 5.51 -46.96
C GLY A 473 14.99 6.38 -46.57
N THR A 474 14.98 7.63 -47.00
CA THR A 474 16.04 8.57 -46.65
C THR A 474 15.64 9.49 -45.50
N TYR A 475 14.64 9.08 -44.74
CA TYR A 475 14.11 9.89 -43.64
C TYR A 475 14.79 9.59 -42.30
N LYS A 476 14.83 10.58 -41.42
CA LYS A 476 15.36 10.39 -40.07
C LYS A 476 14.42 9.60 -39.17
N LEU A 477 15.00 8.79 -38.29
CA LEU A 477 14.22 7.95 -37.40
C LEU A 477 14.38 8.35 -35.92
N TYR A 478 13.27 8.45 -35.20
CA TYR A 478 13.30 8.87 -33.79
C TYR A 478 12.60 7.87 -32.88
N ASN A 479 13.25 7.59 -31.76
CA ASN A 479 12.70 6.72 -30.74
C ASN A 479 12.40 7.47 -29.45
N GLY A 480 11.14 7.49 -29.04
CA GLY A 480 10.81 8.21 -27.84
C GLY A 480 10.22 7.33 -26.77
N TYR A 481 10.16 7.87 -25.57
CA TYR A 481 9.61 7.14 -24.44
C TYR A 481 8.75 8.08 -23.61
N GLY A 482 7.82 7.47 -22.88
CA GLY A 482 7.00 8.20 -21.94
C GLY A 482 5.79 7.37 -21.60
N PRO A 483 5.43 7.34 -20.32
CA PRO A 483 4.24 6.65 -19.87
C PRO A 483 3.04 7.54 -20.10
N THR A 484 1.86 6.95 -20.16
CA THR A 484 0.65 7.70 -20.48
C THR A 484 0.38 8.73 -19.40
N GLU A 485 0.78 8.42 -18.17
CA GLU A 485 0.56 9.30 -17.02
C GLU A 485 1.30 10.63 -17.17
N CYS A 486 2.34 10.64 -18.01
CA CYS A 486 3.13 11.85 -18.21
C CYS A 486 2.99 12.49 -19.60
N THR A 487 1.81 12.38 -20.19
CA THR A 487 1.48 13.08 -21.45
C THR A 487 2.33 12.71 -22.67
N ILE A 488 2.09 11.52 -23.23
CA ILE A 488 2.81 11.05 -24.41
C ILE A 488 4.27 10.97 -23.97
N MET A 489 5.20 11.29 -24.85
CA MET A 489 6.62 11.14 -24.52
C MET A 489 7.26 12.26 -23.69
N VAL A 490 8.09 11.86 -22.73
CA VAL A 490 8.83 12.82 -21.93
C VAL A 490 10.27 12.88 -22.44
N THR A 491 10.61 11.91 -23.28
CA THR A 491 12.00 11.78 -23.70
C THR A 491 12.11 11.42 -25.19
N MET A 492 13.11 11.96 -25.86
CA MET A 492 13.25 11.74 -27.31
C MET A 492 14.71 11.43 -27.67
N PHE A 493 14.89 10.54 -28.64
CA PHE A 493 16.22 10.20 -29.13
C PHE A 493 16.27 10.12 -30.65
N GLU A 494 17.26 10.76 -31.28
CA GLU A 494 17.46 10.58 -32.71
C GLU A 494 18.34 9.36 -32.99
N VAL A 495 17.74 8.34 -33.59
CA VAL A 495 18.47 7.12 -33.90
C VAL A 495 19.56 7.39 -34.94
N ASP A 496 20.82 7.35 -34.51
CA ASP A 496 21.94 7.69 -35.38
C ASP A 496 22.78 6.45 -35.73
N LYS A 497 22.79 5.49 -34.80
CA LYS A 497 23.62 4.30 -34.92
C LYS A 497 22.76 3.11 -34.60
N PRO A 498 23.22 1.91 -34.97
CA PRO A 498 22.55 0.75 -34.37
C PRO A 498 23.01 0.60 -32.91
N TYR A 499 22.17 0.02 -32.07
CA TYR A 499 22.49 -0.20 -30.65
C TYR A 499 21.94 -1.55 -30.19
N ALA A 500 22.61 -2.19 -29.24
CA ALA A 500 22.04 -3.37 -28.61
C ALA A 500 20.81 -2.93 -27.82
N ASN A 501 20.96 -1.81 -27.12
CA ASN A 501 19.85 -1.16 -26.44
C ASN A 501 19.73 0.27 -26.93
N ILE A 502 18.83 0.51 -27.88
CA ILE A 502 18.61 1.87 -28.36
C ILE A 502 18.13 2.76 -27.23
N PRO A 503 18.90 3.82 -26.92
CA PRO A 503 18.51 4.70 -25.81
C PRO A 503 17.17 5.36 -26.04
N ILE A 504 16.54 5.84 -24.98
CA ILE A 504 15.30 6.55 -25.16
C ILE A 504 15.55 8.04 -25.17
N GLY A 505 16.82 8.43 -25.00
CA GLY A 505 17.23 9.81 -25.22
C GLY A 505 17.18 10.77 -24.07
N LYS A 506 17.06 12.05 -24.40
CA LYS A 506 17.05 13.10 -23.38
C LYS A 506 15.66 13.67 -23.18
N PRO A 507 15.40 14.23 -21.97
CA PRO A 507 14.08 14.77 -21.63
C PRO A 507 13.68 15.90 -22.55
N ILE A 508 12.39 16.10 -22.70
CA ILE A 508 11.84 17.20 -23.48
C ILE A 508 11.77 18.47 -22.65
N ASP A 509 11.17 19.52 -23.22
CA ASP A 509 10.99 20.80 -22.53
C ASP A 509 10.35 20.65 -21.17
N ARG A 510 10.85 21.45 -20.22
CA ARG A 510 10.23 21.61 -18.90
C ARG A 510 10.10 20.30 -18.14
N THR A 511 10.93 19.33 -18.49
CA THR A 511 10.89 18.05 -17.81
C THR A 511 12.29 17.67 -17.37
N ARG A 512 12.36 17.04 -16.20
CA ARG A 512 13.60 16.55 -15.69
C ARG A 512 13.42 15.07 -15.39
N ILE A 513 14.46 14.28 -15.59
CA ILE A 513 14.40 12.85 -15.31
C ILE A 513 15.43 12.47 -14.24
N LEU A 514 14.97 11.81 -13.17
CA LEU A 514 15.84 11.41 -12.08
C LEU A 514 15.90 9.89 -11.96
N ILE A 515 17.12 9.35 -11.89
CA ILE A 515 17.32 7.95 -11.55
C ILE A 515 17.61 7.84 -10.04
N LEU A 516 16.64 7.28 -9.31
CA LEU A 516 16.72 7.18 -7.86
C LEU A 516 16.81 5.74 -7.40
N ASP A 517 17.41 5.53 -6.24
CA ASP A 517 17.41 4.19 -5.63
C ASP A 517 16.13 3.98 -4.82
N GLU A 518 16.03 2.84 -4.15
CA GLU A 518 14.83 2.49 -3.40
C GLU A 518 14.53 3.49 -2.26
N ALA A 519 15.59 4.15 -1.80
CA ALA A 519 15.49 5.16 -0.73
C ALA A 519 15.19 6.57 -1.29
N LEU A 520 14.99 6.64 -2.61
CA LEU A 520 14.66 7.87 -3.35
C LEU A 520 15.84 8.83 -3.46
N ALA A 521 17.04 8.30 -3.23
CA ALA A 521 18.28 9.06 -3.36
C ALA A 521 18.86 9.00 -4.77
N LEU A 522 19.58 10.06 -5.14
CA LEU A 522 20.25 10.12 -6.43
C LEU A 522 21.21 8.96 -6.65
N GLN A 523 21.22 8.45 -7.88
CA GLN A 523 22.18 7.45 -8.28
C GLN A 523 23.24 8.14 -9.10
N PRO A 524 24.48 7.67 -9.00
CA PRO A 524 25.53 8.26 -9.85
C PRO A 524 25.24 8.03 -11.33
N ILE A 525 25.76 8.90 -12.18
CA ILE A 525 25.61 8.70 -13.61
C ILE A 525 26.14 7.32 -13.94
N GLY A 526 25.37 6.54 -14.70
CA GLY A 526 25.82 5.24 -15.12
C GLY A 526 25.23 4.14 -14.28
N VAL A 527 24.67 4.53 -13.14
CA VAL A 527 24.15 3.58 -12.17
C VAL A 527 22.63 3.41 -12.30
N ALA A 528 22.19 2.16 -12.43
CA ALA A 528 20.78 1.86 -12.60
C ALA A 528 19.94 2.24 -11.39
N GLY A 529 18.67 2.52 -11.64
CA GLY A 529 17.73 2.88 -10.60
C GLY A 529 16.35 3.02 -11.19
N GLU A 530 15.40 3.42 -10.35
CA GLU A 530 14.05 3.66 -10.83
C GLU A 530 13.97 5.02 -11.50
N LEU A 531 13.19 5.07 -12.58
CA LEU A 531 13.08 6.29 -13.35
C LEU A 531 11.99 7.16 -12.76
N PHE A 532 12.36 8.38 -12.37
CA PHE A 532 11.42 9.38 -11.90
C PHE A 532 11.29 10.53 -12.91
N ILE A 533 10.08 11.04 -13.08
CA ILE A 533 9.84 12.16 -13.98
C ILE A 533 9.40 13.40 -13.21
N VAL A 534 9.88 14.58 -13.62
CA VAL A 534 9.52 15.83 -12.98
C VAL A 534 9.19 16.89 -14.01
N GLY A 535 8.10 17.63 -13.81
CA GLY A 535 7.78 18.73 -14.69
C GLY A 535 6.41 18.73 -15.34
N GLU A 536 6.29 19.56 -16.38
CA GLU A 536 5.02 19.87 -17.04
C GLU A 536 4.33 18.64 -17.64
N GLY A 537 5.07 17.55 -17.79
CA GLY A 537 4.48 16.33 -18.32
C GLY A 537 3.50 15.61 -17.41
N LEU A 538 3.67 15.77 -16.10
CA LEU A 538 2.87 15.05 -15.11
C LEU A 538 1.38 15.38 -15.16
N GLY A 539 0.57 14.33 -15.27
CA GLY A 539 -0.87 14.50 -15.32
C GLY A 539 -1.41 14.74 -13.93
N ARG A 540 -2.73 14.75 -13.80
CA ARG A 540 -3.35 14.96 -12.51
C ARG A 540 -3.38 13.65 -11.71
N GLY A 541 -3.18 12.53 -12.39
CA GLY A 541 -3.22 11.24 -11.72
C GLY A 541 -4.35 10.36 -12.22
N TYR A 542 -4.73 9.36 -11.42
CA TYR A 542 -5.75 8.40 -11.79
C TYR A 542 -7.15 8.82 -11.34
N LEU A 543 -8.08 8.83 -12.28
CA LEU A 543 -9.46 9.26 -12.03
C LEU A 543 -10.15 8.40 -10.99
N ASN A 544 -10.61 9.02 -9.90
CA ASN A 544 -11.31 8.33 -8.81
C ASN A 544 -10.47 7.28 -8.13
N ARG A 545 -9.15 7.35 -8.31
CA ARG A 545 -8.24 6.44 -7.63
C ARG A 545 -7.16 7.21 -6.88
N PRO A 546 -7.55 7.96 -5.83
CA PRO A 546 -6.64 8.86 -5.13
C PRO A 546 -5.52 8.13 -4.40
N GLU A 547 -5.82 6.92 -3.94
CA GLU A 547 -4.84 6.13 -3.22
C GLU A 547 -3.70 5.78 -4.17
N LEU A 548 -4.04 5.36 -5.39
CA LEU A 548 -3.05 4.94 -6.36
C LEU A 548 -2.26 6.14 -6.86
N THR A 549 -2.93 7.27 -6.96
CA THR A 549 -2.28 8.51 -7.37
C THR A 549 -1.18 8.88 -6.39
N ALA A 550 -1.51 8.78 -5.09
CA ALA A 550 -0.58 9.08 -4.03
C ALA A 550 0.69 8.22 -4.13
N GLU A 551 0.52 6.96 -4.55
CA GLU A 551 1.66 6.05 -4.64
C GLU A 551 2.59 6.43 -5.77
N LYS A 552 2.02 6.77 -6.91
CA LYS A 552 2.83 6.96 -8.10
C LYS A 552 3.18 8.43 -8.27
N PHE A 553 2.31 9.32 -7.82
CA PHE A 553 2.62 10.73 -7.81
C PHE A 553 3.01 11.18 -6.40
N ILE A 554 4.30 11.10 -6.11
CA ILE A 554 4.82 11.36 -4.78
C ILE A 554 5.37 12.76 -4.67
N VAL A 555 5.37 13.29 -3.46
CA VAL A 555 6.12 14.49 -3.11
C VAL A 555 7.44 14.03 -2.51
N HIS A 556 8.54 14.37 -3.15
CA HIS A 556 9.84 13.87 -2.72
C HIS A 556 10.22 14.35 -1.30
N PRO A 557 10.54 13.41 -0.40
CA PRO A 557 10.80 13.72 1.02
C PRO A 557 11.91 14.74 1.27
N GLN A 558 13.01 14.67 0.52
CA GLN A 558 14.10 15.63 0.69
C GLN A 558 13.96 16.89 -0.15
N THR A 559 13.33 16.77 -1.32
CA THR A 559 13.31 17.87 -2.30
C THR A 559 11.95 18.56 -2.42
N GLY A 560 10.89 17.82 -2.09
CA GLY A 560 9.56 18.39 -2.15
C GLY A 560 9.04 18.60 -3.55
N GLU A 561 9.66 17.95 -4.53
CA GLU A 561 9.18 18.05 -5.90
C GLU A 561 8.13 16.99 -6.13
N ARG A 562 7.06 17.37 -6.84
CA ARG A 562 6.09 16.39 -7.28
C ARG A 562 6.76 15.52 -8.33
N MET A 563 6.77 14.22 -8.09
CA MET A 563 7.46 13.31 -9.00
C MET A 563 6.60 12.11 -9.34
N TYR A 564 6.76 11.61 -10.54
CA TYR A 564 6.04 10.43 -10.96
C TYR A 564 6.96 9.23 -10.90
N ARG A 565 6.63 8.29 -10.04
CA ARG A 565 7.39 7.07 -9.90
C ARG A 565 6.95 6.07 -10.99
N THR A 566 7.73 5.94 -12.06
CA THR A 566 7.27 5.18 -13.24
C THR A 566 7.17 3.68 -12.97
N GLY A 567 8.17 3.13 -12.32
CA GLY A 567 8.24 1.70 -12.13
C GLY A 567 9.19 1.14 -13.18
N ASP A 568 9.70 2.05 -13.98
CA ASP A 568 10.65 1.68 -15.03
C ASP A 568 12.05 1.75 -14.43
N ARG A 569 12.94 0.88 -14.88
CA ARG A 569 14.32 0.94 -14.45
C ARG A 569 15.13 1.54 -15.60
N ALA A 570 16.09 2.39 -15.27
CA ALA A 570 16.84 3.08 -16.30
C ALA A 570 18.19 3.56 -15.79
N ARG A 571 18.99 4.10 -16.70
CA ARG A 571 20.25 4.68 -16.30
C ARG A 571 20.64 5.79 -17.26
N PHE A 572 21.49 6.70 -16.80
CA PHE A 572 22.05 7.72 -17.65
C PHE A 572 23.28 7.16 -18.32
N LEU A 573 23.40 7.43 -19.61
CA LEU A 573 24.62 7.10 -20.33
C LEU A 573 25.57 8.30 -20.23
N PRO A 574 26.86 8.10 -20.50
CA PRO A 574 27.81 9.24 -20.40
C PRO A 574 27.45 10.42 -21.31
N ASP A 575 26.80 10.15 -22.43
CA ASP A 575 26.45 11.22 -23.37
C ASP A 575 25.20 12.00 -22.95
N GLY A 576 24.63 11.64 -21.80
CA GLY A 576 23.48 12.36 -21.26
C GLY A 576 22.18 11.68 -21.62
N ASN A 577 22.26 10.74 -22.56
CA ASN A 577 21.10 9.98 -23.03
C ASN A 577 20.66 8.96 -21.99
N ILE A 578 19.35 8.76 -21.90
CA ILE A 578 18.77 7.79 -21.00
C ILE A 578 18.61 6.43 -21.68
N GLU A 579 18.84 5.37 -20.92
CA GLU A 579 18.76 4.01 -21.43
C GLU A 579 17.77 3.18 -20.61
N PHE A 580 16.71 2.71 -21.27
CA PHE A 580 15.63 1.94 -20.64
C PHE A 580 16.06 0.52 -20.31
N LEU A 581 15.74 0.06 -19.11
CA LEU A 581 16.28 -1.21 -18.62
C LEU A 581 15.22 -2.19 -18.12
N GLY A 582 13.96 -1.99 -18.50
CA GLY A 582 12.92 -2.92 -18.07
C GLY A 582 12.30 -2.58 -16.72
N ARG A 583 11.44 -3.47 -16.22
CA ARG A 583 10.75 -3.23 -14.96
C ARG A 583 10.79 -4.39 -13.99
N LEU A 584 10.84 -4.06 -12.71
CA LEU A 584 10.78 -5.10 -11.67
C LEU A 584 9.39 -5.72 -11.59
N ASP A 585 8.35 -4.89 -11.60
CA ASP A 585 6.98 -5.41 -11.52
C ASP A 585 6.61 -6.17 -12.80
N ASN A 586 5.62 -7.05 -12.70
CA ASN A 586 5.15 -7.79 -13.88
C ASN A 586 4.12 -7.02 -14.70
N LEU A 587 4.57 -5.93 -15.33
CA LEU A 587 3.76 -5.11 -16.22
C LEU A 587 4.50 -5.09 -17.53
N VAL A 588 3.82 -5.41 -18.63
CA VAL A 588 4.54 -5.56 -19.87
C VAL A 588 3.99 -4.76 -21.03
N LYS A 589 4.85 -4.50 -22.00
CA LYS A 589 4.45 -3.87 -23.24
C LYS A 589 4.27 -4.99 -24.25
N ILE A 590 3.02 -5.29 -24.56
CA ILE A 590 2.66 -6.28 -25.56
C ILE A 590 2.20 -5.54 -26.81
N ARG A 591 2.91 -5.74 -27.92
CA ARG A 591 2.68 -5.01 -29.17
C ARG A 591 2.44 -3.52 -28.95
N GLY A 592 3.20 -2.93 -28.04
CA GLY A 592 3.10 -1.50 -27.78
C GLY A 592 1.99 -1.16 -26.80
N TYR A 593 1.24 -2.17 -26.36
CA TYR A 593 0.17 -1.97 -25.38
C TYR A 593 0.62 -2.21 -23.95
N ARG A 594 0.20 -1.33 -23.03
CA ARG A 594 0.40 -1.54 -21.59
C ARG A 594 -0.52 -2.65 -21.07
N ILE A 595 0.06 -3.69 -20.48
CA ILE A 595 -0.75 -4.84 -20.02
C ILE A 595 -0.36 -5.36 -18.64
N GLU A 596 -1.30 -5.35 -17.70
CA GLU A 596 -1.11 -6.02 -16.44
C GLU A 596 -1.78 -7.40 -16.48
N PRO A 597 -0.96 -8.45 -16.48
CA PRO A 597 -1.44 -9.84 -16.45
C PRO A 597 -2.49 -10.09 -15.38
N GLY A 598 -2.35 -9.48 -14.21
CA GLY A 598 -3.30 -9.71 -13.13
C GLY A 598 -4.66 -9.11 -13.42
N GLU A 599 -4.76 -8.35 -14.48
CA GLU A 599 -6.03 -7.76 -14.86
C GLU A 599 -6.84 -8.76 -15.67
N ILE A 600 -6.14 -9.73 -16.25
CA ILE A 600 -6.72 -10.72 -17.13
C ILE A 600 -7.05 -12.03 -16.43
N GLU A 601 -6.16 -12.43 -15.52
CA GLU A 601 -6.33 -13.68 -14.78
C GLU A 601 -7.71 -13.83 -14.15
N PRO A 602 -8.23 -12.78 -13.50
CA PRO A 602 -9.59 -12.98 -12.95
C PRO A 602 -10.64 -13.20 -14.02
N PHE A 603 -10.59 -12.51 -15.16
CA PHE A 603 -11.58 -12.77 -16.21
C PHE A 603 -11.43 -14.17 -16.75
N LEU A 604 -10.20 -14.67 -16.79
CA LEU A 604 -10.00 -16.02 -17.25
C LEU A 604 -10.59 -17.01 -16.26
N MET A 605 -10.47 -16.71 -14.97
CA MET A 605 -10.85 -17.69 -13.95
C MET A 605 -12.35 -17.97 -13.85
N ASN A 606 -13.21 -16.97 -14.04
CA ASN A 606 -14.65 -17.18 -13.84
C ASN A 606 -15.27 -18.07 -14.94
N HIS A 607 -14.42 -18.55 -15.83
CA HIS A 607 -14.80 -19.61 -16.78
C HIS A 607 -15.14 -20.87 -15.99
N PRO A 608 -16.29 -21.48 -16.31
CA PRO A 608 -16.83 -22.54 -15.45
C PRO A 608 -16.01 -23.84 -15.44
N LEU A 609 -14.87 -23.89 -16.10
CA LEU A 609 -14.09 -25.12 -16.13
C LEU A 609 -12.71 -25.01 -15.50
N ILE A 610 -12.14 -23.81 -15.48
CA ILE A 610 -10.80 -23.64 -14.93
C ILE A 610 -10.84 -23.12 -13.50
N GLU A 611 -9.87 -23.54 -12.69
CA GLU A 611 -9.87 -23.16 -11.27
C GLU A 611 -8.70 -22.27 -10.89
N LEU A 612 -7.62 -22.33 -11.65
CA LEU A 612 -6.46 -21.48 -11.37
C LEU A 612 -5.80 -21.00 -12.66
N THR A 613 -5.56 -19.70 -12.74
CA THR A 613 -4.95 -19.09 -13.91
C THR A 613 -3.88 -18.09 -13.55
N THR A 614 -2.76 -18.16 -14.27
CA THR A 614 -1.77 -17.09 -14.24
C THR A 614 -1.39 -16.86 -15.70
N VAL A 615 -1.22 -15.60 -16.07
CA VAL A 615 -0.81 -15.28 -17.41
C VAL A 615 0.55 -14.59 -17.38
N LEU A 616 1.43 -14.95 -18.31
CA LEU A 616 2.78 -14.40 -18.32
C LEU A 616 3.13 -13.82 -19.67
N ALA A 617 4.12 -12.94 -19.68
CA ALA A 617 4.69 -12.40 -20.91
C ALA A 617 5.98 -13.16 -21.21
N LYS A 618 6.17 -13.57 -22.47
CA LYS A 618 7.36 -14.32 -22.88
C LYS A 618 7.99 -13.70 -24.12
N GLU A 619 9.29 -13.89 -24.34
CA GLU A 619 9.97 -13.27 -25.49
C GLU A 619 10.03 -14.12 -26.77
N GLN A 620 10.00 -13.45 -27.93
CA GLN A 620 10.11 -14.12 -29.24
C GLN A 620 11.54 -14.32 -29.72
N ALA A 621 12.51 -14.14 -28.84
CA ALA A 621 13.93 -14.13 -29.23
C ALA A 621 14.17 -13.00 -30.23
N ASP A 622 13.24 -12.05 -30.26
CA ASP A 622 13.37 -10.84 -31.06
C ASP A 622 13.37 -9.64 -30.11
N GLY A 623 13.33 -9.94 -28.82
CA GLY A 623 13.52 -8.93 -27.80
C GLY A 623 12.26 -8.36 -27.17
N ARG A 624 11.10 -8.71 -27.71
CA ARG A 624 9.85 -8.24 -27.13
C ARG A 624 8.98 -9.43 -26.71
N LYS A 625 7.86 -9.16 -26.04
CA LYS A 625 7.09 -10.24 -25.45
C LYS A 625 5.66 -10.42 -25.96
N TYR A 626 5.18 -11.65 -25.78
CA TYR A 626 3.82 -12.03 -26.11
C TYR A 626 3.13 -12.58 -24.86
N LEU A 627 1.80 -12.61 -24.86
CA LEU A 627 1.08 -13.10 -23.70
C LEU A 627 0.68 -14.55 -23.81
N VAL A 628 0.95 -15.27 -22.73
CA VAL A 628 0.54 -16.65 -22.60
C VAL A 628 -0.37 -16.81 -21.39
N GLY A 629 -1.56 -17.36 -21.62
CA GLY A 629 -2.51 -17.56 -20.55
C GLY A 629 -2.45 -19.00 -20.05
N TYR A 630 -2.03 -19.17 -18.80
CA TYR A 630 -1.90 -20.50 -18.24
C TYR A 630 -3.12 -20.78 -17.38
N TYR A 631 -3.74 -21.92 -17.60
CA TYR A 631 -4.96 -22.27 -16.87
C TYR A 631 -4.95 -23.73 -16.47
N VAL A 632 -5.50 -24.01 -15.29
CA VAL A 632 -5.63 -25.39 -14.83
C VAL A 632 -7.08 -25.81 -15.07
N ALA A 633 -7.27 -27.03 -15.56
CA ALA A 633 -8.56 -27.48 -16.03
C ALA A 633 -8.63 -28.99 -16.15
N PRO A 634 -9.86 -29.55 -16.24
CA PRO A 634 -10.02 -30.99 -16.46
C PRO A 634 -9.33 -31.47 -17.72
N GLU A 635 -9.61 -30.76 -18.81
CA GLU A 635 -9.11 -31.08 -20.14
C GLU A 635 -8.85 -29.77 -20.89
N GLU A 636 -8.10 -29.86 -21.99
CA GLU A 636 -7.78 -28.69 -22.79
C GLU A 636 -9.06 -27.96 -23.19
N ILE A 637 -9.02 -26.64 -23.18
CA ILE A 637 -10.15 -25.85 -23.67
C ILE A 637 -9.73 -25.27 -25.01
N PRO A 638 -10.58 -25.44 -26.02
CA PRO A 638 -10.28 -24.94 -27.37
C PRO A 638 -9.95 -23.45 -27.37
N HIS A 639 -8.86 -23.08 -28.04
CA HIS A 639 -8.38 -21.71 -28.11
C HIS A 639 -9.48 -20.72 -28.47
N GLY A 640 -10.31 -21.10 -29.45
CA GLY A 640 -11.38 -20.26 -29.94
C GLY A 640 -12.36 -19.91 -28.85
N GLU A 641 -12.66 -20.85 -27.96
CA GLU A 641 -13.64 -20.55 -26.92
C GLU A 641 -13.07 -19.59 -25.90
N LEU A 642 -11.84 -19.82 -25.50
CA LEU A 642 -11.22 -18.97 -24.51
C LEU A 642 -11.14 -17.56 -25.01
N ARG A 643 -10.75 -17.43 -26.27
CA ARG A 643 -10.62 -16.12 -26.90
C ARG A 643 -11.94 -15.36 -26.85
N GLU A 644 -13.02 -16.06 -27.15
CA GLU A 644 -14.33 -15.43 -27.09
C GLU A 644 -14.76 -15.19 -25.63
N TRP A 645 -14.41 -16.10 -24.73
CA TRP A 645 -14.75 -15.91 -23.31
C TRP A 645 -14.20 -14.59 -22.76
N LEU A 646 -12.88 -14.46 -22.78
CA LEU A 646 -12.21 -13.23 -22.35
C LEU A 646 -12.71 -12.05 -23.14
N GLY A 647 -12.98 -12.30 -24.43
CA GLY A 647 -13.39 -11.28 -25.37
C GLY A 647 -14.71 -10.63 -25.04
N ASN A 648 -15.47 -11.25 -24.14
CA ASN A 648 -16.73 -10.67 -23.70
C ASN A 648 -16.52 -9.55 -22.68
N ASP A 649 -15.35 -9.54 -22.04
CA ASP A 649 -15.05 -8.50 -21.06
C ASP A 649 -13.80 -7.69 -21.39
N LEU A 650 -12.88 -8.26 -22.13
CA LEU A 650 -11.61 -7.58 -22.36
C LEU A 650 -11.42 -7.11 -23.81
N PRO A 651 -10.67 -6.01 -23.98
CA PRO A 651 -10.37 -5.52 -25.32
C PRO A 651 -9.49 -6.53 -26.02
N ASP A 652 -9.54 -6.55 -27.34
CA ASP A 652 -8.86 -7.59 -28.08
C ASP A 652 -7.34 -7.66 -27.81
N TYR A 653 -6.68 -6.52 -27.67
CA TYR A 653 -5.22 -6.50 -27.47
C TYR A 653 -4.79 -7.18 -26.16
N MET A 654 -5.65 -7.11 -25.15
CA MET A 654 -5.46 -7.80 -23.87
C MET A 654 -5.58 -9.32 -23.97
N ILE A 655 -6.43 -9.81 -24.86
CA ILE A 655 -6.57 -11.25 -25.05
C ILE A 655 -5.22 -11.85 -25.45
N PRO A 656 -4.77 -12.86 -24.70
CA PRO A 656 -3.55 -13.62 -24.99
C PRO A 656 -3.52 -14.24 -26.37
N THR A 657 -2.33 -14.49 -26.88
CA THR A 657 -2.19 -15.10 -28.18
C THR A 657 -1.93 -16.58 -28.03
N TYR A 658 -1.59 -16.99 -26.81
CA TYR A 658 -1.40 -18.40 -26.51
C TYR A 658 -2.09 -18.75 -25.19
N PHE A 659 -2.70 -19.93 -25.15
CA PHE A 659 -3.27 -20.47 -23.93
C PHE A 659 -2.69 -21.85 -23.71
N VAL A 660 -2.30 -22.14 -22.48
CA VAL A 660 -1.70 -23.42 -22.15
C VAL A 660 -2.46 -24.15 -21.05
N HIS A 661 -3.01 -25.31 -21.39
CA HIS A 661 -3.67 -26.14 -20.39
C HIS A 661 -2.64 -26.89 -19.57
N MET A 662 -2.86 -26.91 -18.25
CA MET A 662 -2.06 -27.75 -17.38
C MET A 662 -2.95 -28.49 -16.40
N LYS A 663 -2.63 -29.75 -16.15
CA LYS A 663 -3.43 -30.56 -15.24
C LYS A 663 -3.20 -30.10 -13.83
N ALA A 664 -1.96 -29.70 -13.55
CA ALA A 664 -1.57 -29.15 -12.27
C ALA A 664 -0.54 -28.04 -12.41
N PHE A 665 -0.47 -27.16 -11.42
CA PHE A 665 0.55 -26.12 -11.38
C PHE A 665 1.69 -26.56 -10.48
N PRO A 666 2.93 -26.34 -10.94
CA PRO A 666 4.09 -26.53 -10.05
C PRO A 666 4.09 -25.46 -8.95
N LEU A 667 4.40 -25.83 -7.71
CA LEU A 667 4.34 -24.88 -6.60
C LEU A 667 5.64 -24.84 -5.80
N THR A 668 6.10 -23.63 -5.49
CA THR A 668 7.18 -23.47 -4.54
C THR A 668 6.60 -23.72 -3.16
N ALA A 669 7.41 -24.23 -2.23
CA ALA A 669 6.91 -24.49 -0.88
C ALA A 669 6.32 -23.21 -0.28
N ASN A 670 7.01 -22.10 -0.48
CA ASN A 670 6.53 -20.80 -0.03
C ASN A 670 5.87 -20.04 -1.17
N GLY A 671 4.55 -19.88 -1.09
CA GLY A 671 3.81 -19.18 -2.12
C GLY A 671 2.83 -20.12 -2.80
N LYS A 672 2.04 -19.60 -3.74
CA LYS A 672 1.14 -20.48 -4.48
C LYS A 672 1.84 -21.21 -5.62
N VAL A 673 2.33 -20.46 -6.60
CA VAL A 673 3.00 -21.07 -7.76
C VAL A 673 4.34 -20.43 -8.18
N ASP A 674 5.23 -21.26 -8.73
CA ASP A 674 6.50 -20.75 -9.23
C ASP A 674 6.34 -20.52 -10.71
N ARG A 675 6.29 -19.25 -11.08
CA ARG A 675 6.01 -18.86 -12.46
C ARG A 675 7.08 -19.37 -13.42
N ARG A 676 8.33 -19.30 -12.97
CA ARG A 676 9.48 -19.71 -13.77
C ARG A 676 9.38 -21.11 -14.37
N ALA A 677 8.66 -22.01 -13.69
CA ALA A 677 8.57 -23.41 -14.11
C ALA A 677 7.70 -23.67 -15.34
N LEU A 678 6.69 -22.82 -15.56
CA LEU A 678 5.75 -22.96 -16.67
C LEU A 678 6.45 -23.09 -18.03
N PRO A 679 6.21 -24.21 -18.74
CA PRO A 679 6.89 -24.56 -20.00
C PRO A 679 6.77 -23.52 -21.10
N ASP A 680 7.82 -23.38 -21.90
CA ASP A 680 7.87 -22.38 -22.97
C ASP A 680 7.83 -22.97 -24.38
N VAL A 681 7.00 -22.34 -25.23
CA VAL A 681 6.88 -22.54 -26.69
C VAL A 681 5.42 -22.30 -27.09
N VAL A 693 -0.69 -33.96 -42.87
CA VAL A 693 -1.73 -33.09 -43.40
C VAL A 693 -1.11 -32.18 -44.47
N ALA A 694 -0.57 -32.79 -45.52
CA ALA A 694 0.01 -32.04 -46.62
C ALA A 694 -1.07 -31.53 -47.57
N PRO A 695 -0.82 -30.36 -48.17
CA PRO A 695 -1.71 -29.73 -49.16
C PRO A 695 -1.70 -30.53 -50.46
N THR A 696 -2.81 -30.60 -51.18
CA THR A 696 -2.84 -31.46 -52.36
C THR A 696 -2.13 -30.81 -53.54
N ASP A 697 -2.45 -29.55 -53.83
CA ASP A 697 -1.77 -28.87 -54.92
C ASP A 697 -0.54 -28.15 -54.38
N GLU A 698 0.32 -27.67 -55.27
CA GLU A 698 1.53 -26.96 -54.85
C GLU A 698 1.29 -25.50 -54.45
N LEU A 699 0.28 -24.86 -55.04
CA LEU A 699 -0.10 -23.49 -54.65
C LEU A 699 -0.44 -23.41 -53.17
N GLU A 700 -1.27 -24.33 -52.70
CA GLU A 700 -1.55 -24.48 -51.29
C GLU A 700 -0.25 -24.66 -50.52
N GLN A 701 0.66 -25.45 -51.10
CA GLN A 701 1.95 -25.66 -50.49
C GLN A 701 2.73 -24.36 -50.41
N GLN A 702 2.66 -23.55 -51.46
CA GLN A 702 3.41 -22.29 -51.50
C GLN A 702 2.81 -21.22 -50.59
N LEU A 703 1.63 -21.50 -50.03
CA LEU A 703 1.06 -20.67 -48.99
C LEU A 703 1.49 -21.15 -47.61
N ALA A 704 1.70 -22.45 -47.49
CA ALA A 704 2.07 -23.06 -46.21
C ALA A 704 3.41 -22.57 -45.69
N GLN A 705 4.42 -22.43 -46.56
CA GLN A 705 5.73 -22.00 -46.11
C GLN A 705 5.82 -20.51 -45.74
N VAL A 706 5.09 -19.63 -46.42
CA VAL A 706 5.11 -18.23 -46.02
C VAL A 706 4.45 -18.17 -44.65
N TRP A 707 3.37 -18.94 -44.47
CA TRP A 707 2.70 -19.10 -43.18
C TRP A 707 3.63 -19.70 -42.14
N SER A 708 4.43 -20.68 -42.56
CA SER A 708 5.37 -21.34 -41.66
C SER A 708 6.39 -20.34 -41.14
N HIS A 709 6.84 -19.45 -42.02
CA HIS A 709 7.81 -18.42 -41.66
C HIS A 709 7.22 -17.39 -40.70
N VAL A 710 6.02 -16.91 -41.00
CA VAL A 710 5.41 -15.83 -40.24
C VAL A 710 5.11 -16.25 -38.81
N LEU A 711 4.74 -17.50 -38.62
CA LEU A 711 4.37 -17.97 -37.30
C LEU A 711 5.51 -18.77 -36.64
N GLY A 712 6.67 -18.82 -37.29
CA GLY A 712 7.81 -19.54 -36.75
C GLY A 712 7.49 -21.00 -36.53
N ILE A 713 6.72 -21.56 -37.46
CA ILE A 713 6.26 -22.93 -37.40
C ILE A 713 6.90 -23.80 -38.48
N PRO A 714 7.40 -24.98 -38.10
CA PRO A 714 7.87 -25.79 -39.23
C PRO A 714 6.75 -26.63 -39.82
N GLN A 715 6.61 -26.62 -41.15
CA GLN A 715 5.65 -27.47 -41.85
C GLN A 715 4.24 -27.37 -41.27
N MET A 716 3.72 -26.16 -41.10
CA MET A 716 2.40 -25.98 -40.50
C MET A 716 1.33 -26.72 -41.30
N GLY A 717 0.41 -27.37 -40.60
CA GLY A 717 -0.66 -28.03 -41.31
C GLY A 717 -1.61 -26.97 -41.82
N ILE A 718 -2.21 -27.27 -42.97
CA ILE A 718 -3.15 -26.37 -43.62
C ILE A 718 -4.41 -26.08 -42.81
N ASP A 719 -4.89 -27.09 -42.10
CA ASP A 719 -6.16 -26.97 -41.39
C ASP A 719 -6.07 -26.24 -40.06
N ASP A 720 -4.90 -25.71 -39.71
CA ASP A 720 -4.82 -24.99 -38.45
C ASP A 720 -5.08 -23.51 -38.58
N HIS A 721 -5.86 -23.01 -37.63
CA HIS A 721 -6.28 -21.62 -37.54
C HIS A 721 -5.11 -20.67 -37.28
N PHE A 722 -5.12 -19.54 -37.97
CA PHE A 722 -4.05 -18.57 -37.89
C PHE A 722 -3.88 -18.00 -36.47
N LEU A 723 -5.01 -17.64 -35.85
CA LEU A 723 -5.00 -17.07 -34.52
C LEU A 723 -4.56 -18.08 -33.48
N GLU A 724 -4.99 -19.32 -33.66
CA GLU A 724 -4.67 -20.40 -32.74
C GLU A 724 -3.22 -20.85 -32.83
N ARG A 725 -2.50 -20.29 -33.81
CA ARG A 725 -1.11 -20.63 -33.97
C ARG A 725 -0.21 -19.44 -33.66
N GLY A 726 -0.71 -18.54 -32.80
CA GLY A 726 0.08 -17.43 -32.31
C GLY A 726 -0.05 -16.19 -33.17
N GLY A 727 -1.06 -16.18 -34.01
CA GLY A 727 -1.29 -15.06 -34.89
C GLY A 727 -1.81 -13.85 -34.15
N ASP A 728 -1.20 -12.70 -34.42
CA ASP A 728 -1.70 -11.43 -33.94
C ASP A 728 -1.76 -10.51 -35.15
N SER A 729 -2.27 -9.31 -34.96
CA SER A 729 -2.33 -8.32 -36.03
C SER A 729 -1.02 -8.08 -36.76
N ILE A 730 0.09 -7.89 -36.02
CA ILE A 730 1.36 -7.65 -36.71
C ILE A 730 1.78 -8.88 -37.51
N LYS A 731 1.47 -10.08 -37.02
CA LYS A 731 1.78 -11.28 -37.78
C LYS A 731 0.96 -11.33 -39.07
N VAL A 732 -0.23 -10.73 -39.05
CA VAL A 732 -1.06 -10.68 -40.24
C VAL A 732 -0.47 -9.72 -41.26
N MET A 733 -0.08 -8.54 -40.78
CA MET A 733 0.59 -7.52 -41.58
C MET A 733 1.79 -8.08 -42.32
N GLN A 734 2.64 -8.79 -41.59
CA GLN A 734 3.83 -9.39 -42.18
C GLN A 734 3.43 -10.41 -43.24
N LEU A 735 2.36 -11.16 -42.98
CA LEU A 735 1.87 -12.14 -43.93
C LEU A 735 1.35 -11.50 -45.21
N ILE A 736 0.55 -10.46 -45.09
CA ILE A 736 0.08 -9.69 -46.24
C ILE A 736 1.20 -9.27 -47.19
N HIS A 737 2.25 -8.66 -46.63
CA HIS A 737 3.33 -8.11 -47.45
C HIS A 737 4.14 -9.24 -48.06
N GLN A 738 4.23 -10.35 -47.33
CA GLN A 738 4.92 -11.53 -47.82
C GLN A 738 4.11 -12.19 -48.94
N LEU A 739 2.79 -11.95 -48.92
CA LEU A 739 1.89 -12.42 -49.98
C LEU A 739 1.91 -11.48 -51.18
N LYS A 740 2.30 -10.23 -50.92
CA LYS A 740 2.38 -9.22 -51.96
C LYS A 740 3.69 -9.25 -52.71
N ASN A 741 4.80 -9.32 -51.99
CA ASN A 741 6.13 -9.28 -52.61
C ASN A 741 6.36 -10.48 -53.55
N ILE A 742 5.87 -11.65 -53.14
CA ILE A 742 5.99 -12.86 -53.94
C ILE A 742 4.64 -13.57 -54.06
N GLY A 743 3.70 -12.89 -54.70
CA GLY A 743 2.37 -13.46 -54.88
C GLY A 743 1.36 -12.39 -55.23
N LEU A 744 0.10 -12.65 -54.87
CA LEU A 744 -1.00 -11.74 -55.18
C LEU A 744 -1.60 -11.09 -53.93
N SER A 745 -2.44 -10.07 -54.12
CA SER A 745 -2.92 -9.19 -53.04
C SER A 745 -4.06 -9.73 -52.19
N LEU A 746 -3.96 -9.48 -50.88
CA LEU A 746 -4.94 -9.90 -49.87
C LEU A 746 -5.24 -8.76 -48.87
N ARG A 747 -6.48 -8.70 -48.37
CA ARG A 747 -6.83 -7.67 -47.41
C ARG A 747 -6.76 -8.20 -45.99
N TYR A 748 -6.73 -7.28 -45.03
CA TYR A 748 -6.67 -7.64 -43.63
C TYR A 748 -7.93 -8.36 -43.17
N ASP A 749 -9.09 -7.73 -43.40
CA ASP A 749 -10.37 -8.27 -42.95
C ASP A 749 -10.71 -9.60 -43.63
N GLN A 750 -10.29 -9.75 -44.88
CA GLN A 750 -10.52 -10.99 -45.62
C GLN A 750 -9.87 -12.18 -44.92
N LEU A 751 -8.72 -11.93 -44.31
CA LEU A 751 -7.95 -12.96 -43.62
C LEU A 751 -8.66 -13.55 -42.40
N PHE A 752 -9.42 -12.74 -41.68
CA PHE A 752 -10.13 -13.24 -40.50
C PHE A 752 -11.37 -14.06 -40.85
N THR A 753 -12.04 -13.67 -41.93
CA THR A 753 -13.18 -14.44 -42.42
C THR A 753 -12.67 -15.76 -42.98
N HIS A 754 -11.45 -15.74 -43.50
CA HIS A 754 -10.86 -16.95 -44.08
C HIS A 754 -9.52 -17.28 -43.40
N PRO A 755 -9.56 -17.64 -42.10
CA PRO A 755 -8.36 -17.83 -41.26
C PRO A 755 -7.58 -19.11 -41.51
N THR A 756 -8.19 -20.08 -42.20
CA THR A 756 -7.46 -21.27 -42.53
C THR A 756 -7.00 -21.13 -43.96
N ILE A 757 -5.95 -21.86 -44.32
CA ILE A 757 -5.38 -21.77 -45.65
C ILE A 757 -6.37 -22.26 -46.69
N ARG A 758 -7.17 -23.24 -46.27
CA ARG A 758 -8.17 -23.85 -47.13
C ARG A 758 -9.15 -22.81 -47.67
N GLN A 759 -9.65 -21.97 -46.78
CA GLN A 759 -10.47 -20.85 -47.21
C GLN A 759 -9.68 -19.85 -48.04
N LEU A 760 -8.41 -19.64 -47.70
CA LEU A 760 -7.54 -18.73 -48.44
C LEU A 760 -7.29 -19.22 -49.86
N LYS A 761 -7.18 -20.54 -50.00
CA LYS A 761 -6.99 -21.17 -51.31
C LYS A 761 -8.21 -20.83 -52.16
N ARG A 762 -9.37 -20.79 -51.52
CA ARG A 762 -10.62 -20.41 -52.15
C ARG A 762 -10.62 -18.97 -52.66
N LEU A 763 -9.73 -18.14 -52.11
CA LEU A 763 -9.63 -16.74 -52.53
C LEU A 763 -9.25 -16.61 -54.01
N LEU A 764 -8.67 -17.67 -54.59
CA LEU A 764 -8.25 -17.62 -55.99
C LEU A 764 -9.50 -17.63 -56.88
N THR A 765 -10.65 -17.71 -56.24
CA THR A 765 -11.93 -17.63 -56.93
C THR A 765 -12.22 -16.16 -57.21
N GLU A 766 -11.67 -15.29 -56.38
CA GLU A 766 -11.87 -13.86 -56.54
C GLU A 766 -11.12 -13.31 -57.74
N GLN A 767 -9.92 -13.82 -57.98
CA GLN A 767 -9.13 -13.34 -59.10
C GLN A 767 -9.35 -14.12 -60.39
N ALA A 768 -9.85 -15.35 -60.28
CA ALA A 768 -10.24 -16.09 -61.46
C ALA A 768 -11.60 -15.59 -61.95
N ALA A 769 -12.32 -14.93 -61.05
CA ALA A 769 -13.59 -14.29 -61.39
C ALA A 769 -13.35 -13.04 -62.20
N ALA A 770 -12.18 -12.45 -62.00
CA ALA A 770 -11.79 -11.23 -62.72
C ALA A 770 -11.26 -11.55 -64.11
N MET B 1 -31.14 -51.03 -28.76
CA MET B 1 -30.81 -50.09 -29.83
C MET B 1 -30.87 -48.63 -29.36
N GLY B 2 -30.48 -47.73 -30.25
CA GLY B 2 -30.49 -46.29 -29.99
C GLY B 2 -29.14 -45.68 -29.63
N ARG B 3 -28.96 -44.42 -30.03
CA ARG B 3 -27.69 -43.73 -29.82
C ARG B 3 -27.78 -42.71 -28.69
N ILE B 4 -26.76 -42.70 -27.84
CA ILE B 4 -26.72 -41.82 -26.68
C ILE B 4 -25.54 -40.85 -26.66
N LEU B 5 -25.83 -39.56 -26.46
CA LEU B 5 -24.78 -38.55 -26.28
C LEU B 5 -24.52 -38.33 -24.79
N PHE B 6 -23.32 -38.65 -24.33
CA PHE B 6 -22.99 -38.52 -22.91
C PHE B 6 -22.18 -37.26 -22.66
N LEU B 7 -22.79 -36.29 -21.98
CA LEU B 7 -22.12 -35.03 -21.68
C LEU B 7 -21.55 -35.02 -20.27
N THR B 8 -20.26 -34.74 -20.16
CA THR B 8 -19.60 -34.58 -18.88
C THR B 8 -18.38 -33.69 -19.05
N THR B 9 -17.96 -33.03 -17.98
CA THR B 9 -16.70 -32.29 -17.99
C THR B 9 -15.81 -32.69 -16.82
N PHE B 10 -16.41 -33.33 -15.82
CA PHE B 10 -15.66 -33.71 -14.63
C PHE B 10 -15.44 -35.22 -14.53
N MET B 11 -16.45 -35.99 -14.90
CA MET B 11 -16.34 -37.45 -14.84
C MET B 11 -15.45 -37.99 -15.95
N SER B 12 -14.81 -39.12 -15.68
CA SER B 12 -13.91 -39.77 -16.63
C SER B 12 -14.75 -40.44 -17.71
N LYS B 13 -14.10 -41.10 -18.66
CA LYS B 13 -14.84 -41.73 -19.74
C LYS B 13 -15.20 -43.17 -19.43
N GLY B 14 -14.69 -43.70 -18.32
CA GLY B 14 -14.96 -45.07 -17.94
C GLY B 14 -15.85 -45.27 -16.72
N ASN B 15 -16.68 -44.28 -16.40
CA ASN B 15 -17.70 -44.38 -15.37
C ASN B 15 -18.67 -45.56 -15.60
N LYS B 16 -19.20 -46.13 -14.52
CA LYS B 16 -20.20 -47.19 -14.60
C LYS B 16 -21.36 -46.90 -15.56
N VAL B 17 -21.84 -45.66 -15.55
CA VAL B 17 -22.99 -45.31 -16.39
C VAL B 17 -22.69 -45.53 -17.86
N VAL B 18 -21.57 -45.02 -18.35
CA VAL B 18 -21.24 -45.20 -19.76
C VAL B 18 -21.10 -46.67 -20.08
N ARG B 19 -20.41 -47.42 -19.22
CA ARG B 19 -20.17 -48.83 -19.47
C ARG B 19 -21.48 -49.62 -19.48
N TYR B 20 -22.39 -49.27 -18.58
CA TYR B 20 -23.70 -49.92 -18.53
C TYR B 20 -24.49 -49.65 -19.81
N LEU B 21 -24.45 -48.42 -20.30
CA LEU B 21 -25.27 -48.05 -21.44
C LEU B 21 -24.84 -48.79 -22.70
N GLU B 22 -23.54 -48.98 -22.86
CA GLU B 22 -23.03 -49.66 -24.04
C GLU B 22 -23.11 -51.17 -23.89
N SER B 23 -23.00 -51.68 -22.65
CA SER B 23 -23.31 -53.08 -22.36
C SER B 23 -24.67 -53.45 -22.92
N LEU B 24 -25.57 -52.47 -22.91
CA LEU B 24 -26.91 -52.67 -23.41
C LEU B 24 -27.02 -52.43 -24.91
N HIS B 25 -25.86 -52.30 -25.55
CA HIS B 25 -25.76 -52.16 -27.01
C HIS B 25 -26.33 -50.84 -27.50
N HIS B 26 -26.11 -49.79 -26.72
CA HIS B 26 -26.26 -48.41 -27.15
C HIS B 26 -24.91 -47.96 -27.67
N GLU B 27 -24.86 -47.29 -28.82
CA GLU B 27 -23.62 -46.62 -29.16
C GLU B 27 -23.61 -45.27 -28.46
N VAL B 28 -22.70 -45.13 -27.49
CA VAL B 28 -22.62 -43.90 -26.71
C VAL B 28 -21.47 -42.98 -27.12
N VAL B 29 -21.78 -41.91 -27.82
CA VAL B 29 -20.77 -40.90 -28.12
C VAL B 29 -20.50 -40.05 -26.87
N ILE B 30 -19.23 -39.97 -26.48
CA ILE B 30 -18.82 -39.18 -25.31
C ILE B 30 -18.28 -37.84 -25.74
N CYS B 31 -18.76 -36.78 -25.09
CA CYS B 31 -18.40 -35.44 -25.47
C CYS B 31 -18.06 -34.66 -24.21
N GLN B 32 -16.86 -34.09 -24.18
CA GLN B 32 -16.40 -33.46 -22.96
C GLN B 32 -16.20 -31.98 -23.18
N GLU B 33 -16.77 -31.48 -24.29
CA GLU B 33 -16.61 -30.10 -24.74
C GLU B 33 -17.94 -29.36 -24.81
N LYS B 34 -17.88 -28.05 -24.99
CA LYS B 34 -19.08 -27.27 -25.23
C LYS B 34 -19.63 -27.57 -26.62
N VAL B 35 -20.89 -27.95 -26.71
CA VAL B 35 -21.52 -28.20 -28.02
C VAL B 35 -22.77 -27.35 -28.25
N HIS B 36 -23.02 -27.00 -29.50
CA HIS B 36 -24.26 -26.32 -29.87
C HIS B 36 -24.95 -27.02 -31.06
N ALA B 37 -26.09 -26.48 -31.48
CA ALA B 37 -27.08 -27.20 -32.31
C ALA B 37 -26.68 -27.83 -33.65
N GLN B 38 -26.20 -27.04 -34.60
CA GLN B 38 -26.00 -27.59 -35.94
C GLN B 38 -24.88 -28.63 -36.04
N SER B 39 -24.10 -28.78 -34.98
CA SER B 39 -22.94 -29.67 -34.96
C SER B 39 -23.23 -31.02 -35.61
N ALA B 40 -22.30 -31.48 -36.44
CA ALA B 40 -22.50 -32.68 -37.24
C ALA B 40 -22.58 -33.93 -36.38
N ASN B 41 -22.08 -33.83 -35.14
CA ASN B 41 -22.15 -34.94 -34.21
C ASN B 41 -23.38 -34.82 -33.31
N LEU B 42 -24.45 -34.22 -33.85
CA LEU B 42 -25.68 -34.06 -33.08
C LEU B 42 -26.88 -34.68 -33.78
N GLN B 43 -26.72 -35.05 -35.05
CA GLN B 43 -27.74 -35.90 -35.66
C GLN B 43 -27.46 -37.31 -35.19
N GLU B 44 -28.21 -38.27 -35.70
CA GLU B 44 -28.05 -39.66 -35.31
C GLU B 44 -28.05 -39.88 -33.80
N ILE B 45 -28.57 -38.94 -33.02
CA ILE B 45 -28.58 -39.13 -31.58
C ILE B 45 -30.00 -39.15 -31.02
N ASP B 46 -30.27 -40.08 -30.11
CA ASP B 46 -31.60 -40.24 -29.57
C ASP B 46 -31.74 -39.75 -28.13
N TRP B 47 -30.74 -40.07 -27.31
CA TRP B 47 -30.74 -39.66 -25.92
C TRP B 47 -29.51 -38.85 -25.54
N ILE B 48 -29.72 -37.77 -24.80
CA ILE B 48 -28.62 -37.06 -24.19
C ILE B 48 -28.64 -37.29 -22.69
N VAL B 49 -27.53 -37.82 -22.18
CA VAL B 49 -27.36 -38.03 -20.76
C VAL B 49 -26.18 -37.19 -20.27
N SER B 50 -26.49 -36.21 -19.42
CA SER B 50 -25.46 -35.31 -18.94
C SER B 50 -25.16 -35.63 -17.49
N TYR B 51 -23.88 -35.78 -17.17
CA TYR B 51 -23.41 -36.07 -15.81
C TYR B 51 -22.27 -35.12 -15.46
N ALA B 52 -22.51 -34.20 -14.52
CA ALA B 52 -21.51 -33.19 -14.13
C ALA B 52 -20.97 -32.43 -15.34
N TYR B 53 -21.87 -31.96 -16.19
CA TYR B 53 -21.51 -31.20 -17.37
C TYR B 53 -21.40 -29.72 -17.01
N GLY B 54 -20.23 -29.14 -17.25
CA GLY B 54 -19.97 -27.77 -16.84
C GLY B 54 -20.49 -26.67 -17.73
N TYR B 55 -21.34 -27.00 -18.70
CA TYR B 55 -21.94 -25.96 -19.55
C TYR B 55 -23.44 -26.06 -19.59
N ILE B 56 -24.07 -24.96 -20.00
CA ILE B 56 -25.50 -24.97 -20.32
C ILE B 56 -25.66 -25.13 -21.82
N LEU B 57 -26.55 -26.05 -22.19
CA LEU B 57 -26.87 -26.27 -23.59
C LEU B 57 -27.79 -25.15 -24.05
N ASP B 58 -27.53 -24.63 -25.25
CA ASP B 58 -28.44 -23.66 -25.82
C ASP B 58 -29.78 -24.32 -26.05
N LYS B 59 -30.86 -23.57 -25.90
CA LYS B 59 -32.20 -24.15 -25.86
C LYS B 59 -32.51 -24.94 -27.13
N GLU B 60 -31.91 -24.54 -28.24
CA GLU B 60 -32.09 -25.24 -29.51
C GLU B 60 -31.89 -26.76 -29.36
N ILE B 61 -30.94 -27.17 -28.51
CA ILE B 61 -30.76 -28.59 -28.25
C ILE B 61 -31.88 -29.17 -27.40
N VAL B 62 -32.19 -28.49 -26.30
CA VAL B 62 -33.20 -28.99 -25.38
C VAL B 62 -34.58 -29.02 -26.04
N SER B 63 -34.77 -28.18 -27.06
CA SER B 63 -36.02 -28.16 -27.81
C SER B 63 -36.04 -29.26 -28.85
N ARG B 64 -34.90 -29.59 -29.43
CA ARG B 64 -34.86 -30.71 -30.36
C ARG B 64 -34.96 -31.99 -29.54
N PHE B 65 -34.53 -31.92 -28.28
CA PHE B 65 -34.50 -33.10 -27.42
C PHE B 65 -35.40 -33.09 -26.17
N ARG B 66 -36.52 -32.37 -26.25
CA ARG B 66 -37.52 -32.31 -25.19
C ARG B 66 -37.78 -33.71 -24.65
N GLY B 67 -37.69 -33.89 -23.34
CA GLY B 67 -38.01 -35.18 -22.75
C GLY B 67 -36.98 -36.27 -22.99
N ARG B 68 -35.94 -35.93 -23.74
CA ARG B 68 -34.93 -36.91 -24.17
C ARG B 68 -33.55 -36.51 -23.66
N ILE B 69 -33.54 -35.48 -22.82
CA ILE B 69 -32.34 -35.01 -22.16
C ILE B 69 -32.37 -35.40 -20.68
N ILE B 70 -31.49 -36.31 -20.30
CA ILE B 70 -31.44 -36.73 -18.93
C ILE B 70 -30.19 -36.17 -18.24
N ASN B 71 -30.34 -35.64 -17.04
CA ASN B 71 -29.20 -35.15 -16.26
C ASN B 71 -29.05 -35.83 -14.89
N LEU B 72 -27.82 -36.14 -14.51
CA LEU B 72 -27.55 -36.76 -13.21
C LEU B 72 -26.96 -35.79 -12.21
N HIS B 73 -27.76 -35.35 -11.25
CA HIS B 73 -27.34 -34.37 -10.27
C HIS B 73 -27.31 -34.95 -8.87
N PRO B 74 -26.11 -35.09 -8.30
CA PRO B 74 -25.94 -35.72 -6.98
C PRO B 74 -26.42 -34.81 -5.85
N SER B 75 -27.72 -34.55 -5.85
CA SER B 75 -28.38 -33.70 -4.88
C SER B 75 -29.85 -34.02 -4.77
N LEU B 76 -30.46 -33.79 -3.62
CA LEU B 76 -31.92 -33.86 -3.55
C LEU B 76 -32.43 -32.63 -4.29
N LEU B 77 -32.84 -32.87 -5.52
CA LEU B 77 -32.84 -31.84 -6.56
C LEU B 77 -33.51 -30.51 -6.30
N PRO B 78 -34.58 -30.48 -5.49
CA PRO B 78 -34.97 -29.10 -5.18
C PRO B 78 -33.81 -28.35 -4.52
N TRP B 79 -33.06 -29.03 -3.66
CA TRP B 79 -31.94 -28.42 -2.94
C TRP B 79 -30.61 -28.57 -3.69
N ASN B 80 -29.75 -27.58 -3.53
CA ASN B 80 -28.39 -27.62 -4.07
C ASN B 80 -28.34 -27.79 -5.58
N LYS B 81 -29.07 -26.96 -6.28
CA LYS B 81 -28.91 -26.88 -7.72
C LYS B 81 -27.53 -26.30 -8.01
N GLY B 82 -26.99 -26.61 -9.19
CA GLY B 82 -25.72 -26.01 -9.61
C GLY B 82 -24.48 -26.67 -9.07
N ARG B 83 -23.43 -25.89 -8.88
CA ARG B 83 -22.11 -26.42 -8.54
C ARG B 83 -21.99 -26.85 -7.09
N ASP B 84 -21.09 -27.80 -6.87
CA ASP B 84 -20.78 -28.34 -5.54
C ASP B 84 -22.03 -28.68 -4.73
N PRO B 85 -22.96 -29.47 -5.32
CA PRO B 85 -24.21 -29.70 -4.60
C PRO B 85 -23.98 -30.40 -3.27
N VAL B 86 -23.06 -31.37 -3.26
CA VAL B 86 -22.82 -32.16 -2.07
C VAL B 86 -22.20 -31.32 -0.97
N PHE B 87 -21.24 -30.48 -1.34
CA PHE B 87 -20.61 -29.62 -0.36
C PHE B 87 -21.65 -28.76 0.32
N TRP B 88 -22.48 -28.10 -0.49
CA TRP B 88 -23.49 -27.23 0.09
C TRP B 88 -24.54 -28.01 0.87
N SER B 89 -24.82 -29.24 0.47
CA SER B 89 -25.74 -30.07 1.23
C SER B 89 -25.25 -30.23 2.66
N VAL B 90 -23.94 -30.39 2.83
CA VAL B 90 -23.37 -30.60 4.15
C VAL B 90 -23.36 -29.28 4.92
N TRP B 91 -22.83 -28.24 4.29
CA TRP B 91 -22.74 -26.93 4.92
C TRP B 91 -24.10 -26.41 5.38
N ASP B 92 -25.01 -26.26 4.43
CA ASP B 92 -26.33 -25.71 4.74
C ASP B 92 -27.24 -26.69 5.45
N GLU B 93 -26.72 -27.86 5.78
CA GLU B 93 -27.46 -28.90 6.50
C GLU B 93 -28.81 -29.16 5.84
N THR B 94 -28.78 -29.33 4.52
CA THR B 94 -29.97 -29.57 3.74
C THR B 94 -30.29 -31.08 3.69
N PRO B 95 -31.53 -31.45 3.32
CA PRO B 95 -31.79 -32.88 3.14
C PRO B 95 -30.88 -33.48 2.07
N LYS B 96 -30.42 -34.72 2.26
CA LYS B 96 -29.43 -35.27 1.35
C LYS B 96 -30.00 -36.33 0.42
N GLY B 97 -29.49 -36.35 -0.81
CA GLY B 97 -29.85 -37.36 -1.78
C GLY B 97 -29.28 -37.14 -3.17
N VAL B 98 -29.75 -37.92 -4.13
CA VAL B 98 -29.33 -37.81 -5.52
C VAL B 98 -30.55 -37.85 -6.42
N THR B 99 -30.47 -37.17 -7.56
CA THR B 99 -31.62 -37.03 -8.44
C THR B 99 -31.30 -37.19 -9.91
N ILE B 100 -32.07 -38.02 -10.60
CA ILE B 100 -32.03 -38.08 -12.05
C ILE B 100 -33.21 -37.31 -12.62
N HIS B 101 -32.98 -36.32 -13.47
CA HIS B 101 -34.07 -35.41 -13.84
C HIS B 101 -33.98 -34.94 -15.27
N LEU B 102 -35.06 -34.33 -15.76
CA LEU B 102 -35.14 -33.81 -17.12
C LEU B 102 -34.49 -32.41 -17.21
N ILE B 103 -33.85 -32.12 -18.33
CA ILE B 103 -33.26 -30.80 -18.56
C ILE B 103 -34.27 -29.77 -19.06
N ASP B 104 -34.22 -28.57 -18.49
CA ASP B 104 -35.10 -27.48 -18.88
C ASP B 104 -34.26 -26.25 -19.19
N GLU B 105 -34.91 -25.13 -19.47
CA GLU B 105 -34.17 -23.90 -19.80
C GLU B 105 -33.30 -23.39 -18.64
N HIS B 106 -33.77 -23.53 -17.41
CA HIS B 106 -32.99 -23.06 -16.26
C HIS B 106 -32.11 -24.15 -15.67
N VAL B 107 -31.31 -23.79 -14.68
CA VAL B 107 -30.32 -24.69 -14.11
C VAL B 107 -30.94 -25.67 -13.14
N ASP B 108 -31.09 -26.91 -13.59
CA ASP B 108 -31.53 -28.03 -12.73
C ASP B 108 -32.93 -27.79 -12.14
N THR B 109 -33.81 -27.13 -12.88
CA THR B 109 -35.14 -26.87 -12.38
C THR B 109 -36.18 -27.80 -13.02
N GLY B 110 -35.72 -28.72 -13.87
CA GLY B 110 -36.61 -29.61 -14.60
C GLY B 110 -37.25 -30.72 -13.77
N ASP B 111 -38.29 -31.35 -14.31
CA ASP B 111 -39.07 -32.34 -13.56
C ASP B 111 -38.25 -33.58 -13.20
N ILE B 112 -38.57 -34.17 -12.05
CA ILE B 112 -37.82 -35.32 -11.54
C ILE B 112 -38.30 -36.65 -12.13
N LEU B 113 -37.34 -37.46 -12.55
CA LEU B 113 -37.62 -38.81 -13.01
C LEU B 113 -37.44 -39.78 -11.86
N VAL B 114 -36.23 -39.80 -11.27
CA VAL B 114 -35.96 -40.61 -10.10
C VAL B 114 -35.13 -39.83 -9.06
N GLN B 115 -35.44 -40.05 -7.79
CA GLN B 115 -34.75 -39.36 -6.71
C GLN B 115 -34.58 -40.30 -5.52
N GLU B 116 -33.49 -40.15 -4.78
CA GLU B 116 -33.23 -41.07 -3.69
C GLU B 116 -32.50 -40.39 -2.57
N GLU B 117 -32.90 -40.67 -1.33
CA GLU B 117 -32.24 -40.07 -0.18
C GLU B 117 -30.93 -40.78 0.11
N ILE B 118 -29.91 -40.03 0.52
CA ILE B 118 -28.62 -40.60 0.91
C ILE B 118 -28.20 -40.07 2.28
N ALA B 119 -27.30 -40.79 2.95
CA ALA B 119 -26.84 -40.41 4.28
C ALA B 119 -25.31 -40.27 4.34
N PHE B 120 -24.83 -39.27 5.06
CA PHE B 120 -23.40 -39.10 5.33
C PHE B 120 -23.08 -39.26 6.82
N ALA B 121 -21.87 -39.70 7.13
CA ALA B 121 -21.43 -39.87 8.52
C ALA B 121 -20.51 -38.72 8.96
N ASP B 122 -20.47 -38.45 10.26
CA ASP B 122 -19.65 -37.35 10.79
C ASP B 122 -18.16 -37.43 10.44
N GLU B 123 -17.63 -38.65 10.32
CA GLU B 123 -16.18 -38.79 10.17
C GLU B 123 -15.75 -38.87 8.72
N ASP B 124 -16.73 -39.01 7.82
CA ASP B 124 -16.43 -39.01 6.40
C ASP B 124 -16.03 -37.61 5.97
N THR B 125 -15.02 -37.53 5.10
CA THR B 125 -14.57 -36.26 4.55
C THR B 125 -15.48 -35.80 3.42
N LEU B 126 -15.32 -34.54 3.03
CA LEU B 126 -16.11 -33.95 1.94
C LEU B 126 -15.88 -34.69 0.64
N LEU B 127 -14.67 -35.19 0.43
CA LEU B 127 -14.37 -35.98 -0.76
C LEU B 127 -15.08 -37.32 -0.72
N ASP B 128 -15.13 -37.94 0.47
CA ASP B 128 -15.86 -39.20 0.64
C ASP B 128 -17.31 -39.05 0.26
N CYS B 129 -17.92 -38.00 0.80
CA CYS B 129 -19.31 -37.69 0.53
C CYS B 129 -19.56 -37.51 -0.95
N TYR B 130 -18.66 -36.77 -1.60
CA TYR B 130 -18.73 -36.56 -3.03
C TYR B 130 -18.76 -37.88 -3.79
N ASN B 131 -17.89 -38.81 -3.40
CA ASN B 131 -17.84 -40.13 -4.02
C ASN B 131 -19.06 -40.98 -3.72
N LYS B 132 -19.51 -40.97 -2.46
CA LYS B 132 -20.68 -41.74 -2.06
C LYS B 132 -21.87 -41.27 -2.87
N ALA B 133 -21.97 -39.96 -3.05
CA ALA B 133 -23.05 -39.37 -3.81
C ALA B 133 -22.99 -39.77 -5.27
N ASN B 134 -21.82 -39.64 -5.87
CA ASN B 134 -21.65 -40.04 -7.27
C ASN B 134 -21.96 -41.52 -7.47
N GLN B 135 -21.41 -42.37 -6.62
CA GLN B 135 -21.66 -43.80 -6.71
C GLN B 135 -23.14 -44.14 -6.63
N ALA B 136 -23.81 -43.57 -5.63
CA ALA B 136 -25.25 -43.77 -5.45
C ALA B 136 -26.04 -43.37 -6.69
N ILE B 137 -25.74 -42.20 -7.24
CA ILE B 137 -26.55 -41.69 -8.34
C ILE B 137 -26.30 -42.45 -9.64
N GLU B 138 -25.09 -42.96 -9.83
CA GLU B 138 -24.80 -43.70 -11.05
C GLU B 138 -25.46 -45.06 -10.96
N GLU B 139 -25.36 -45.70 -9.79
CA GLU B 139 -25.97 -47.00 -9.61
C GLU B 139 -27.50 -46.90 -9.69
N LEU B 140 -28.06 -45.82 -9.16
CA LEU B 140 -29.49 -45.53 -9.34
C LEU B 140 -29.85 -45.42 -10.81
N PHE B 141 -29.02 -44.73 -11.58
CA PHE B 141 -29.23 -44.61 -13.02
C PHE B 141 -29.27 -45.97 -13.69
N ILE B 142 -28.42 -46.86 -13.23
CA ILE B 142 -28.35 -48.20 -13.79
C ILE B 142 -29.65 -48.98 -13.50
N ARG B 143 -30.19 -48.82 -12.29
CA ARG B 143 -31.45 -49.46 -11.94
C ARG B 143 -32.63 -48.91 -12.74
N GLU B 144 -32.67 -47.60 -12.90
CA GLU B 144 -33.82 -46.97 -13.51
C GLU B 144 -33.73 -46.63 -15.00
N TRP B 145 -32.61 -46.93 -15.64
CA TRP B 145 -32.45 -46.53 -17.02
C TRP B 145 -33.47 -47.17 -17.98
N GLU B 146 -33.74 -48.47 -17.83
CA GLU B 146 -34.70 -49.11 -18.73
C GLU B 146 -36.11 -48.53 -18.55
N ASN B 147 -36.50 -48.21 -17.32
CA ASN B 147 -37.77 -47.53 -17.09
C ASN B 147 -37.84 -46.16 -17.78
N ILE B 148 -36.72 -45.44 -17.78
CA ILE B 148 -36.65 -44.09 -18.33
C ILE B 148 -36.70 -44.08 -19.86
N VAL B 149 -35.92 -44.97 -20.48
CA VAL B 149 -35.85 -45.06 -21.94
C VAL B 149 -37.18 -45.53 -22.56
N HIS B 150 -37.91 -46.39 -21.85
CA HIS B 150 -39.20 -46.88 -22.32
C HIS B 150 -40.30 -45.86 -22.03
N GLY B 151 -39.95 -44.82 -21.29
CA GLY B 151 -40.85 -43.71 -21.04
C GLY B 151 -41.98 -44.05 -20.09
N ARG B 152 -41.75 -45.01 -19.20
CA ARG B 152 -42.80 -45.45 -18.29
C ARG B 152 -42.75 -44.74 -16.95
N ILE B 153 -41.80 -43.84 -16.76
CA ILE B 153 -41.74 -43.07 -15.53
C ILE B 153 -42.50 -41.76 -15.70
N ALA B 154 -43.36 -41.48 -14.72
CA ALA B 154 -44.07 -40.21 -14.66
C ALA B 154 -43.20 -39.12 -14.05
N PRO B 155 -42.80 -38.12 -14.87
CA PRO B 155 -42.02 -37.03 -14.29
C PRO B 155 -42.88 -36.22 -13.34
N TYR B 156 -42.31 -35.84 -12.19
CA TYR B 156 -43.01 -34.96 -11.27
C TYR B 156 -42.22 -33.69 -11.06
N ARG B 157 -42.94 -32.60 -10.88
CA ARG B 157 -42.32 -31.32 -10.63
C ARG B 157 -41.55 -31.34 -9.30
N GLN B 158 -40.43 -30.63 -9.25
CA GLN B 158 -39.71 -30.44 -8.01
C GLN B 158 -40.54 -29.64 -7.03
N THR B 159 -40.35 -29.93 -5.74
CA THR B 159 -40.94 -29.12 -4.69
C THR B 159 -40.48 -27.69 -4.91
N ALA B 160 -41.36 -26.72 -4.69
CA ALA B 160 -40.98 -25.32 -4.85
C ALA B 160 -39.89 -25.00 -3.81
N GLY B 161 -39.06 -24.01 -4.08
CA GLY B 161 -37.99 -23.65 -3.16
C GLY B 161 -36.65 -24.34 -3.46
N GLY B 162 -35.83 -24.52 -2.44
CA GLY B 162 -34.54 -25.14 -2.63
C GLY B 162 -33.44 -24.10 -2.74
N THR B 163 -32.23 -24.55 -3.06
CA THR B 163 -31.10 -23.63 -3.20
C THR B 163 -30.34 -23.79 -4.51
N LEU B 164 -29.52 -22.80 -4.82
CA LEU B 164 -28.73 -22.76 -6.06
C LEU B 164 -27.38 -22.11 -5.77
N HIS B 165 -26.33 -22.75 -6.25
CA HIS B 165 -24.98 -22.26 -6.06
C HIS B 165 -24.20 -22.23 -7.35
N PHE B 166 -23.38 -21.20 -7.50
CA PHE B 166 -22.52 -21.04 -8.65
C PHE B 166 -21.09 -21.38 -8.32
N LYS B 167 -20.26 -21.38 -9.36
CA LYS B 167 -18.87 -21.81 -9.24
C LYS B 167 -18.14 -21.08 -8.12
N ALA B 168 -18.30 -19.76 -8.07
CA ALA B 168 -17.49 -18.92 -7.21
C ALA B 168 -17.92 -18.99 -5.74
N ASP B 169 -19.14 -19.46 -5.51
CA ASP B 169 -19.69 -19.51 -4.17
C ASP B 169 -18.86 -20.31 -3.16
N ARG B 170 -18.01 -21.23 -3.65
CA ARG B 170 -17.25 -22.10 -2.76
C ARG B 170 -15.84 -21.57 -2.51
N ASP B 171 -15.55 -20.39 -3.06
CA ASP B 171 -14.23 -19.79 -2.96
C ASP B 171 -13.77 -19.64 -1.50
N PHE B 172 -14.59 -18.96 -0.71
CA PHE B 172 -14.34 -18.80 0.72
C PHE B 172 -14.04 -20.13 1.41
N TYR B 173 -14.60 -21.23 0.90
CA TYR B 173 -14.47 -22.51 1.59
C TYR B 173 -13.48 -23.44 0.92
N LYS B 174 -12.65 -22.88 0.03
CA LYS B 174 -11.75 -23.68 -0.79
C LYS B 174 -10.73 -24.50 0.00
N ASN B 175 -10.50 -24.15 1.26
CA ASN B 175 -9.53 -24.89 2.06
C ASN B 175 -10.20 -25.97 2.89
N LEU B 176 -11.49 -26.18 2.67
CA LEU B 176 -12.24 -27.09 3.51
C LEU B 176 -12.48 -28.43 2.83
N ASN B 177 -11.89 -28.62 1.65
CA ASN B 177 -12.15 -29.79 0.83
C ASN B 177 -11.87 -31.12 1.55
N MET B 178 -10.88 -31.13 2.43
CA MET B 178 -10.48 -32.37 3.09
C MET B 178 -11.06 -32.53 4.49
N THR B 179 -11.90 -31.59 4.91
CA THR B 179 -12.52 -31.65 6.24
C THR B 179 -13.63 -32.71 6.34
N THR B 180 -13.91 -33.17 7.56
CA THR B 180 -15.01 -34.11 7.76
C THR B 180 -16.28 -33.34 8.08
N VAL B 181 -17.40 -34.05 8.08
CA VAL B 181 -18.70 -33.44 8.33
C VAL B 181 -18.77 -32.79 9.72
N ARG B 182 -18.25 -33.46 10.74
CA ARG B 182 -18.26 -32.87 12.07
C ARG B 182 -17.42 -31.61 12.15
N GLU B 183 -16.19 -31.67 11.61
CA GLU B 183 -15.29 -30.52 11.66
C GLU B 183 -15.86 -29.33 10.93
N LEU B 184 -16.62 -29.63 9.86
CA LEU B 184 -17.12 -28.58 8.97
C LEU B 184 -18.34 -27.87 9.56
N LEU B 185 -19.22 -28.63 10.22
CA LEU B 185 -20.35 -28.02 10.91
C LEU B 185 -19.85 -27.32 12.16
N ALA B 186 -18.83 -27.90 12.79
CA ALA B 186 -18.19 -27.29 13.95
C ALA B 186 -17.61 -25.93 13.57
N LEU B 187 -16.87 -25.92 12.47
CA LEU B 187 -16.32 -24.69 11.91
C LEU B 187 -17.43 -23.69 11.62
N LYS B 188 -18.56 -24.21 11.16
CA LYS B 188 -19.71 -23.39 10.83
C LYS B 188 -20.29 -22.79 12.11
N ARG B 189 -20.39 -23.60 13.16
CA ARG B 189 -20.94 -23.14 14.43
C ARG B 189 -20.09 -22.01 14.98
N LEU B 190 -18.77 -22.14 14.86
CA LEU B 190 -17.86 -21.16 15.42
C LEU B 190 -17.70 -19.89 14.61
N CYS B 191 -17.79 -19.98 13.29
CA CYS B 191 -17.46 -18.82 12.49
C CYS B 191 -18.61 -18.20 11.70
N ALA B 192 -19.82 -18.71 11.88
CA ALA B 192 -20.95 -18.18 11.15
C ALA B 192 -22.28 -18.35 11.86
N GLU B 193 -23.33 -17.81 11.23
CA GLU B 193 -24.72 -17.89 11.68
C GLU B 193 -25.18 -17.10 12.92
N PRO B 194 -24.31 -16.31 13.55
CA PRO B 194 -24.82 -15.65 14.75
C PRO B 194 -25.77 -14.51 14.42
N LYS B 195 -26.51 -14.07 15.43
CA LYS B 195 -27.20 -12.78 15.39
C LYS B 195 -28.52 -12.76 14.61
N ARG B 196 -29.10 -13.93 14.36
CA ARG B 196 -30.42 -14.03 13.73
C ARG B 196 -31.49 -13.26 14.52
N GLY B 197 -31.39 -13.30 15.84
CA GLY B 197 -32.34 -12.63 16.71
C GLY B 197 -31.75 -11.47 17.50
N GLU B 198 -30.49 -11.15 17.24
CA GLU B 198 -29.80 -10.06 17.96
C GLU B 198 -30.29 -8.63 17.71
N LYS B 199 -30.37 -7.90 18.82
CA LYS B 199 -30.78 -6.51 18.90
C LYS B 199 -29.59 -5.57 18.68
N PRO B 200 -29.75 -4.54 17.84
CA PRO B 200 -28.67 -3.56 17.70
C PRO B 200 -28.57 -2.76 18.99
N ILE B 201 -27.44 -2.06 19.20
CA ILE B 201 -27.23 -1.34 20.45
C ILE B 201 -28.18 -0.16 20.65
N ASP B 202 -28.20 0.76 19.69
CA ASP B 202 -29.14 1.88 19.72
C ASP B 202 -29.08 2.83 20.93
N LYS B 203 -28.03 2.78 21.73
CA LYS B 203 -27.89 3.73 22.85
C LYS B 203 -26.42 4.11 23.08
N THR B 204 -26.19 5.30 23.63
CA THR B 204 -24.82 5.78 23.91
C THR B 204 -24.42 5.55 25.36
N PHE B 205 -23.12 5.57 25.60
CA PHE B 205 -22.59 5.36 26.95
C PHE B 205 -23.22 6.31 27.96
N HIS B 206 -23.24 7.60 27.65
CA HIS B 206 -23.71 8.56 28.65
C HIS B 206 -25.22 8.43 28.86
N GLN B 207 -25.94 7.88 27.92
CA GLN B 207 -27.35 7.58 28.14
C GLN B 207 -27.49 6.50 29.23
N LEU B 208 -26.72 5.43 29.10
CA LEU B 208 -26.79 4.32 30.04
C LEU B 208 -26.27 4.74 31.39
N PHE B 209 -25.26 5.60 31.37
CA PHE B 209 -24.68 6.07 32.62
C PHE B 209 -25.70 6.89 33.41
N GLU B 210 -26.37 7.80 32.71
CA GLU B 210 -27.40 8.64 33.33
C GLU B 210 -28.52 7.82 33.93
N GLN B 211 -28.87 6.72 33.28
CA GLN B 211 -29.86 5.80 33.84
C GLN B 211 -29.33 5.16 35.13
N GLN B 212 -28.09 4.69 35.08
CA GLN B 212 -27.43 4.08 36.24
C GLN B 212 -27.38 5.03 37.41
N VAL B 213 -27.20 6.32 37.10
CA VAL B 213 -27.22 7.34 38.13
C VAL B 213 -28.61 7.38 38.78
N GLU B 214 -29.64 7.36 37.95
CA GLU B 214 -31.00 7.43 38.45
C GLU B 214 -31.30 6.24 39.36
N MET B 215 -30.62 5.12 39.09
CA MET B 215 -30.87 3.90 39.85
C MET B 215 -30.10 3.87 41.17
N THR B 216 -28.85 4.37 41.16
CA THR B 216 -28.03 4.36 42.37
C THR B 216 -27.29 5.67 42.59
N PRO B 217 -28.03 6.76 42.79
CA PRO B 217 -27.45 8.11 42.76
C PRO B 217 -26.51 8.38 43.93
N ASP B 218 -26.73 7.69 45.04
CA ASP B 218 -26.00 7.97 46.27
C ASP B 218 -24.90 6.95 46.52
N HIS B 219 -24.72 6.01 45.60
CA HIS B 219 -23.58 5.10 45.67
C HIS B 219 -22.29 5.79 45.24
N VAL B 220 -21.18 5.37 45.84
CA VAL B 220 -19.89 5.95 45.49
C VAL B 220 -19.49 5.55 44.08
N ALA B 221 -19.33 6.53 43.21
CA ALA B 221 -18.95 6.23 41.84
C ALA B 221 -17.43 6.15 41.76
N VAL B 222 -16.74 7.15 42.29
CA VAL B 222 -15.29 7.20 42.15
C VAL B 222 -14.58 7.67 43.41
N VAL B 223 -13.46 7.02 43.73
CA VAL B 223 -12.66 7.35 44.90
C VAL B 223 -11.21 7.67 44.53
N ASP B 224 -10.71 8.79 45.03
CA ASP B 224 -9.29 9.17 44.94
C ASP B 224 -8.86 9.63 46.32
N ARG B 225 -7.88 8.96 46.92
CA ARG B 225 -7.42 9.27 48.29
C ARG B 225 -8.59 9.03 49.26
N GLY B 226 -8.95 10.05 50.03
CA GLY B 226 -10.09 9.99 50.91
C GLY B 226 -11.31 10.55 50.22
N GLN B 227 -11.09 11.29 49.13
CA GLN B 227 -12.18 11.98 48.46
C GLN B 227 -12.91 11.09 47.48
N SER B 228 -14.22 11.29 47.42
CA SER B 228 -15.06 10.47 46.59
C SER B 228 -16.26 11.25 46.09
N LEU B 229 -16.78 10.79 44.95
CA LEU B 229 -17.97 11.35 44.37
C LEU B 229 -19.01 10.25 44.17
N THR B 230 -20.22 10.55 44.58
CA THR B 230 -21.37 9.69 44.33
C THR B 230 -21.76 9.79 42.86
N TYR B 231 -22.61 8.86 42.41
CA TYR B 231 -23.08 8.89 41.04
C TYR B 231 -23.79 10.21 40.74
N LYS B 232 -24.62 10.66 41.67
CA LYS B 232 -25.32 11.92 41.49
C LYS B 232 -24.29 13.07 41.45
N GLN B 233 -23.31 13.02 42.36
CA GLN B 233 -22.31 14.08 42.39
C GLN B 233 -21.49 14.10 41.11
N LEU B 234 -20.99 12.94 40.70
CA LEU B 234 -20.20 12.81 39.49
C LEU B 234 -20.97 13.25 38.23
N ASN B 235 -22.23 12.86 38.14
CA ASN B 235 -23.08 13.22 37.00
C ASN B 235 -23.27 14.72 36.89
N GLU B 236 -23.59 15.34 38.03
CA GLU B 236 -23.88 16.76 38.10
C GLU B 236 -22.69 17.61 37.68
N ARG B 237 -21.52 17.28 38.21
CA ARG B 237 -20.31 18.01 37.88
C ARG B 237 -19.95 17.84 36.40
N ALA B 238 -19.98 16.60 35.92
CA ALA B 238 -19.67 16.33 34.53
C ALA B 238 -20.62 17.12 33.64
N ASN B 239 -21.87 17.20 34.08
CA ASN B 239 -22.87 17.96 33.35
C ASN B 239 -22.51 19.45 33.30
N GLN B 240 -22.11 20.00 34.43
CA GLN B 240 -21.74 21.42 34.49
C GLN B 240 -20.62 21.73 33.51
N LEU B 241 -19.60 20.88 33.52
CA LEU B 241 -18.50 21.03 32.61
C LEU B 241 -18.99 20.77 31.19
N ALA B 242 -19.92 19.85 31.04
CA ALA B 242 -20.42 19.49 29.71
C ALA B 242 -21.17 20.66 29.07
N HIS B 243 -22.00 21.33 29.86
CA HIS B 243 -22.74 22.49 29.36
C HIS B 243 -21.80 23.52 28.79
N HIS B 244 -20.73 23.79 29.53
CA HIS B 244 -19.74 24.75 29.09
C HIS B 244 -19.08 24.30 27.80
N LEU B 245 -18.73 23.01 27.73
CA LEU B 245 -18.08 22.46 26.55
C LEU B 245 -18.93 22.59 25.30
N ARG B 246 -20.20 22.21 25.40
CA ARG B 246 -21.12 22.35 24.27
C ARG B 246 -21.32 23.83 23.97
N GLY B 247 -21.27 24.65 25.02
CA GLY B 247 -21.39 26.08 24.84
C GLY B 247 -20.20 26.63 24.10
N LYS B 248 -19.05 25.97 24.25
CA LYS B 248 -17.81 26.40 23.59
C LYS B 248 -17.65 25.81 22.20
N GLY B 249 -18.68 25.11 21.74
CA GLY B 249 -18.76 24.66 20.36
C GLY B 249 -18.50 23.18 20.12
N VAL B 250 -18.38 22.42 21.20
CA VAL B 250 -18.23 20.98 21.05
C VAL B 250 -19.48 20.43 20.39
N LYS B 251 -19.30 19.65 19.33
CA LYS B 251 -20.42 19.05 18.61
C LYS B 251 -20.20 17.54 18.50
N PRO B 252 -21.25 16.78 18.14
CA PRO B 252 -20.98 15.34 18.00
C PRO B 252 -19.88 15.08 16.98
N ASP B 253 -19.05 14.08 17.29
CA ASP B 253 -17.90 13.63 16.51
C ASP B 253 -16.74 14.62 16.59
N ASP B 254 -16.85 15.61 17.48
CA ASP B 254 -15.75 16.54 17.72
C ASP B 254 -14.75 15.98 18.72
N GLN B 255 -13.47 16.07 18.38
CA GLN B 255 -12.43 15.64 19.28
C GLN B 255 -12.14 16.73 20.29
N VAL B 256 -12.18 16.35 21.56
CA VAL B 256 -11.82 17.24 22.64
C VAL B 256 -10.72 16.56 23.42
N ALA B 257 -9.56 17.21 23.47
CA ALA B 257 -8.41 16.60 24.11
C ALA B 257 -8.45 16.79 25.62
N ILE B 258 -7.97 15.79 26.34
CA ILE B 258 -7.88 15.86 27.78
C ILE B 258 -6.47 15.51 28.19
N MET B 259 -5.84 16.48 28.85
CA MET B 259 -4.47 16.33 29.32
C MET B 259 -4.42 16.44 30.85
N LEU B 260 -4.51 15.31 31.55
CA LEU B 260 -4.56 15.31 33.02
C LEU B 260 -3.87 14.09 33.65
N ASP B 261 -3.52 14.23 34.92
CA ASP B 261 -3.07 13.08 35.70
C ASP B 261 -4.26 12.36 36.34
N LYS B 262 -4.07 11.10 36.75
CA LYS B 262 -5.12 10.35 37.44
C LYS B 262 -5.76 11.15 38.56
N SER B 263 -7.07 11.34 38.46
CA SER B 263 -7.77 12.20 39.39
C SER B 263 -9.26 12.18 39.16
N LEU B 264 -9.98 12.75 40.13
CA LEU B 264 -11.41 12.97 39.99
C LEU B 264 -11.72 13.85 38.79
N ASP B 265 -10.89 14.88 38.58
CA ASP B 265 -11.08 15.80 37.46
C ASP B 265 -11.02 15.06 36.13
N MET B 266 -10.27 13.96 36.08
CA MET B 266 -10.11 13.20 34.86
C MET B 266 -11.42 12.49 34.48
N ILE B 267 -12.05 11.85 35.44
CA ILE B 267 -13.34 11.18 35.22
C ILE B 267 -14.42 12.18 34.84
N VAL B 268 -14.45 13.31 35.55
CA VAL B 268 -15.42 14.37 35.29
C VAL B 268 -15.28 14.93 33.86
N SER B 269 -14.04 15.17 33.43
CA SER B 269 -13.78 15.74 32.11
C SER B 269 -14.12 14.73 31.00
N ILE B 270 -13.81 13.46 31.23
CA ILE B 270 -14.20 12.40 30.30
C ILE B 270 -15.71 12.39 30.12
N LEU B 271 -16.43 12.23 31.22
CA LEU B 271 -17.89 12.26 31.13
C LEU B 271 -18.42 13.55 30.52
N ALA B 272 -17.77 14.66 30.80
CA ALA B 272 -18.23 15.94 30.27
C ALA B 272 -18.16 15.97 28.75
N VAL B 273 -17.03 15.52 28.21
CA VAL B 273 -16.81 15.48 26.77
C VAL B 273 -17.88 14.62 26.08
N MET B 274 -18.18 13.44 26.62
CA MET B 274 -19.28 12.64 26.08
C MET B 274 -20.61 13.38 26.14
N LYS B 275 -21.00 13.76 27.35
CA LYS B 275 -22.29 14.38 27.62
C LYS B 275 -22.45 15.67 26.83
N ALA B 276 -21.34 16.37 26.60
CA ALA B 276 -21.34 17.51 25.69
C ALA B 276 -21.64 17.07 24.25
N GLY B 277 -21.16 15.88 23.89
CA GLY B 277 -21.46 15.33 22.58
C GLY B 277 -20.25 14.86 21.79
N GLY B 278 -19.07 15.32 22.19
CA GLY B 278 -17.86 15.02 21.44
C GLY B 278 -17.21 13.74 21.91
N ALA B 279 -16.03 13.46 21.36
CA ALA B 279 -15.23 12.33 21.82
C ALA B 279 -13.92 12.82 22.43
N TYR B 280 -13.46 12.17 23.48
CA TYR B 280 -12.27 12.68 24.16
C TYR B 280 -11.00 12.03 23.65
N VAL B 281 -9.93 12.81 23.64
CA VAL B 281 -8.63 12.35 23.21
C VAL B 281 -7.64 12.45 24.39
N PRO B 282 -7.33 11.31 25.02
CA PRO B 282 -6.43 11.35 26.18
C PRO B 282 -5.00 11.67 25.80
N ILE B 283 -4.43 12.66 26.46
CA ILE B 283 -3.05 13.05 26.20
C ILE B 283 -2.24 12.98 27.48
N ASP B 284 -1.32 12.03 27.54
CA ASP B 284 -0.43 11.88 28.67
C ASP B 284 0.44 13.14 28.86
N PRO B 285 0.29 13.82 30.02
CA PRO B 285 1.03 15.06 30.28
C PRO B 285 2.53 14.84 30.39
N ASP B 286 2.94 13.62 30.67
CA ASP B 286 4.37 13.33 30.73
C ASP B 286 4.98 13.01 29.37
N TYR B 287 4.22 13.25 28.30
CA TYR B 287 4.76 13.05 26.96
C TYR B 287 5.62 14.25 26.58
N PRO B 288 6.59 14.05 25.66
CA PRO B 288 7.36 15.16 25.09
C PRO B 288 6.46 16.19 24.44
N GLY B 289 6.80 17.47 24.57
CA GLY B 289 6.00 18.52 24.01
C GLY B 289 5.88 18.39 22.50
N GLU B 290 6.89 17.80 21.87
CA GLU B 290 6.81 17.50 20.45
C GLU B 290 5.73 16.49 20.17
N ARG B 291 5.76 15.41 20.93
CA ARG B 291 4.77 14.36 20.81
C ARG B 291 3.37 14.85 21.11
N ILE B 292 3.25 15.63 22.17
CA ILE B 292 1.99 16.21 22.55
C ILE B 292 1.45 17.11 21.46
N ALA B 293 2.36 17.90 20.88
CA ALA B 293 1.97 18.83 19.82
C ALA B 293 1.44 18.05 18.63
N TYR B 294 2.07 16.91 18.36
CA TYR B 294 1.68 16.08 17.23
C TYR B 294 0.28 15.53 17.43
N MET B 295 0.05 14.91 18.59
CA MET B 295 -1.27 14.43 18.99
C MET B 295 -2.35 15.51 18.90
N LEU B 296 -1.99 16.74 19.25
CA LEU B 296 -2.92 17.86 19.11
C LEU B 296 -3.07 18.29 17.66
N ALA B 297 -1.99 18.14 16.88
CA ALA B 297 -2.05 18.48 15.47
C ALA B 297 -2.94 17.49 14.74
N ASP B 298 -2.59 16.21 14.84
CA ASP B 298 -3.29 15.14 14.17
C ASP B 298 -4.78 15.13 14.52
N SER B 299 -5.07 15.03 15.80
CA SER B 299 -6.43 15.23 16.27
C SER B 299 -6.89 16.63 15.89
N SER B 300 -8.16 16.77 15.55
CA SER B 300 -8.70 18.06 15.14
C SER B 300 -9.10 18.91 16.35
N ALA B 301 -8.58 18.55 17.52
CA ALA B 301 -9.05 19.10 18.78
C ALA B 301 -8.92 20.62 18.86
N ALA B 302 -10.06 21.30 18.88
CA ALA B 302 -10.07 22.75 19.01
C ALA B 302 -10.08 23.15 20.48
N ILE B 303 -10.49 22.22 21.34
CA ILE B 303 -10.57 22.47 22.77
C ILE B 303 -9.71 21.50 23.58
N LEU B 304 -9.00 22.01 24.59
CA LEU B 304 -8.21 21.14 25.45
C LEU B 304 -8.53 21.32 26.93
N LEU B 305 -8.85 20.21 27.58
CA LEU B 305 -9.13 20.21 29.00
C LEU B 305 -7.89 19.82 29.78
N THR B 306 -7.44 20.72 30.65
CA THR B 306 -6.21 20.50 31.40
C THR B 306 -6.17 21.41 32.63
N ASN B 307 -5.14 21.25 33.46
CA ASN B 307 -4.90 22.12 34.61
C ASN B 307 -3.83 23.17 34.31
N ALA B 308 -3.70 24.18 35.16
CA ALA B 308 -2.65 25.19 35.02
C ALA B 308 -1.26 24.59 35.02
N LEU B 309 -1.09 23.53 35.81
CA LEU B 309 0.16 22.80 35.87
C LEU B 309 0.64 22.34 34.50
N HIS B 310 -0.24 21.75 33.68
CA HIS B 310 0.17 21.17 32.41
C HIS B 310 -0.14 22.03 31.18
N GLU B 311 -0.83 23.14 31.40
CA GLU B 311 -1.25 24.07 30.35
C GLU B 311 -0.16 24.40 29.32
N GLU B 312 1.03 24.76 29.80
CA GLU B 312 2.10 25.27 28.96
C GLU B 312 2.70 24.18 28.06
N LYS B 313 2.53 22.92 28.46
CA LYS B 313 3.01 21.79 27.67
C LYS B 313 2.37 21.66 26.30
N ALA B 314 1.34 22.46 26.03
CA ALA B 314 0.67 22.42 24.73
C ALA B 314 1.16 23.52 23.80
N ASN B 315 1.94 24.46 24.34
CA ASN B 315 2.56 25.54 23.60
C ASN B 315 1.58 26.38 22.79
N GLY B 316 0.41 26.64 23.38
CA GLY B 316 -0.59 27.49 22.77
C GLY B 316 -1.23 26.91 21.52
N ALA B 317 -0.98 25.63 21.28
CA ALA B 317 -1.52 24.91 20.12
C ALA B 317 -3.04 24.95 20.06
N CYS B 318 -3.65 25.06 21.23
CA CYS B 318 -5.09 24.90 21.34
C CYS B 318 -5.69 25.77 22.44
N ASP B 319 -6.97 26.10 22.30
CA ASP B 319 -7.69 26.80 23.38
C ASP B 319 -7.90 25.90 24.60
N ILE B 320 -7.61 26.46 25.77
CA ILE B 320 -7.53 25.69 27.00
C ILE B 320 -8.76 25.88 27.88
N ILE B 321 -9.23 24.79 28.45
CA ILE B 321 -10.24 24.89 29.47
C ILE B 321 -9.69 24.25 30.75
N ASP B 322 -9.55 25.07 31.79
CA ASP B 322 -8.97 24.64 33.06
C ASP B 322 -10.05 23.95 33.90
N VAL B 323 -9.84 22.68 34.24
CA VAL B 323 -10.83 21.97 35.04
C VAL B 323 -10.84 22.47 36.49
N HIS B 324 -9.93 23.38 36.80
CA HIS B 324 -9.81 23.94 38.14
C HIS B 324 -10.21 25.41 38.23
N ASP B 325 -10.57 25.98 37.08
CA ASP B 325 -11.11 27.32 37.02
C ASP B 325 -12.62 27.20 37.19
N PRO B 326 -13.17 27.84 38.24
CA PRO B 326 -14.62 27.79 38.45
C PRO B 326 -15.42 28.35 37.26
N ASP B 327 -14.80 29.17 36.42
CA ASP B 327 -15.49 29.73 35.25
C ASP B 327 -15.76 28.64 34.21
N SER B 328 -15.03 27.53 34.32
CA SER B 328 -15.19 26.40 33.40
C SER B 328 -16.50 25.62 33.60
N TYR B 329 -17.11 25.77 34.77
CA TYR B 329 -18.34 25.03 35.05
C TYR B 329 -19.55 25.92 35.06
N SER B 330 -20.57 25.51 34.32
CA SER B 330 -21.82 26.21 34.29
C SER B 330 -22.63 25.92 35.56
N GLU B 331 -23.60 26.77 35.84
CA GLU B 331 -24.47 26.56 36.98
C GLU B 331 -25.32 25.30 36.83
N ASN B 332 -25.76 25.00 35.61
CA ASN B 332 -26.68 23.89 35.35
C ASN B 332 -26.16 22.51 35.75
N THR B 333 -27.01 21.73 36.42
CA THR B 333 -26.62 20.41 36.90
C THR B 333 -27.45 19.31 36.24
N ASN B 334 -28.32 19.70 35.32
CA ASN B 334 -29.17 18.74 34.64
C ASN B 334 -28.46 18.09 33.47
N ASN B 335 -28.81 16.84 33.21
CA ASN B 335 -28.34 16.14 32.03
C ASN B 335 -28.66 16.92 30.76
N LEU B 336 -27.67 17.04 29.88
CA LEU B 336 -27.85 17.77 28.64
C LEU B 336 -28.86 17.04 27.73
N PRO B 337 -29.54 17.79 26.86
CA PRO B 337 -30.37 17.17 25.82
C PRO B 337 -29.48 16.33 24.91
N HIS B 338 -29.91 15.11 24.60
CA HIS B 338 -29.10 14.22 23.77
C HIS B 338 -29.06 14.64 22.31
N VAL B 339 -27.86 14.61 21.75
CA VAL B 339 -27.61 14.99 20.36
C VAL B 339 -26.77 13.87 19.72
N ASN B 340 -26.40 12.88 20.53
CA ASN B 340 -25.55 11.80 20.03
C ASN B 340 -26.33 10.51 19.77
N ARG B 341 -25.98 9.85 18.68
CA ARG B 341 -26.52 8.53 18.37
C ARG B 341 -25.36 7.53 18.37
N PRO B 342 -25.65 6.22 18.49
CA PRO B 342 -24.61 5.23 18.84
C PRO B 342 -23.38 5.22 17.93
N ASP B 343 -23.48 5.82 16.76
CA ASP B 343 -22.39 5.72 15.80
C ASP B 343 -21.47 6.93 15.89
N ASP B 344 -21.75 7.80 16.84
CA ASP B 344 -20.85 8.90 17.12
C ASP B 344 -19.62 8.38 17.85
N LEU B 345 -18.48 9.05 17.65
CA LEU B 345 -17.25 8.70 18.35
C LEU B 345 -17.40 8.87 19.86
N VAL B 346 -16.77 7.96 20.62
CA VAL B 346 -16.74 8.13 22.06
C VAL B 346 -15.34 8.54 22.53
N TYR B 347 -14.30 8.01 21.89
CA TYR B 347 -12.93 8.41 22.20
C TYR B 347 -11.97 8.07 21.07
N VAL B 348 -10.83 8.75 21.07
CA VAL B 348 -9.74 8.47 20.13
C VAL B 348 -8.45 8.18 20.86
N MET B 349 -7.88 6.99 20.70
CA MET B 349 -6.61 6.70 21.38
C MET B 349 -5.50 6.38 20.39
N TYR B 350 -4.33 6.96 20.61
CA TYR B 350 -3.20 6.75 19.73
C TYR B 350 -2.41 5.50 20.02
N THR B 351 -2.11 4.76 18.96
CA THR B 351 -1.31 3.55 19.06
C THR B 351 -0.23 3.54 18.00
N SER B 352 0.74 2.65 18.16
CA SER B 352 1.75 2.50 17.13
C SER B 352 1.10 1.81 15.93
N GLY B 353 1.04 2.56 14.83
CA GLY B 353 0.42 2.13 13.60
C GLY B 353 1.38 1.35 12.73
N SER B 354 0.98 1.05 11.50
CA SER B 354 1.77 0.14 10.67
C SER B 354 3.10 0.69 10.13
N THR B 355 3.14 1.99 9.85
CA THR B 355 4.34 2.61 9.29
C THR B 355 4.34 4.10 9.60
N GLY B 356 5.52 4.68 9.82
CA GLY B 356 5.59 6.10 10.11
C GLY B 356 5.13 6.44 11.51
N LEU B 357 4.73 7.69 11.70
CA LEU B 357 4.45 8.19 13.05
C LEU B 357 3.19 7.52 13.57
N ALA B 358 2.78 7.84 14.79
CA ALA B 358 1.66 7.13 15.42
C ALA B 358 0.29 7.49 14.85
N LYS B 359 -0.65 6.56 15.00
CA LYS B 359 -1.97 6.70 14.42
C LYS B 359 -3.08 6.79 15.47
N GLY B 360 -4.06 7.65 15.20
CA GLY B 360 -5.22 7.80 16.07
C GLY B 360 -6.39 6.87 15.75
N VAL B 361 -6.63 5.94 16.68
CA VAL B 361 -7.71 4.96 16.56
C VAL B 361 -9.04 5.53 17.04
N MET B 362 -10.04 5.54 16.17
CA MET B 362 -11.34 6.10 16.49
C MET B 362 -12.33 5.04 16.97
N ILE B 363 -12.81 5.20 18.21
CA ILE B 363 -13.77 4.26 18.78
C ILE B 363 -15.12 4.95 18.97
N GLU B 364 -16.20 4.25 18.63
CA GLU B 364 -17.52 4.86 18.64
C GLU B 364 -18.38 4.37 19.79
N HIS B 365 -19.42 5.14 20.12
CA HIS B 365 -20.24 4.87 21.27
C HIS B 365 -20.80 3.44 21.30
N HIS B 366 -21.40 3.00 20.19
CA HIS B 366 -22.00 1.66 20.14
C HIS B 366 -20.98 0.54 20.42
N ASN B 367 -19.74 0.79 20.00
CA ASN B 367 -18.63 -0.11 20.30
C ASN B 367 -18.43 -0.32 21.79
N LEU B 368 -18.29 0.80 22.51
CA LEU B 368 -18.05 0.80 23.94
C LEU B 368 -19.25 0.26 24.72
N VAL B 369 -20.45 0.66 24.29
CA VAL B 369 -21.68 0.19 24.91
C VAL B 369 -21.81 -1.32 24.77
N ASN B 370 -21.49 -1.84 23.59
CA ASN B 370 -21.50 -3.27 23.41
C ASN B 370 -20.59 -3.95 24.41
N PHE B 371 -19.37 -3.43 24.54
CA PHE B 371 -18.39 -4.01 25.45
C PHE B 371 -18.84 -4.00 26.92
N CYS B 372 -19.34 -2.87 27.38
CA CYS B 372 -19.78 -2.81 28.78
C CYS B 372 -20.96 -3.73 29.02
N GLU B 373 -21.89 -3.74 28.07
CA GLU B 373 -23.11 -4.51 28.22
C GLU B 373 -22.79 -6.00 28.25
N TRP B 374 -21.64 -6.36 27.70
CA TRP B 374 -21.17 -7.72 27.80
C TRP B 374 -20.51 -7.94 29.17
N TYR B 375 -19.64 -7.01 29.53
CA TYR B 375 -18.83 -7.04 30.76
C TYR B 375 -19.63 -7.18 32.03
N ARG B 376 -20.66 -6.34 32.18
CA ARG B 376 -21.45 -6.33 33.42
C ARG B 376 -22.04 -7.70 33.78
N PRO B 377 -22.81 -8.34 32.87
CA PRO B 377 -23.33 -9.65 33.26
C PRO B 377 -22.29 -10.76 33.28
N TYR B 378 -21.30 -10.69 32.38
CA TYR B 378 -20.28 -11.72 32.29
C TYR B 378 -19.46 -11.86 33.58
N PHE B 379 -19.13 -10.74 34.22
CA PHE B 379 -18.36 -10.81 35.45
C PHE B 379 -19.27 -10.62 36.67
N GLY B 380 -20.57 -10.51 36.40
CA GLY B 380 -21.58 -10.36 37.44
C GLY B 380 -21.28 -9.19 38.36
N VAL B 381 -20.94 -8.06 37.75
CA VAL B 381 -20.58 -6.87 38.51
C VAL B 381 -21.79 -6.19 39.11
N THR B 382 -21.78 -5.99 40.42
CA THR B 382 -22.88 -5.33 41.11
C THR B 382 -22.36 -4.07 41.78
N PRO B 383 -23.27 -3.16 42.20
CA PRO B 383 -22.88 -1.98 42.98
C PRO B 383 -22.05 -2.31 44.21
N ALA B 384 -22.16 -3.54 44.70
CA ALA B 384 -21.32 -4.02 45.79
C ALA B 384 -19.83 -3.98 45.41
N ASP B 385 -19.55 -4.00 44.12
CA ASP B 385 -18.16 -4.12 43.65
C ASP B 385 -17.36 -2.83 43.74
N LYS B 386 -16.05 -3.00 43.82
CA LYS B 386 -15.11 -1.90 43.87
C LYS B 386 -14.04 -2.15 42.83
N ALA B 387 -13.78 -1.17 41.96
CA ALA B 387 -12.83 -1.36 40.87
C ALA B 387 -11.68 -0.36 40.89
N LEU B 388 -10.52 -0.81 40.44
CA LEU B 388 -9.33 0.03 40.38
C LEU B 388 -9.21 0.73 39.03
N VAL B 389 -8.88 2.01 39.07
CA VAL B 389 -8.49 2.73 37.87
C VAL B 389 -6.95 2.69 37.79
N TYR B 390 -6.41 1.63 37.21
CA TYR B 390 -4.98 1.40 37.24
C TYR B 390 -4.25 1.85 35.98
N SER B 391 -4.65 1.31 34.83
CA SER B 391 -3.97 1.56 33.57
C SER B 391 -3.83 3.04 33.21
N SER B 392 -2.90 3.30 32.30
CA SER B 392 -2.68 4.67 31.91
C SER B 392 -3.90 5.20 31.18
N PHE B 393 -3.97 6.52 31.18
CA PHE B 393 -5.09 7.30 30.70
C PHE B 393 -5.22 7.26 29.18
N SER B 394 -4.12 6.98 28.50
CA SER B 394 -4.11 7.09 27.07
C SER B 394 -4.29 5.74 26.41
N PHE B 395 -4.58 4.74 27.23
CA PHE B 395 -4.79 3.41 26.70
C PHE B 395 -6.14 2.86 27.16
N ASP B 396 -6.73 2.02 26.33
CA ASP B 396 -8.11 1.56 26.52
C ASP B 396 -8.30 0.66 27.74
N GLY B 397 -7.20 0.28 28.38
CA GLY B 397 -7.31 -0.40 29.65
C GLY B 397 -8.03 0.50 30.64
N SER B 398 -7.77 1.79 30.57
CA SER B 398 -8.48 2.75 31.40
C SER B 398 -9.96 2.75 31.02
N ALA B 399 -10.25 2.59 29.73
CA ALA B 399 -11.64 2.59 29.27
C ALA B 399 -12.40 1.44 29.92
N LEU B 400 -11.73 0.30 30.01
CA LEU B 400 -12.25 -0.85 30.70
C LEU B 400 -12.46 -0.51 32.16
N ASP B 401 -11.45 0.06 32.81
CA ASP B 401 -11.54 0.33 34.24
C ASP B 401 -12.69 1.27 34.54
N ILE B 402 -12.80 2.34 33.78
CA ILE B 402 -13.76 3.37 34.07
C ILE B 402 -15.18 3.01 33.63
N PHE B 403 -15.33 2.66 32.35
CA PHE B 403 -16.66 2.63 31.73
C PHE B 403 -17.51 1.40 32.10
N THR B 404 -16.91 0.22 32.05
CA THR B 404 -17.63 -0.98 32.40
C THR B 404 -18.17 -0.92 33.82
N HIS B 405 -17.39 -0.39 34.75
CA HIS B 405 -17.80 -0.42 36.14
C HIS B 405 -18.79 0.68 36.49
N LEU B 406 -18.71 1.81 35.80
CA LEU B 406 -19.68 2.88 36.03
C LEU B 406 -21.09 2.45 35.58
N LEU B 407 -21.19 1.58 34.58
CA LEU B 407 -22.52 1.13 34.13
C LEU B 407 -23.06 0.03 35.02
N ALA B 408 -22.25 -0.46 35.94
CA ALA B 408 -22.67 -1.52 36.87
C ALA B 408 -23.01 -0.93 38.22
N GLY B 409 -22.76 0.37 38.37
CA GLY B 409 -23.00 1.04 39.63
C GLY B 409 -21.95 0.75 40.67
N ALA B 410 -20.83 0.17 40.26
CA ALA B 410 -19.73 -0.14 41.17
C ALA B 410 -18.90 1.12 41.46
N ALA B 411 -17.95 1.01 42.38
CA ALA B 411 -17.13 2.16 42.77
C ALA B 411 -15.74 2.10 42.14
N LEU B 412 -15.37 3.19 41.49
CA LEU B 412 -14.01 3.32 40.95
C LEU B 412 -13.03 3.88 41.97
N HIS B 413 -11.89 3.21 42.11
CA HIS B 413 -10.84 3.76 42.94
C HIS B 413 -9.65 4.18 42.11
N ILE B 414 -9.43 5.48 42.05
CA ILE B 414 -8.28 6.01 41.33
C ILE B 414 -7.02 5.47 42.00
N VAL B 415 -6.13 4.89 41.21
CA VAL B 415 -4.80 4.56 41.69
C VAL B 415 -3.86 5.71 41.42
N PRO B 416 -3.38 6.37 42.49
CA PRO B 416 -2.33 7.41 42.43
C PRO B 416 -0.97 6.78 42.16
N SER B 417 -0.03 7.57 41.65
CA SER B 417 1.31 7.05 41.36
C SER B 417 2.00 6.58 42.63
N GLU B 418 1.50 7.09 43.75
CA GLU B 418 1.96 6.74 45.08
C GLU B 418 1.93 5.22 45.31
N ARG B 419 0.87 4.57 44.83
CA ARG B 419 0.73 3.12 44.95
C ARG B 419 0.85 2.36 43.63
N LYS B 420 0.78 3.08 42.52
CA LYS B 420 0.71 2.50 41.18
C LYS B 420 1.85 1.54 40.84
N TYR B 421 3.05 1.82 41.35
CA TYR B 421 4.21 0.95 41.09
C TYR B 421 4.58 0.11 42.32
N ASP B 422 4.24 0.60 43.51
CA ASP B 422 4.40 -0.15 44.75
C ASP B 422 3.17 -1.06 45.01
N LEU B 423 3.20 -2.26 44.44
CA LEU B 423 2.08 -3.18 44.54
C LEU B 423 1.82 -3.74 45.96
N ASP B 424 2.81 -3.68 46.85
CA ASP B 424 2.59 -4.08 48.25
C ASP B 424 1.60 -3.10 48.86
N ALA B 425 1.79 -1.83 48.52
CA ALA B 425 0.95 -0.78 49.04
C ALA B 425 -0.40 -0.80 48.35
N LEU B 426 -0.41 -1.06 47.05
CA LEU B 426 -1.66 -1.22 46.32
C LEU B 426 -2.50 -2.36 46.89
N ASN B 427 -1.83 -3.48 47.20
CA ASN B 427 -2.48 -4.64 47.79
C ASN B 427 -3.09 -4.33 49.17
N ASP B 428 -2.32 -3.63 50.01
CA ASP B 428 -2.83 -3.16 51.29
C ASP B 428 -4.05 -2.27 51.07
N TYR B 429 -3.94 -1.33 50.14
CA TYR B 429 -5.07 -0.47 49.79
C TYR B 429 -6.28 -1.31 49.45
N CYS B 430 -6.05 -2.37 48.68
CA CYS B 430 -7.11 -3.25 48.24
C CYS B 430 -7.77 -4.03 49.37
N ASN B 431 -6.96 -4.57 50.28
CA ASN B 431 -7.55 -5.34 51.37
C ASN B 431 -8.33 -4.42 52.28
N GLN B 432 -7.85 -3.20 52.44
CA GLN B 432 -8.51 -2.18 53.25
C GLN B 432 -9.82 -1.71 52.67
N GLU B 433 -9.80 -1.38 51.38
CA GLU B 433 -10.98 -0.83 50.72
C GLU B 433 -11.95 -1.90 50.20
N GLY B 434 -11.49 -3.14 50.14
CA GLY B 434 -12.31 -4.21 49.61
C GLY B 434 -12.46 -4.09 48.09
N ILE B 435 -11.34 -3.89 47.38
CA ILE B 435 -11.36 -3.84 45.92
C ILE B 435 -11.65 -5.24 45.36
N THR B 436 -12.80 -5.40 44.72
CA THR B 436 -13.26 -6.75 44.37
C THR B 436 -12.90 -7.19 42.95
N ILE B 437 -12.75 -6.23 42.05
CA ILE B 437 -12.51 -6.56 40.64
C ILE B 437 -11.79 -5.43 39.90
N SER B 438 -10.85 -5.79 39.04
CA SER B 438 -10.13 -4.79 38.25
C SER B 438 -9.40 -5.40 37.09
N TYR B 439 -8.95 -4.54 36.19
CA TYR B 439 -8.10 -4.96 35.11
C TYR B 439 -6.68 -4.53 35.43
N LEU B 440 -5.76 -5.48 35.46
CA LEU B 440 -4.35 -5.16 35.59
C LEU B 440 -3.65 -5.66 34.34
N PRO B 441 -2.83 -4.80 33.71
CA PRO B 441 -1.97 -5.23 32.60
C PRO B 441 -1.12 -6.40 33.05
N THR B 442 -0.67 -7.22 32.11
CA THR B 442 -0.02 -8.47 32.42
C THR B 442 1.20 -8.34 33.35
N GLY B 443 1.99 -7.31 33.12
CA GLY B 443 3.19 -7.03 33.91
C GLY B 443 2.89 -6.75 35.36
N ALA B 444 1.96 -5.84 35.59
CA ALA B 444 1.53 -5.53 36.95
C ALA B 444 0.82 -6.72 37.56
N ALA B 445 -0.08 -7.34 36.81
CA ALA B 445 -0.89 -8.40 37.36
C ALA B 445 -0.02 -9.56 37.84
N GLU B 446 0.94 -9.98 37.02
CA GLU B 446 1.77 -11.12 37.41
C GLU B 446 2.53 -10.81 38.70
N GLN B 447 3.06 -9.60 38.85
CA GLN B 447 3.70 -9.22 40.11
C GLN B 447 2.70 -9.14 41.25
N PHE B 448 1.48 -8.70 40.95
CA PHE B 448 0.44 -8.61 41.97
C PHE B 448 0.03 -9.95 42.53
N MET B 449 0.26 -11.01 41.77
CA MET B 449 -0.18 -12.33 42.18
C MET B 449 0.58 -12.82 43.41
N GLN B 450 1.80 -12.31 43.59
CA GLN B 450 2.61 -12.66 44.74
C GLN B 450 2.05 -12.05 46.03
N MET B 451 1.47 -10.86 45.93
CA MET B 451 0.87 -10.21 47.08
C MET B 451 -0.26 -11.08 47.62
N ASP B 452 -0.32 -11.22 48.93
CA ASP B 452 -1.42 -11.96 49.55
C ASP B 452 -2.67 -11.07 49.64
N ASN B 453 -3.62 -11.33 48.77
CA ASN B 453 -4.79 -10.50 48.65
C ASN B 453 -6.00 -11.32 49.04
N GLN B 454 -6.85 -10.73 49.87
CA GLN B 454 -8.09 -11.37 50.28
C GLN B 454 -9.24 -10.58 49.69
N SER B 455 -8.89 -9.45 49.10
CA SER B 455 -9.86 -8.48 48.60
C SER B 455 -10.61 -8.92 47.34
N PHE B 456 -9.86 -9.38 46.34
CA PHE B 456 -10.42 -9.60 45.00
C PHE B 456 -11.27 -10.84 44.83
N ARG B 457 -12.21 -10.73 43.92
CA ARG B 457 -13.02 -11.86 43.49
C ARG B 457 -12.61 -12.21 42.06
N VAL B 458 -12.20 -11.18 41.33
CA VAL B 458 -11.81 -11.30 39.93
C VAL B 458 -10.71 -10.30 39.55
N VAL B 459 -9.65 -10.78 38.92
CA VAL B 459 -8.74 -9.87 38.28
C VAL B 459 -8.62 -10.28 36.80
N ILE B 460 -8.52 -9.28 35.94
CA ILE B 460 -8.50 -9.46 34.50
C ILE B 460 -7.20 -8.91 33.94
N THR B 461 -6.59 -9.67 33.04
CA THR B 461 -5.35 -9.23 32.43
C THR B 461 -5.36 -9.44 30.92
N GLY B 462 -4.55 -8.66 30.22
CA GLY B 462 -4.43 -8.73 28.78
C GLY B 462 -3.41 -7.73 28.27
N GLY B 463 -3.22 -7.68 26.96
CA GLY B 463 -2.35 -6.69 26.35
C GLY B 463 -0.92 -7.16 26.13
N ASP B 464 -0.57 -8.26 26.79
CA ASP B 464 0.71 -8.91 26.62
C ASP B 464 0.52 -10.40 26.91
N VAL B 465 1.44 -11.22 26.45
CA VAL B 465 1.31 -12.66 26.63
C VAL B 465 1.44 -13.05 28.10
N LEU B 466 0.38 -13.64 28.64
CA LEU B 466 0.37 -14.04 30.05
C LEU B 466 1.15 -15.33 30.26
N LYS B 467 2.16 -15.25 31.12
CA LYS B 467 3.03 -16.40 31.37
C LYS B 467 2.77 -17.05 32.72
N LYS B 468 2.64 -16.25 33.77
CA LYS B 468 2.48 -16.77 35.13
C LYS B 468 1.03 -16.71 35.62
N ILE B 469 0.55 -17.78 36.27
CA ILE B 469 -0.82 -17.78 36.79
C ILE B 469 -0.93 -18.20 38.26
N GLU B 470 0.20 -18.57 38.85
CA GLU B 470 0.22 -18.96 40.27
C GLU B 470 0.06 -17.73 41.15
N ARG B 471 -0.90 -17.77 42.07
CA ARG B 471 -1.31 -16.58 42.83
C ARG B 471 -1.76 -16.81 44.28
N ASN B 472 -1.51 -15.82 45.14
CA ASN B 472 -1.79 -15.92 46.57
C ASN B 472 -3.17 -15.43 46.99
N GLY B 473 -4.05 -15.26 46.03
CA GLY B 473 -5.41 -14.83 46.32
C GLY B 473 -6.46 -15.90 46.06
N THR B 474 -7.66 -15.61 46.52
CA THR B 474 -8.81 -16.48 46.31
C THR B 474 -9.66 -16.01 45.12
N TYR B 475 -9.10 -15.17 44.26
CA TYR B 475 -9.85 -14.58 43.15
C TYR B 475 -9.68 -15.35 41.83
N LYS B 476 -10.68 -15.30 40.97
CA LYS B 476 -10.55 -15.88 39.63
C LYS B 476 -9.70 -15.00 38.73
N LEU B 477 -8.98 -15.62 37.80
CA LEU B 477 -8.12 -14.87 36.90
C LEU B 477 -8.60 -14.98 35.46
N TYR B 478 -8.64 -13.86 34.74
CA TYR B 478 -9.09 -13.84 33.35
C TYR B 478 -8.03 -13.22 32.44
N ASN B 479 -7.82 -13.85 31.31
CA ASN B 479 -6.94 -13.30 30.30
C ASN B 479 -7.73 -12.92 29.04
N GLY B 480 -7.68 -11.67 28.65
CA GLY B 480 -8.42 -11.27 27.47
C GLY B 480 -7.54 -10.70 26.36
N TYR B 481 -8.12 -10.59 25.17
CA TYR B 481 -7.41 -10.10 24.01
C TYR B 481 -8.29 -9.16 23.20
N GLY B 482 -7.63 -8.32 22.42
CA GLY B 482 -8.30 -7.43 21.50
C GLY B 482 -7.36 -6.31 21.13
N PRO B 483 -7.38 -5.93 19.85
CA PRO B 483 -6.59 -4.79 19.41
C PRO B 483 -7.32 -3.51 19.78
N THR B 484 -6.61 -2.40 19.83
CA THR B 484 -7.21 -1.15 20.26
C THR B 484 -8.31 -0.77 19.29
N GLU B 485 -8.08 -1.15 18.03
CA GLU B 485 -9.00 -0.86 16.93
C GLU B 485 -10.35 -1.52 17.10
N CYS B 486 -10.40 -2.59 17.90
CA CYS B 486 -11.66 -3.28 18.10
C CYS B 486 -12.20 -3.14 19.52
N THR B 487 -11.91 -2.00 20.15
CA THR B 487 -12.49 -1.62 21.46
C THR B 487 -12.21 -2.49 22.70
N ILE B 488 -11.03 -2.29 23.28
CA ILE B 488 -10.62 -2.93 24.53
C ILE B 488 -10.34 -4.42 24.34
N MET B 489 -11.40 -5.21 24.26
CA MET B 489 -11.28 -6.67 24.09
C MET B 489 -12.41 -7.24 23.24
N VAL B 490 -12.06 -8.17 22.38
CA VAL B 490 -13.07 -8.88 21.61
C VAL B 490 -13.25 -10.29 22.18
N THR B 491 -12.32 -10.68 23.04
CA THR B 491 -12.23 -12.07 23.48
C THR B 491 -11.87 -12.21 24.96
N MET B 492 -12.45 -13.20 25.63
CA MET B 492 -12.21 -13.37 27.05
C MET B 492 -12.00 -14.85 27.37
N PHE B 493 -11.08 -15.12 28.28
CA PHE B 493 -10.81 -16.50 28.71
C PHE B 493 -10.70 -16.55 30.22
N GLU B 494 -11.38 -17.49 30.84
CA GLU B 494 -11.17 -17.71 32.26
C GLU B 494 -10.02 -18.69 32.42
N VAL B 495 -8.91 -18.18 32.94
CA VAL B 495 -7.73 -19.00 33.19
C VAL B 495 -8.02 -20.05 34.25
N ASP B 496 -8.09 -21.32 33.84
CA ASP B 496 -8.46 -22.38 34.77
C ASP B 496 -7.27 -23.31 35.06
N LYS B 497 -6.40 -23.46 34.08
CA LYS B 497 -5.32 -24.42 34.15
C LYS B 497 -4.04 -23.70 33.76
N PRO B 498 -2.89 -24.29 34.05
CA PRO B 498 -1.67 -23.73 33.46
C PRO B 498 -1.60 -24.10 31.98
N TYR B 499 -0.96 -23.26 31.16
CA TYR B 499 -0.79 -23.52 29.73
C TYR B 499 0.59 -23.03 29.25
N ALA B 500 1.15 -23.73 28.27
CA ALA B 500 2.35 -23.23 27.61
C ALA B 500 1.98 -21.96 26.85
N ASN B 501 0.84 -22.03 26.15
CA ASN B 501 0.22 -20.89 25.49
C ASN B 501 -1.18 -20.71 26.04
N ILE B 502 -1.34 -19.84 27.01
CA ILE B 502 -2.67 -19.58 27.57
C ILE B 502 -3.58 -19.01 26.50
N PRO B 503 -4.69 -19.71 26.22
CA PRO B 503 -5.61 -19.21 25.19
C PRO B 503 -6.16 -17.83 25.51
N ILE B 504 -6.66 -17.13 24.51
CA ILE B 504 -7.30 -15.86 24.79
C ILE B 504 -8.82 -16.01 24.87
N GLY B 505 -9.34 -17.21 24.60
CA GLY B 505 -10.76 -17.52 24.83
C GLY B 505 -11.76 -17.33 23.70
N LYS B 506 -13.03 -17.13 24.06
CA LYS B 506 -14.09 -16.98 23.06
C LYS B 506 -14.50 -15.51 22.91
N PRO B 507 -15.07 -15.16 21.73
CA PRO B 507 -15.46 -13.78 21.44
C PRO B 507 -16.50 -13.22 22.40
N ILE B 508 -16.53 -11.91 22.55
CA ILE B 508 -17.55 -11.28 23.38
C ILE B 508 -18.83 -11.12 22.56
N ASP B 509 -19.83 -10.47 23.13
CA ASP B 509 -21.11 -10.23 22.48
C ASP B 509 -20.98 -9.55 21.12
N ARG B 510 -21.83 -9.97 20.18
CA ARG B 510 -21.97 -9.32 18.87
C ARG B 510 -20.69 -9.26 18.06
N THR B 511 -19.77 -10.17 18.36
CA THR B 511 -18.53 -10.24 17.61
C THR B 511 -18.24 -11.67 17.16
N ARG B 512 -17.69 -11.81 15.96
CA ARG B 512 -17.18 -13.09 15.48
C ARG B 512 -15.74 -12.96 15.08
N ILE B 513 -15.01 -14.04 15.31
CA ILE B 513 -13.60 -14.12 14.96
C ILE B 513 -13.35 -15.22 13.93
N LEU B 514 -12.71 -14.83 12.84
CA LEU B 514 -12.43 -15.70 11.70
C LEU B 514 -10.93 -15.91 11.52
N ILE B 515 -10.49 -17.15 11.48
CA ILE B 515 -9.10 -17.44 11.17
C ILE B 515 -8.95 -17.68 9.65
N LEU B 516 -8.36 -16.73 8.94
CA LEU B 516 -8.31 -16.79 7.48
C LEU B 516 -6.90 -16.95 6.90
N ASP B 517 -6.82 -17.54 5.71
CA ASP B 517 -5.54 -17.65 5.02
C ASP B 517 -5.27 -16.36 4.26
N GLU B 518 -4.13 -16.33 3.58
CA GLU B 518 -3.69 -15.13 2.87
C GLU B 518 -4.65 -14.72 1.74
N ALA B 519 -5.40 -15.68 1.23
CA ALA B 519 -6.36 -15.41 0.15
C ALA B 519 -7.69 -14.94 0.72
N LEU B 520 -7.74 -14.84 2.06
CA LEU B 520 -8.90 -14.41 2.84
C LEU B 520 -9.97 -15.49 2.91
N ALA B 521 -9.57 -16.72 2.58
CA ALA B 521 -10.47 -17.88 2.68
C ALA B 521 -10.40 -18.50 4.08
N LEU B 522 -11.53 -19.06 4.50
CA LEU B 522 -11.66 -19.74 5.78
C LEU B 522 -10.63 -20.85 5.98
N GLN B 523 -10.12 -20.96 7.21
CA GLN B 523 -9.22 -22.03 7.60
C GLN B 523 -9.93 -23.07 8.48
N PRO B 524 -9.55 -24.35 8.35
CA PRO B 524 -10.13 -25.39 9.19
C PRO B 524 -9.79 -25.18 10.66
N ILE B 525 -10.64 -25.65 11.55
CA ILE B 525 -10.40 -25.57 12.99
C ILE B 525 -9.08 -26.23 13.32
N GLY B 526 -8.22 -25.54 14.07
CA GLY B 526 -6.95 -26.11 14.46
C GLY B 526 -5.83 -25.60 13.57
N VAL B 527 -6.20 -24.99 12.45
CA VAL B 527 -5.24 -24.54 11.45
C VAL B 527 -4.94 -23.05 11.61
N ALA B 528 -3.66 -22.73 11.78
CA ALA B 528 -3.25 -21.36 12.00
C ALA B 528 -3.53 -20.45 10.81
N GLY B 529 -3.75 -19.17 11.10
CA GLY B 529 -4.03 -18.19 10.08
C GLY B 529 -4.10 -16.82 10.71
N GLU B 530 -4.44 -15.82 9.89
CA GLU B 530 -4.60 -14.46 10.38
C GLU B 530 -5.94 -14.32 11.06
N LEU B 531 -5.94 -13.59 12.17
CA LEU B 531 -7.15 -13.41 12.94
C LEU B 531 -7.93 -12.22 12.39
N PHE B 532 -9.17 -12.49 12.00
CA PHE B 532 -10.08 -11.44 11.58
C PHE B 532 -11.19 -11.25 12.58
N ILE B 533 -11.59 -10.00 12.79
CA ILE B 533 -12.67 -9.72 13.70
C ILE B 533 -13.81 -9.11 12.92
N VAL B 534 -15.02 -9.51 13.30
CA VAL B 534 -16.24 -9.02 12.69
C VAL B 534 -17.23 -8.69 13.78
N GLY B 535 -17.92 -7.57 13.64
CA GLY B 535 -19.03 -7.25 14.52
C GLY B 535 -19.00 -5.90 15.21
N GLU B 536 -19.85 -5.76 16.22
CA GLU B 536 -20.06 -4.46 16.88
C GLU B 536 -18.80 -3.90 17.53
N GLY B 537 -17.79 -4.73 17.71
CA GLY B 537 -16.54 -4.26 18.29
C GLY B 537 -15.72 -3.37 17.37
N LEU B 538 -15.83 -3.56 16.05
CA LEU B 538 -15.03 -2.80 15.09
C LEU B 538 -15.34 -1.31 15.13
N GLY B 539 -14.29 -0.50 15.32
CA GLY B 539 -14.40 0.95 15.35
C GLY B 539 -14.44 1.58 13.98
N ARG B 540 -14.36 2.91 13.92
CA ARG B 540 -14.45 3.63 12.64
C ARG B 540 -13.14 3.62 11.83
N GLY B 541 -12.02 3.29 12.47
CA GLY B 541 -10.75 3.28 11.78
C GLY B 541 -9.77 4.33 12.29
N TYR B 542 -8.77 4.65 11.49
CA TYR B 542 -7.72 5.60 11.86
C TYR B 542 -8.04 7.02 11.41
N LEU B 543 -7.94 7.97 12.34
CA LEU B 543 -8.27 9.37 12.06
C LEU B 543 -7.37 9.98 10.97
N ASN B 544 -7.99 10.49 9.90
CA ASN B 544 -7.28 11.13 8.79
C ASN B 544 -6.29 10.21 8.07
N ARG B 545 -6.47 8.91 8.23
CA ARG B 545 -5.64 7.94 7.52
C ARG B 545 -6.53 6.96 6.74
N PRO B 546 -7.24 7.46 5.71
CA PRO B 546 -8.24 6.64 5.00
C PRO B 546 -7.63 5.44 4.28
N GLU B 547 -6.39 5.60 3.85
CA GLU B 547 -5.65 4.53 3.19
C GLU B 547 -5.37 3.32 4.10
N LEU B 548 -4.90 3.58 5.32
CA LEU B 548 -4.54 2.51 6.23
C LEU B 548 -5.79 1.79 6.72
N THR B 549 -6.87 2.55 6.87
CA THR B 549 -8.14 1.98 7.28
C THR B 549 -8.61 0.94 6.26
N ALA B 550 -8.47 1.28 4.99
CA ALA B 550 -8.83 0.37 3.90
C ALA B 550 -8.09 -0.95 3.99
N GLU B 551 -6.82 -0.91 4.38
CA GLU B 551 -6.03 -2.14 4.50
C GLU B 551 -6.52 -2.96 5.68
N LYS B 552 -6.83 -2.28 6.76
CA LYS B 552 -7.18 -2.94 8.00
C LYS B 552 -8.67 -3.18 8.16
N PHE B 553 -9.49 -2.26 7.65
CA PHE B 553 -10.93 -2.48 7.64
C PHE B 553 -11.43 -2.82 6.24
N ILE B 554 -11.45 -4.10 5.92
CA ILE B 554 -11.78 -4.55 4.58
C ILE B 554 -13.23 -4.97 4.44
N VAL B 555 -13.75 -4.83 3.23
CA VAL B 555 -15.02 -5.43 2.85
C VAL B 555 -14.66 -6.77 2.23
N HIS B 556 -15.09 -7.84 2.88
CA HIS B 556 -14.66 -9.17 2.45
C HIS B 556 -15.19 -9.45 1.05
N PRO B 557 -14.28 -9.84 0.14
CA PRO B 557 -14.64 -10.01 -1.27
C PRO B 557 -15.75 -11.04 -1.47
N GLN B 558 -15.73 -12.13 -0.72
CA GLN B 558 -16.74 -13.18 -0.85
C GLN B 558 -18.02 -12.95 -0.02
N THR B 559 -17.91 -12.32 1.14
CA THR B 559 -19.06 -12.23 2.03
C THR B 559 -19.63 -10.81 2.11
N GLY B 560 -18.80 -9.82 1.79
CA GLY B 560 -19.24 -8.44 1.82
C GLY B 560 -19.37 -7.92 3.23
N GLU B 561 -18.71 -8.61 4.17
CA GLU B 561 -18.71 -8.20 5.57
C GLU B 561 -17.59 -7.21 5.85
N ARG B 562 -17.89 -6.17 6.64
CA ARG B 562 -16.86 -5.31 7.18
C ARG B 562 -16.04 -6.10 8.18
N MET B 563 -14.73 -6.19 7.94
CA MET B 563 -13.88 -7.04 8.78
C MET B 563 -12.59 -6.32 9.15
N TYR B 564 -12.09 -6.55 10.36
CA TYR B 564 -10.83 -5.92 10.77
C TYR B 564 -9.69 -6.90 10.71
N ARG B 565 -8.73 -6.59 9.86
CA ARG B 565 -7.56 -7.40 9.66
C ARG B 565 -6.53 -7.11 10.75
N THR B 566 -6.44 -7.97 11.76
CA THR B 566 -5.62 -7.65 12.93
C THR B 566 -4.15 -7.67 12.56
N GLY B 567 -3.75 -8.71 11.86
CA GLY B 567 -2.35 -8.90 11.56
C GLY B 567 -1.80 -9.91 12.55
N ASP B 568 -2.68 -10.38 13.43
CA ASP B 568 -2.27 -11.37 14.41
C ASP B 568 -2.56 -12.77 13.86
N ARG B 569 -1.70 -13.71 14.24
CA ARG B 569 -1.86 -15.13 13.91
C ARG B 569 -2.43 -15.88 15.08
N ALA B 570 -3.36 -16.77 14.77
CA ALA B 570 -4.05 -17.53 15.79
C ALA B 570 -4.64 -18.76 15.18
N ARG B 571 -5.22 -19.60 16.01
CA ARG B 571 -5.96 -20.74 15.52
C ARG B 571 -7.00 -21.05 16.56
N PHE B 572 -8.03 -21.77 16.14
CA PHE B 572 -9.07 -22.25 17.04
C PHE B 572 -8.62 -23.57 17.65
N LEU B 573 -8.87 -23.72 18.94
CA LEU B 573 -8.66 -25.01 19.58
C LEU B 573 -9.97 -25.81 19.47
N PRO B 574 -9.91 -27.13 19.71
CA PRO B 574 -11.14 -27.93 19.59
C PRO B 574 -12.28 -27.49 20.51
N ASP B 575 -11.96 -26.93 21.68
CA ASP B 575 -13.02 -26.52 22.61
C ASP B 575 -13.64 -25.17 22.25
N GLY B 576 -13.17 -24.58 21.15
CA GLY B 576 -13.73 -23.33 20.68
C GLY B 576 -12.88 -22.12 21.06
N ASN B 577 -11.93 -22.33 21.96
CA ASN B 577 -11.05 -21.28 22.40
C ASN B 577 -10.04 -20.91 21.32
N ILE B 578 -9.73 -19.62 21.26
CA ILE B 578 -8.74 -19.11 20.33
C ILE B 578 -7.34 -19.07 20.95
N GLU B 579 -6.33 -19.37 20.14
CA GLU B 579 -4.97 -19.43 20.64
C GLU B 579 -4.11 -18.46 19.83
N PHE B 580 -3.57 -17.45 20.52
CA PHE B 580 -2.72 -16.43 19.92
C PHE B 580 -1.35 -17.01 19.64
N LEU B 581 -0.80 -16.73 18.47
CA LEU B 581 0.43 -17.40 18.06
C LEU B 581 1.52 -16.42 17.64
N GLY B 582 1.37 -15.17 18.06
CA GLY B 582 2.33 -14.14 17.70
C GLY B 582 1.94 -13.55 16.37
N ARG B 583 2.76 -12.65 15.84
CA ARG B 583 2.47 -12.01 14.56
C ARG B 583 3.71 -11.94 13.68
N LEU B 584 3.51 -12.01 12.36
CA LEU B 584 4.61 -11.98 11.40
C LEU B 584 5.37 -10.65 11.26
N ASP B 585 4.63 -9.54 11.15
CA ASP B 585 5.28 -8.24 10.97
C ASP B 585 6.05 -7.84 12.22
N ASN B 586 6.94 -6.87 12.10
CA ASN B 586 7.68 -6.39 13.25
C ASN B 586 6.89 -5.38 14.08
N LEU B 587 5.81 -5.84 14.66
CA LEU B 587 5.02 -5.03 15.58
C LEU B 587 5.01 -5.86 16.84
N VAL B 588 5.44 -5.27 17.95
CA VAL B 588 5.61 -6.03 19.16
C VAL B 588 4.99 -5.37 20.37
N LYS B 589 4.70 -6.19 21.39
CA LYS B 589 4.25 -5.67 22.67
C LYS B 589 5.38 -5.67 23.69
N ILE B 590 5.85 -4.47 24.03
CA ILE B 590 6.86 -4.28 25.06
C ILE B 590 6.16 -3.84 26.33
N ARG B 591 6.23 -4.71 27.34
CA ARG B 591 5.50 -4.59 28.62
C ARG B 591 4.08 -4.07 28.43
N GLY B 592 3.38 -4.65 27.46
CA GLY B 592 1.99 -4.35 27.22
C GLY B 592 1.72 -3.16 26.33
N TYR B 593 2.78 -2.47 25.92
CA TYR B 593 2.63 -1.35 24.99
C TYR B 593 2.82 -1.82 23.57
N ARG B 594 1.93 -1.40 22.68
CA ARG B 594 2.06 -1.68 21.25
C ARG B 594 3.17 -0.83 20.65
N ILE B 595 4.15 -1.47 20.02
CA ILE B 595 5.31 -0.73 19.52
C ILE B 595 5.76 -1.14 18.12
N GLU B 596 5.79 -0.16 17.21
CA GLU B 596 6.42 -0.34 15.91
C GLU B 596 7.83 0.23 15.91
N PRO B 597 8.83 -0.65 15.93
CA PRO B 597 10.25 -0.31 15.93
C PRO B 597 10.62 0.74 14.87
N GLY B 598 9.99 0.66 13.70
CA GLY B 598 10.28 1.61 12.64
C GLY B 598 9.80 3.02 12.92
N GLU B 599 9.03 3.19 14.00
CA GLU B 599 8.52 4.50 14.38
C GLU B 599 9.59 5.23 15.20
N ILE B 600 10.52 4.45 15.73
CA ILE B 600 11.58 4.95 16.60
C ILE B 600 12.89 5.21 15.86
N GLU B 601 13.21 4.34 14.91
CA GLU B 601 14.44 4.43 14.11
C GLU B 601 14.69 5.81 13.49
N PRO B 602 13.67 6.46 12.91
CA PRO B 602 13.97 7.78 12.36
C PRO B 602 14.34 8.83 13.39
N PHE B 603 13.70 8.85 14.56
CA PHE B 603 14.05 9.85 15.57
C PHE B 603 15.46 9.60 16.05
N LEU B 604 15.83 8.33 16.10
CA LEU B 604 17.18 7.94 16.48
C LEU B 604 18.13 8.43 15.41
N MET B 605 17.63 8.43 14.17
CA MET B 605 18.46 8.75 13.01
C MET B 605 18.99 10.18 13.00
N ASN B 606 18.20 11.14 13.48
CA ASN B 606 18.58 12.55 13.44
C ASN B 606 19.66 12.96 14.42
N HIS B 607 20.12 12.02 15.25
CA HIS B 607 21.24 12.29 16.15
C HIS B 607 22.49 12.56 15.35
N PRO B 608 23.20 13.65 15.69
CA PRO B 608 24.28 14.16 14.83
C PRO B 608 25.49 13.23 14.75
N LEU B 609 25.48 12.09 15.43
CA LEU B 609 26.66 11.23 15.40
C LEU B 609 26.34 9.90 14.73
N ILE B 610 25.06 9.57 14.70
CA ILE B 610 24.68 8.35 14.06
C ILE B 610 23.97 8.61 12.72
N GLU B 611 24.26 7.77 11.73
CA GLU B 611 23.70 7.82 10.39
C GLU B 611 22.88 6.54 10.02
N LEU B 612 23.05 5.47 10.78
CA LEU B 612 22.29 4.25 10.50
C LEU B 612 21.78 3.56 11.79
N THR B 613 20.46 3.31 11.85
CA THR B 613 19.83 2.67 13.02
C THR B 613 18.74 1.63 12.69
N THR B 614 18.76 0.51 13.40
CA THR B 614 17.62 -0.39 13.39
C THR B 614 17.35 -0.83 14.83
N VAL B 615 16.08 -0.92 15.18
CA VAL B 615 15.74 -1.36 16.53
C VAL B 615 14.96 -2.65 16.46
N LEU B 616 15.31 -3.57 17.35
CA LEU B 616 14.71 -4.89 17.36
C LEU B 616 14.14 -5.22 18.72
N ALA B 617 13.20 -6.16 18.73
CA ALA B 617 12.69 -6.69 19.96
C ALA B 617 13.38 -8.01 20.25
N LYS B 618 13.77 -8.20 21.51
CA LYS B 618 14.38 -9.44 21.98
C LYS B 618 13.59 -9.95 23.21
N GLU B 619 13.63 -11.25 23.45
CA GLU B 619 12.90 -11.85 24.58
C GLU B 619 13.79 -12.03 25.80
N GLN B 620 13.22 -11.93 27.01
CA GLN B 620 14.01 -12.17 28.21
C GLN B 620 13.97 -13.67 28.54
N ALA B 621 13.47 -14.46 27.59
CA ALA B 621 13.19 -15.89 27.81
C ALA B 621 12.20 -16.02 28.96
N ASP B 622 11.50 -14.92 29.23
CA ASP B 622 10.50 -14.85 30.28
C ASP B 622 9.12 -14.61 29.69
N GLY B 623 9.07 -14.59 28.35
CA GLY B 623 7.82 -14.57 27.63
C GLY B 623 7.41 -13.20 27.12
N ARG B 624 8.14 -12.17 27.53
CA ARG B 624 7.86 -10.83 27.04
C ARG B 624 9.11 -10.23 26.41
N LYS B 625 8.98 -9.06 25.82
CA LYS B 625 10.04 -8.52 24.99
C LYS B 625 10.56 -7.17 25.43
N TYR B 626 11.80 -6.88 25.07
CA TYR B 626 12.36 -5.56 25.30
C TYR B 626 12.92 -5.00 23.99
N LEU B 627 13.07 -3.68 23.94
CA LEU B 627 13.56 -3.03 22.74
C LEU B 627 15.05 -2.79 22.82
N VAL B 628 15.74 -3.10 21.75
CA VAL B 628 17.16 -2.81 21.70
C VAL B 628 17.41 -1.85 20.56
N GLY B 629 18.09 -0.74 20.86
CA GLY B 629 18.38 0.26 19.85
C GLY B 629 19.79 0.14 19.33
N TYR B 630 19.89 -0.27 18.08
CA TYR B 630 21.18 -0.47 17.44
C TYR B 630 21.48 0.77 16.61
N TYR B 631 22.68 1.30 16.77
CA TYR B 631 23.11 2.47 16.03
C TYR B 631 24.54 2.25 15.55
N VAL B 632 24.85 2.74 14.35
CA VAL B 632 26.23 2.69 13.91
C VAL B 632 26.74 4.15 14.02
N ALA B 633 27.98 4.32 14.49
CA ALA B 633 28.59 5.59 14.88
C ALA B 633 30.10 5.51 15.04
N PRO B 634 30.79 6.67 15.04
CA PRO B 634 32.24 6.69 15.27
C PRO B 634 32.60 6.03 16.59
N GLU B 635 31.95 6.48 17.66
CA GLU B 635 32.28 6.00 19.00
C GLU B 635 30.97 5.85 19.77
N GLU B 636 30.98 5.04 20.82
CA GLU B 636 29.75 4.76 21.57
C GLU B 636 29.13 6.02 22.17
N ILE B 637 27.81 6.13 22.13
CA ILE B 637 27.15 7.30 22.70
C ILE B 637 26.52 6.90 24.04
N PRO B 638 26.78 7.70 25.09
CA PRO B 638 26.33 7.41 26.46
C PRO B 638 24.83 7.17 26.56
N HIS B 639 24.44 6.10 27.23
CA HIS B 639 23.05 5.68 27.36
C HIS B 639 22.14 6.83 27.78
N GLY B 640 22.58 7.64 28.72
CA GLY B 640 21.77 8.75 29.20
C GLY B 640 21.41 9.74 28.11
N GLU B 641 22.36 10.00 27.23
CA GLU B 641 22.14 10.92 26.14
C GLU B 641 21.18 10.38 25.07
N LEU B 642 21.33 9.11 24.71
CA LEU B 642 20.42 8.53 23.72
C LEU B 642 19.03 8.57 24.30
N ARG B 643 18.93 8.21 25.58
CA ARG B 643 17.67 8.24 26.28
C ARG B 643 17.08 9.65 26.27
N GLU B 644 17.92 10.65 26.54
CA GLU B 644 17.44 12.04 26.52
C GLU B 644 17.10 12.49 25.09
N TRP B 645 17.91 12.05 24.14
CA TRP B 645 17.69 12.41 22.74
C TRP B 645 16.30 11.97 22.31
N LEU B 646 16.05 10.67 22.37
CA LEU B 646 14.73 10.12 22.02
C LEU B 646 13.63 10.75 22.85
N GLY B 647 13.96 11.02 24.11
CA GLY B 647 12.99 11.54 25.06
C GLY B 647 12.44 12.90 24.71
N ASN B 648 13.08 13.58 23.77
CA ASN B 648 12.59 14.87 23.32
C ASN B 648 11.41 14.75 22.33
N ASP B 649 11.32 13.61 21.65
CA ASP B 649 10.27 13.41 20.65
C ASP B 649 9.37 12.20 20.95
N LEU B 650 9.88 11.24 21.69
CA LEU B 650 9.10 10.04 21.93
C LEU B 650 8.70 9.88 23.39
N PRO B 651 7.54 9.27 23.61
CA PRO B 651 7.06 8.97 24.95
C PRO B 651 7.97 7.94 25.58
N ASP B 652 8.06 7.95 26.91
CA ASP B 652 9.03 7.12 27.58
C ASP B 652 8.90 5.64 27.27
N TYR B 653 7.67 5.14 27.13
CA TYR B 653 7.48 3.70 26.89
C TYR B 653 8.09 3.25 25.56
N MET B 654 8.12 4.14 24.57
CA MET B 654 8.77 3.83 23.30
C MET B 654 10.29 3.73 23.38
N ILE B 655 10.91 4.54 24.24
CA ILE B 655 12.36 4.51 24.39
C ILE B 655 12.85 3.10 24.76
N PRO B 656 13.82 2.57 23.98
CA PRO B 656 14.48 1.29 24.24
C PRO B 656 15.13 1.24 25.62
N THR B 657 15.31 0.05 26.17
CA THR B 657 15.95 -0.06 27.46
C THR B 657 17.43 -0.37 27.26
N TYR B 658 17.79 -0.75 26.02
CA TYR B 658 19.17 -1.02 25.70
C TYR B 658 19.60 -0.36 24.37
N PHE B 659 20.83 0.12 24.32
CA PHE B 659 21.40 0.66 23.09
C PHE B 659 22.70 -0.03 22.77
N VAL B 660 22.87 -0.39 21.50
CA VAL B 660 24.08 -1.09 21.10
C VAL B 660 24.83 -0.31 20.03
N HIS B 661 26.03 0.16 20.37
CA HIS B 661 26.89 0.83 19.40
C HIS B 661 27.58 -0.16 18.46
N MET B 662 27.65 0.19 17.19
CA MET B 662 28.50 -0.56 16.26
C MET B 662 29.26 0.37 15.30
N LYS B 663 30.49 0.01 14.94
CA LYS B 663 31.25 0.78 13.95
C LYS B 663 30.70 0.48 12.56
N ALA B 664 30.25 -0.76 12.35
CA ALA B 664 29.59 -1.12 11.08
C ALA B 664 28.40 -2.05 11.32
N PHE B 665 27.43 -2.00 10.41
CA PHE B 665 26.26 -2.90 10.46
C PHE B 665 26.44 -4.09 9.55
N PRO B 666 26.10 -5.29 10.05
CA PRO B 666 26.10 -6.45 9.15
C PRO B 666 25.03 -6.28 8.08
N LEU B 667 25.42 -6.57 6.85
CA LEU B 667 24.56 -6.33 5.71
C LEU B 667 24.41 -7.59 4.88
N THR B 668 23.20 -7.80 4.36
CA THR B 668 22.97 -8.89 3.44
C THR B 668 23.65 -8.60 2.10
N ALA B 669 24.13 -9.66 1.46
CA ALA B 669 24.79 -9.61 0.16
C ALA B 669 23.92 -8.91 -0.87
N ASN B 670 22.60 -9.00 -0.67
CA ASN B 670 21.64 -8.50 -1.64
C ASN B 670 21.28 -7.01 -1.53
N GLY B 671 21.80 -6.33 -0.51
CA GLY B 671 21.52 -4.91 -0.36
C GLY B 671 20.76 -4.54 0.89
N LYS B 672 20.15 -5.54 1.53
CA LYS B 672 19.42 -5.33 2.77
C LYS B 672 20.41 -5.33 3.92
N VAL B 673 19.90 -5.48 5.14
CA VAL B 673 20.75 -5.62 6.30
C VAL B 673 20.16 -6.81 7.04
N ASP B 674 21.00 -7.64 7.66
CA ASP B 674 20.45 -8.79 8.35
C ASP B 674 20.35 -8.57 9.84
N ARG B 675 19.11 -8.43 10.26
CA ARG B 675 18.77 -8.14 11.64
C ARG B 675 19.22 -9.29 12.52
N ARG B 676 19.01 -10.50 12.02
CA ARG B 676 19.43 -11.71 12.71
C ARG B 676 20.91 -11.70 13.12
N ALA B 677 21.74 -11.00 12.34
CA ALA B 677 23.17 -10.95 12.62
C ALA B 677 23.49 -10.03 13.79
N LEU B 678 22.68 -9.00 13.97
CA LEU B 678 22.89 -8.02 15.04
C LEU B 678 23.03 -8.70 16.40
N PRO B 679 24.15 -8.43 17.08
CA PRO B 679 24.55 -9.02 18.36
C PRO B 679 23.48 -8.84 19.44
N ASP B 680 23.53 -9.70 20.45
CA ASP B 680 22.56 -9.67 21.52
C ASP B 680 23.16 -8.79 22.60
N VAL B 681 22.31 -7.93 23.17
CA VAL B 681 22.65 -7.12 24.33
C VAL B 681 23.53 -7.86 25.33
N GLN B 682 24.58 -7.18 25.79
CA GLN B 682 25.46 -7.75 26.80
C GLN B 682 25.38 -6.95 28.09
N ALA B 683 24.86 -7.59 29.14
CA ALA B 683 24.54 -6.88 30.38
C ALA B 683 25.78 -6.52 31.21
N ASP B 684 26.85 -7.29 31.05
CA ASP B 684 28.00 -7.23 31.95
C ASP B 684 29.05 -6.17 31.62
N ALA B 685 29.01 -5.59 30.42
CA ALA B 685 30.00 -4.59 30.01
C ALA B 685 30.12 -3.42 31.01
N GLU B 686 31.24 -2.70 30.97
CA GLU B 686 31.39 -1.52 31.80
C GLU B 686 30.44 -0.43 31.33
N LEU B 687 30.11 0.50 32.21
CA LEU B 687 29.17 1.56 31.85
C LEU B 687 29.88 2.87 31.54
N LEU B 688 31.10 3.02 32.04
CA LEU B 688 31.84 4.27 31.90
C LEU B 688 31.02 5.44 32.41
N ASP B 691 32.40 3.69 35.50
CA ASP B 691 33.44 3.49 36.51
C ASP B 691 32.96 2.64 37.69
N TYR B 692 33.21 1.34 37.63
CA TYR B 692 32.77 0.43 38.67
C TYR B 692 33.42 0.70 40.03
N VAL B 693 32.63 0.65 41.10
CA VAL B 693 33.18 0.61 42.46
C VAL B 693 32.50 -0.50 43.24
N ALA B 694 33.27 -1.31 43.94
CA ALA B 694 32.74 -2.42 44.72
C ALA B 694 32.06 -1.91 45.99
N PRO B 695 31.04 -2.63 46.48
CA PRO B 695 30.38 -2.14 47.69
C PRO B 695 31.26 -2.26 48.94
N THR B 696 31.32 -1.19 49.72
CA THR B 696 32.17 -1.13 50.91
C THR B 696 31.47 -1.61 52.18
N ASP B 697 30.23 -1.18 52.37
CA ASP B 697 29.46 -1.49 53.58
C ASP B 697 28.70 -2.81 53.51
N GLU B 698 28.15 -3.22 54.64
CA GLU B 698 27.31 -4.40 54.72
C GLU B 698 25.96 -4.04 54.14
N LEU B 699 25.54 -2.81 54.48
CA LEU B 699 24.32 -2.20 53.99
C LEU B 699 24.36 -1.97 52.46
N GLU B 700 25.47 -1.41 51.98
CA GLU B 700 25.68 -1.27 50.54
C GLU B 700 25.61 -2.57 49.75
N GLN B 701 26.25 -3.62 50.24
CA GLN B 701 26.24 -4.87 49.50
C GLN B 701 24.84 -5.48 49.45
N GLN B 702 24.11 -5.35 50.55
CA GLN B 702 22.78 -5.93 50.63
C GLN B 702 21.77 -5.17 49.74
N LEU B 703 22.20 -4.06 49.14
CA LEU B 703 21.42 -3.45 48.07
C LEU B 703 21.88 -3.95 46.70
N ALA B 704 23.17 -4.19 46.56
CA ALA B 704 23.74 -4.61 45.27
C ALA B 704 23.22 -5.96 44.78
N GLN B 705 23.08 -6.93 45.68
CA GLN B 705 22.66 -8.27 45.26
C GLN B 705 21.20 -8.21 44.85
N VAL B 706 20.41 -7.35 45.50
CA VAL B 706 19.02 -7.16 45.12
C VAL B 706 18.93 -6.52 43.75
N TRP B 707 19.74 -5.49 43.54
CA TRP B 707 19.89 -4.86 42.24
C TRP B 707 20.38 -5.87 41.24
N SER B 708 21.29 -6.74 41.68
CA SER B 708 21.81 -7.79 40.82
C SER B 708 20.72 -8.76 40.41
N HIS B 709 19.85 -9.10 41.35
CA HIS B 709 18.74 -10.02 41.10
C HIS B 709 17.69 -9.40 40.17
N VAL B 710 17.31 -8.16 40.47
CA VAL B 710 16.24 -7.50 39.73
C VAL B 710 16.63 -7.18 38.27
N LEU B 711 17.90 -6.85 38.03
CA LEU B 711 18.34 -6.47 36.69
C LEU B 711 19.00 -7.63 35.97
N GLY B 712 19.10 -8.76 36.66
CA GLY B 712 19.75 -9.94 36.13
C GLY B 712 21.18 -9.70 35.71
N ILE B 713 21.86 -8.81 36.44
CA ILE B 713 23.25 -8.52 36.15
C ILE B 713 24.12 -8.94 37.32
N PRO B 714 25.17 -9.72 37.02
CA PRO B 714 26.10 -10.17 38.05
C PRO B 714 27.10 -9.07 38.32
N GLN B 715 27.60 -9.00 39.55
CA GLN B 715 28.63 -8.03 39.88
C GLN B 715 28.16 -6.58 39.71
N MET B 716 27.05 -6.27 40.34
CA MET B 716 26.48 -4.92 40.31
C MET B 716 27.44 -3.89 40.91
N GLY B 717 27.60 -2.77 40.22
CA GLY B 717 28.41 -1.67 40.70
C GLY B 717 27.71 -0.80 41.71
N ILE B 718 28.51 -0.17 42.58
CA ILE B 718 27.96 0.73 43.61
C ILE B 718 27.23 1.88 42.96
N ASP B 719 27.67 2.32 41.78
CA ASP B 719 27.03 3.45 41.11
C ASP B 719 26.68 3.28 39.64
N ASP B 720 26.02 2.18 39.31
CA ASP B 720 25.56 2.04 37.95
C ASP B 720 24.15 2.61 37.94
N HIS B 721 23.82 3.37 36.89
CA HIS B 721 22.49 3.94 36.79
C HIS B 721 21.54 2.77 36.57
N PHE B 722 20.40 2.82 37.23
CA PHE B 722 19.44 1.74 37.14
C PHE B 722 18.94 1.59 35.71
N LEU B 723 18.64 2.71 35.07
CA LEU B 723 18.14 2.70 33.72
C LEU B 723 19.20 2.25 32.73
N GLU B 724 20.44 2.68 32.97
CA GLU B 724 21.53 2.36 32.06
C GLU B 724 21.92 0.90 32.11
N ARG B 725 21.39 0.15 33.06
CA ARG B 725 21.67 -1.26 33.07
C ARG B 725 20.40 -2.07 32.82
N GLY B 726 19.49 -1.45 32.07
CA GLY B 726 18.30 -2.13 31.59
C GLY B 726 17.08 -2.00 32.48
N GLY B 727 17.15 -1.06 33.42
CA GLY B 727 16.06 -0.85 34.34
C GLY B 727 14.89 -0.18 33.65
N ASP B 728 13.71 -0.75 33.84
CA ASP B 728 12.46 -0.13 33.41
C ASP B 728 11.49 -0.16 34.59
N SER B 729 10.31 0.44 34.39
CA SER B 729 9.28 0.46 35.42
C SER B 729 8.97 -0.91 36.05
N ILE B 730 8.87 -1.95 35.23
CA ILE B 730 8.61 -3.27 35.79
C ILE B 730 9.74 -3.73 36.71
N LYS B 731 10.98 -3.48 36.32
CA LYS B 731 12.11 -3.86 37.17
C LYS B 731 12.11 -2.99 38.42
N VAL B 732 11.60 -1.78 38.32
CA VAL B 732 11.53 -0.90 39.49
C VAL B 732 10.54 -1.42 40.53
N MET B 733 9.33 -1.78 40.07
CA MET B 733 8.33 -2.38 40.93
C MET B 733 8.90 -3.58 41.67
N GLN B 734 9.55 -4.46 40.93
CA GLN B 734 10.17 -5.64 41.51
C GLN B 734 11.21 -5.25 42.56
N LEU B 735 11.94 -4.17 42.29
CA LEU B 735 12.95 -3.67 43.22
C LEU B 735 12.30 -3.17 44.50
N ILE B 736 11.25 -2.38 44.35
CA ILE B 736 10.44 -1.91 45.48
C ILE B 736 10.02 -3.07 46.37
N HIS B 737 9.49 -4.12 45.75
CA HIS B 737 9.00 -5.25 46.48
C HIS B 737 10.12 -6.09 47.10
N GLN B 738 11.24 -6.24 46.41
CA GLN B 738 12.34 -7.02 46.97
C GLN B 738 13.06 -6.28 48.09
N LEU B 739 12.98 -4.95 48.08
CA LEU B 739 13.55 -4.18 49.15
C LEU B 739 12.66 -4.17 50.39
N LYS B 740 11.36 -4.32 50.21
CA LYS B 740 10.51 -4.24 51.38
C LYS B 740 10.34 -5.60 52.06
N ASN B 741 10.17 -6.65 51.27
CA ASN B 741 9.90 -7.99 51.80
C ASN B 741 11.02 -8.47 52.72
N ILE B 742 12.25 -8.18 52.34
CA ILE B 742 13.39 -8.52 53.18
C ILE B 742 14.29 -7.29 53.22
N GLY B 743 13.82 -6.23 53.88
CA GLY B 743 14.60 -5.01 53.89
C GLY B 743 13.89 -3.73 54.31
N LEU B 744 14.29 -2.65 53.64
CA LEU B 744 13.82 -1.28 53.91
C LEU B 744 12.83 -0.74 52.86
N SER B 745 12.12 0.33 53.21
CA SER B 745 11.08 0.88 52.34
C SER B 745 11.62 1.90 51.35
N LEU B 746 11.18 1.80 50.09
CA LEU B 746 11.59 2.76 49.06
C LEU B 746 10.44 3.13 48.13
N ARG B 747 10.39 4.39 47.71
CA ARG B 747 9.35 4.85 46.81
C ARG B 747 9.80 4.90 45.36
N TYR B 748 8.82 4.94 44.46
CA TYR B 748 9.07 4.92 43.03
C TYR B 748 9.84 6.15 42.57
N ASP B 749 9.33 7.33 42.90
CA ASP B 749 9.96 8.58 42.46
C ASP B 749 11.38 8.73 43.02
N GLN B 750 11.55 8.27 44.26
CA GLN B 750 12.82 8.33 44.96
C GLN B 750 13.90 7.59 44.22
N LEU B 751 13.54 6.48 43.57
CA LEU B 751 14.52 5.71 42.82
C LEU B 751 15.11 6.53 41.70
N PHE B 752 14.30 7.38 41.07
CA PHE B 752 14.83 8.21 40.00
C PHE B 752 15.61 9.40 40.56
N THR B 753 15.20 9.89 41.71
CA THR B 753 15.97 10.93 42.36
C THR B 753 17.29 10.32 42.82
N HIS B 754 17.25 9.04 43.19
CA HIS B 754 18.45 8.36 43.66
C HIS B 754 18.72 7.08 42.88
N PRO B 755 19.08 7.21 41.59
CA PRO B 755 19.21 6.12 40.62
C PRO B 755 20.40 5.21 40.83
N THR B 756 21.34 5.63 41.64
CA THR B 756 22.53 4.84 41.95
C THR B 756 22.40 4.20 43.32
N ILE B 757 23.16 3.14 43.58
CA ILE B 757 23.12 2.57 44.93
C ILE B 757 23.72 3.53 45.96
N ARG B 758 24.72 4.29 45.55
CA ARG B 758 25.36 5.26 46.45
C ARG B 758 24.32 6.26 46.92
N GLN B 759 23.58 6.81 45.96
CA GLN B 759 22.49 7.73 46.29
C GLN B 759 21.36 7.07 47.06
N LEU B 760 21.06 5.82 46.72
CA LEU B 760 19.99 5.10 47.41
C LEU B 760 20.38 4.83 48.86
N LYS B 761 21.65 4.47 49.05
CA LYS B 761 22.20 4.18 50.37
C LYS B 761 22.18 5.43 51.25
N ARG B 762 22.52 6.56 50.65
CA ARG B 762 22.49 7.83 51.37
C ARG B 762 21.07 8.20 51.76
N LEU B 763 20.12 7.82 50.92
CA LEU B 763 18.70 8.11 51.16
C LEU B 763 18.14 7.30 52.31
N LEU B 764 18.57 6.06 52.43
CA LEU B 764 18.05 5.17 53.46
C LEU B 764 18.74 5.31 54.82
N THR B 765 19.83 6.06 54.87
CA THR B 765 20.48 6.36 56.15
C THR B 765 19.89 7.61 56.78
N GLU B 766 19.40 8.52 55.93
CA GLU B 766 18.87 9.80 56.39
C GLU B 766 17.50 9.65 57.05
N GLN B 767 16.69 8.74 56.53
CA GLN B 767 15.36 8.48 57.06
C GLN B 767 15.44 7.39 58.14
N ALA B 768 16.56 6.67 58.16
CA ALA B 768 16.85 5.70 59.21
C ALA B 768 17.23 6.38 60.51
N ALA B 769 17.40 7.71 60.45
CA ALA B 769 17.74 8.51 61.61
C ALA B 769 16.62 8.44 62.65
N ALA B 770 15.40 8.15 62.19
CA ALA B 770 14.26 7.97 63.08
C ALA B 770 14.25 6.56 63.66
C10 5S4 C . -1.03 -0.77 -32.78
O27 5S4 C . -2.15 -0.30 -32.62
C08 5S4 C . -0.67 -1.30 -34.15
O09 5S4 C . -1.64 -0.90 -35.09
C05 5S4 C . -0.73 -2.83 -34.16
C04 5S4 C . -2.17 -3.16 -33.82
C06 5S4 C . -0.46 -3.37 -35.58
C07 5S4 C . 0.27 -3.44 -33.19
P02 5S4 C . -2.66 -5.56 -33.40
O03 5S4 C . -2.45 -4.40 -34.44
O01 5S4 C . -1.70 -5.42 -32.24
O29 5S4 C . -4.08 -5.50 -32.88
N11 5S4 C . -0.05 -0.84 -31.70
C12 5S4 C . -0.25 -0.36 -30.34
C13 5S4 C . -0.92 1.01 -30.33
C14 5S4 C . -0.61 2.03 -29.20
O26 5S4 C . -1.05 3.15 -29.30
N18 5S4 C . 2.71 3.35 -26.47
C17 5S4 C . 1.64 3.52 -27.42
C16 5S4 C . 0.44 2.66 -27.01
N15 5S4 C . 0.17 1.65 -28.04
N24 5S4 C . 2.19 6.43 -25.68
C20 5S4 C . 3.08 5.83 -26.61
C19 5S4 C . 3.46 4.49 -26.03
O25 5S4 C . 4.35 4.41 -25.22
C21 5S4 C . 4.25 6.77 -26.77
C22 5S4 C . 3.75 7.97 -27.52
C23 5S4 C . 5.41 6.13 -27.56
C10 5S4 D . 1.48 -0.25 32.16
O27 5S4 D . 1.28 0.93 31.92
C08 5S4 D . 1.86 -0.66 33.57
O09 5S4 D . 1.71 0.41 34.47
C05 5S4 D . 3.35 -1.06 33.64
C04 5S4 D . 4.11 0.06 32.97
C06 5S4 D . 3.80 -1.13 35.12
C07 5S4 D . 3.64 -2.37 32.94
P02 5S4 D . 6.43 0.99 32.85
O03 5S4 D . 5.46 -0.17 33.28
O01 5S4 D . 6.56 1.03 31.34
O29 5S4 D . 5.86 2.29 33.33
N11 5S4 D . 1.36 -1.25 31.11
C12 5S4 D . 0.98 -1.03 29.73
C13 5S4 D . -0.20 -0.07 29.58
C14 5S4 D . -1.39 -0.43 28.64
O26 5S4 D . -2.53 -0.14 28.98
N18 5S4 D . -3.37 -3.55 26.02
C17 5S4 D . -3.15 -2.60 27.09
C16 5S4 D . -2.28 -1.47 26.51
N15 5S4 D . -1.15 -1.12 27.40
N24 5S4 D . -6.49 -2.57 26.01
C20 5S4 D . -5.81 -3.64 26.64
C19 5S4 D . -4.66 -4.09 25.75
O25 5S4 D . -4.83 -4.88 24.84
C21 5S4 D . -6.79 -4.74 26.93
C22 5S4 D . -6.09 -6.01 27.33
C23 5S4 D . -7.70 -4.25 28.06
#